data_5DQ0
# 
_entry.id   5DQ0 
# 
_audit_conform.dict_name       mmcif_pdbx.dic 
_audit_conform.dict_version    5.397 
_audit_conform.dict_location   http://mmcif.pdb.org/dictionaries/ascii/mmcif_pdbx.dic 
# 
loop_
_database_2.database_id 
_database_2.database_code 
_database_2.pdbx_database_accession 
_database_2.pdbx_DOI 
PDB   5DQ0         pdb_00005dq0 10.2210/pdb5dq0/pdb 
WWPDB D_1000213411 ?            ?                   
# 
loop_
_pdbx_audit_revision_history.ordinal 
_pdbx_audit_revision_history.data_content_type 
_pdbx_audit_revision_history.major_revision 
_pdbx_audit_revision_history.minor_revision 
_pdbx_audit_revision_history.revision_date 
1 'Structure model' 1 0 2016-09-28 
2 'Structure model' 1 1 2024-01-10 
3 'Structure model' 1 2 2024-10-23 
# 
_pdbx_audit_revision_details.ordinal             1 
_pdbx_audit_revision_details.revision_ordinal    1 
_pdbx_audit_revision_details.data_content_type   'Structure model' 
_pdbx_audit_revision_details.provider            repository 
_pdbx_audit_revision_details.type                'Initial release' 
_pdbx_audit_revision_details.description         ? 
_pdbx_audit_revision_details.details             ? 
# 
loop_
_pdbx_audit_revision_group.ordinal 
_pdbx_audit_revision_group.revision_ordinal 
_pdbx_audit_revision_group.data_content_type 
_pdbx_audit_revision_group.group 
1 2 'Structure model' 'Data collection'        
2 2 'Structure model' 'Database references'    
3 2 'Structure model' 'Derived calculations'   
4 2 'Structure model' 'Refinement description' 
5 3 'Structure model' 'Structure summary'      
# 
loop_
_pdbx_audit_revision_category.ordinal 
_pdbx_audit_revision_category.revision_ordinal 
_pdbx_audit_revision_category.data_content_type 
_pdbx_audit_revision_category.category 
1 2 'Structure model' chem_comp_atom                
2 2 'Structure model' chem_comp_bond                
3 2 'Structure model' citation                      
4 2 'Structure model' database_2                    
5 2 'Structure model' pdbx_initial_refinement_model 
6 2 'Structure model' pdbx_struct_conn_angle        
7 2 'Structure model' struct_conn                   
8 3 'Structure model' pdbx_entry_details            
9 3 'Structure model' pdbx_modification_feature     
# 
loop_
_pdbx_audit_revision_item.ordinal 
_pdbx_audit_revision_item.revision_ordinal 
_pdbx_audit_revision_item.data_content_type 
_pdbx_audit_revision_item.item 
1  2 'Structure model' '_citation.title'                             
2  2 'Structure model' '_database_2.pdbx_DOI'                        
3  2 'Structure model' '_database_2.pdbx_database_accession'         
4  2 'Structure model' '_pdbx_struct_conn_angle.ptnr1_auth_comp_id'  
5  2 'Structure model' '_pdbx_struct_conn_angle.ptnr1_auth_seq_id'   
6  2 'Structure model' '_pdbx_struct_conn_angle.ptnr1_label_alt_id'  
7  2 'Structure model' '_pdbx_struct_conn_angle.ptnr1_label_asym_id' 
8  2 'Structure model' '_pdbx_struct_conn_angle.ptnr1_label_atom_id' 
9  2 'Structure model' '_pdbx_struct_conn_angle.ptnr1_label_comp_id' 
10 2 'Structure model' '_pdbx_struct_conn_angle.ptnr1_label_seq_id'  
11 2 'Structure model' '_pdbx_struct_conn_angle.ptnr2_symmetry'      
12 2 'Structure model' '_pdbx_struct_conn_angle.ptnr3_auth_comp_id'  
13 2 'Structure model' '_pdbx_struct_conn_angle.ptnr3_auth_seq_id'   
14 2 'Structure model' '_pdbx_struct_conn_angle.ptnr3_label_alt_id'  
15 2 'Structure model' '_pdbx_struct_conn_angle.ptnr3_label_asym_id' 
16 2 'Structure model' '_pdbx_struct_conn_angle.ptnr3_label_atom_id' 
17 2 'Structure model' '_pdbx_struct_conn_angle.ptnr3_label_comp_id' 
18 2 'Structure model' '_pdbx_struct_conn_angle.ptnr3_label_seq_id'  
19 2 'Structure model' '_pdbx_struct_conn_angle.value'               
20 2 'Structure model' '_struct_conn.pdbx_dist_value'                
21 2 'Structure model' '_struct_conn.pdbx_ptnr1_label_alt_id'        
22 2 'Structure model' '_struct_conn.ptnr1_auth_comp_id'             
23 2 'Structure model' '_struct_conn.ptnr1_auth_seq_id'              
24 2 'Structure model' '_struct_conn.ptnr1_label_asym_id'            
25 2 'Structure model' '_struct_conn.ptnr1_label_atom_id'            
26 2 'Structure model' '_struct_conn.ptnr1_label_comp_id'            
27 2 'Structure model' '_struct_conn.ptnr1_label_seq_id'             
28 2 'Structure model' '_struct_conn.ptnr2_auth_comp_id'             
29 2 'Structure model' '_struct_conn.ptnr2_auth_seq_id'              
30 2 'Structure model' '_struct_conn.ptnr2_label_asym_id'            
31 2 'Structure model' '_struct_conn.ptnr2_label_atom_id'            
32 2 'Structure model' '_struct_conn.ptnr2_label_comp_id'            
33 2 'Structure model' '_struct_conn.ptnr2_symmetry'                 
# 
_pdbx_database_status.status_code                     REL 
_pdbx_database_status.status_code_sf                  REL 
_pdbx_database_status.status_code_mr                  ? 
_pdbx_database_status.entry_id                        5DQ0 
_pdbx_database_status.recvd_initial_deposition_date   2015-09-14 
_pdbx_database_status.SG_entry                        N 
_pdbx_database_status.deposit_site                    RCSB 
_pdbx_database_status.process_site                    PDBE 
_pdbx_database_status.status_code_cs                  ? 
_pdbx_database_status.methods_development_category    ? 
_pdbx_database_status.pdb_format_compatible           Y 
_pdbx_database_status.status_code_nmr_data            ? 
# 
loop_
_audit_author.name 
_audit_author.pdbx_ordinal 
'Tsai, Y.I.'     1 
'Rana, R.R.'     2 
'Zachary, I.'    3 
'Djordjevic, S.' 4 
# 
_citation.abstract                  ? 
_citation.abstract_id_CAS           ? 
_citation.book_id_ISBN              ? 
_citation.book_publisher            ? 
_citation.book_publisher_city       ? 
_citation.book_title                ? 
_citation.coordinate_linkage        ? 
_citation.country                   ? 
_citation.database_id_Medline       ? 
_citation.details                   ? 
_citation.id                        primary 
_citation.journal_abbrev            'To Be Published' 
_citation.journal_id_ASTM           ? 
_citation.journal_id_CSD            0353 
_citation.journal_id_ISSN           ? 
_citation.journal_full              ? 
_citation.journal_issue             ? 
_citation.journal_volume            ? 
_citation.language                  ? 
_citation.page_first                ? 
_citation.page_last                 ? 
_citation.title                     'Structure of human neuropilin-2 b1 domain with novel and unique zinc binding site' 
_citation.year                      ? 
_citation.database_id_CSD           ? 
_citation.pdbx_database_id_DOI      ? 
_citation.pdbx_database_id_PubMed   ? 
_citation.unpublished_flag          ? 
# 
loop_
_citation_author.citation_id 
_citation_author.name 
_citation_author.ordinal 
_citation_author.identifier_ORCID 
primary 'Tsai, Y.I.'     1 ? 
primary 'Frankel, P.'    2 ? 
primary 'Rana, R.R.'     3 ? 
primary 'Fotinou, C.'    4 ? 
primary 'Yelland, T.S.'  5 ? 
primary 'Zachary, I.'    6 ? 
primary 'Djordjevic, S.' 7 ? 
# 
loop_
_entity.id 
_entity.type 
_entity.src_method 
_entity.pdbx_description 
_entity.formula_weight 
_entity.pdbx_number_of_molecules 
_entity.pdbx_ec 
_entity.pdbx_mutation 
_entity.pdbx_fragment 
_entity.details 
1 polymer     man Neuropilin-2                           18368.584 1   ? ? 'b1 domain, UNP residues 475-430' ? 
2 non-polymer syn 'ZINC ION'                             65.409    3   ? ? ?                                 ? 
3 non-polymer syn 'CHLORIDE ION'                         35.453    2   ? ? ?                                 ? 
4 non-polymer syn 1,2-ETHANEDIOL                         62.068    2   ? ? ?                                 ? 
5 non-polymer syn '2-(N-MORPHOLINO)-ETHANESULFONIC ACID' 195.237   1   ? ? ?                                 ? 
6 water       nat water                                  18.015    138 ? ? ?                                 ? 
# 
_entity_name_com.entity_id   1 
_entity_name_com.name        'Vascular endothelial cell growth factor 165 receptor 2' 
# 
_entity_poly.entity_id                      1 
_entity_poly.type                           'polypeptide(L)' 
_entity_poly.nstd_linkage                   no 
_entity_poly.nstd_monomer                   no 
_entity_poly.pdbx_seq_one_letter_code       
;GHMFQCNVPLGMESGRIANEQISASSTYSDGRWTPQQSRLHGDDNGWTPNLDSNKEYLQVDLRFLTMLTAIATQGAISRE
TQNGYYVKSYKLEVSTNGEDWMVYRHGKNHKVFQANNDATEVVLNKLHAPLLTRFVRIRPQTWHSGIALRLELFGCRVTS
GS
;
_entity_poly.pdbx_seq_one_letter_code_can   
;GHMFQCNVPLGMESGRIANEQISASSTYSDGRWTPQQSRLHGDDNGWTPNLDSNKEYLQVDLRFLTMLTAIATQGAISRE
TQNGYYVKSYKLEVSTNGEDWMVYRHGKNHKVFQANNDATEVVLNKLHAPLLTRFVRIRPQTWHSGIALRLELFGCRVTS
GS
;
_entity_poly.pdbx_strand_id                 A 
_entity_poly.pdbx_target_identifier         ? 
# 
loop_
_pdbx_entity_nonpoly.entity_id 
_pdbx_entity_nonpoly.name 
_pdbx_entity_nonpoly.comp_id 
2 'ZINC ION'                             ZN  
3 'CHLORIDE ION'                         CL  
4 1,2-ETHANEDIOL                         EDO 
5 '2-(N-MORPHOLINO)-ETHANESULFONIC ACID' MES 
6 water                                  HOH 
# 
loop_
_entity_poly_seq.entity_id 
_entity_poly_seq.num 
_entity_poly_seq.mon_id 
_entity_poly_seq.hetero 
1 1   GLY n 
1 2   HIS n 
1 3   MET n 
1 4   PHE n 
1 5   GLN n 
1 6   CYS n 
1 7   ASN n 
1 8   VAL n 
1 9   PRO n 
1 10  LEU n 
1 11  GLY n 
1 12  MET n 
1 13  GLU n 
1 14  SER n 
1 15  GLY n 
1 16  ARG n 
1 17  ILE n 
1 18  ALA n 
1 19  ASN n 
1 20  GLU n 
1 21  GLN n 
1 22  ILE n 
1 23  SER n 
1 24  ALA n 
1 25  SER n 
1 26  SER n 
1 27  THR n 
1 28  TYR n 
1 29  SER n 
1 30  ASP n 
1 31  GLY n 
1 32  ARG n 
1 33  TRP n 
1 34  THR n 
1 35  PRO n 
1 36  GLN n 
1 37  GLN n 
1 38  SER n 
1 39  ARG n 
1 40  LEU n 
1 41  HIS n 
1 42  GLY n 
1 43  ASP n 
1 44  ASP n 
1 45  ASN n 
1 46  GLY n 
1 47  TRP n 
1 48  THR n 
1 49  PRO n 
1 50  ASN n 
1 51  LEU n 
1 52  ASP n 
1 53  SER n 
1 54  ASN n 
1 55  LYS n 
1 56  GLU n 
1 57  TYR n 
1 58  LEU n 
1 59  GLN n 
1 60  VAL n 
1 61  ASP n 
1 62  LEU n 
1 63  ARG n 
1 64  PHE n 
1 65  LEU n 
1 66  THR n 
1 67  MET n 
1 68  LEU n 
1 69  THR n 
1 70  ALA n 
1 71  ILE n 
1 72  ALA n 
1 73  THR n 
1 74  GLN n 
1 75  GLY n 
1 76  ALA n 
1 77  ILE n 
1 78  SER n 
1 79  ARG n 
1 80  GLU n 
1 81  THR n 
1 82  GLN n 
1 83  ASN n 
1 84  GLY n 
1 85  TYR n 
1 86  TYR n 
1 87  VAL n 
1 88  LYS n 
1 89  SER n 
1 90  TYR n 
1 91  LYS n 
1 92  LEU n 
1 93  GLU n 
1 94  VAL n 
1 95  SER n 
1 96  THR n 
1 97  ASN n 
1 98  GLY n 
1 99  GLU n 
1 100 ASP n 
1 101 TRP n 
1 102 MET n 
1 103 VAL n 
1 104 TYR n 
1 105 ARG n 
1 106 HIS n 
1 107 GLY n 
1 108 LYS n 
1 109 ASN n 
1 110 HIS n 
1 111 LYS n 
1 112 VAL n 
1 113 PHE n 
1 114 GLN n 
1 115 ALA n 
1 116 ASN n 
1 117 ASN n 
1 118 ASP n 
1 119 ALA n 
1 120 THR n 
1 121 GLU n 
1 122 VAL n 
1 123 VAL n 
1 124 LEU n 
1 125 ASN n 
1 126 LYS n 
1 127 LEU n 
1 128 HIS n 
1 129 ALA n 
1 130 PRO n 
1 131 LEU n 
1 132 LEU n 
1 133 THR n 
1 134 ARG n 
1 135 PHE n 
1 136 VAL n 
1 137 ARG n 
1 138 ILE n 
1 139 ARG n 
1 140 PRO n 
1 141 GLN n 
1 142 THR n 
1 143 TRP n 
1 144 HIS n 
1 145 SER n 
1 146 GLY n 
1 147 ILE n 
1 148 ALA n 
1 149 LEU n 
1 150 ARG n 
1 151 LEU n 
1 152 GLU n 
1 153 LEU n 
1 154 PHE n 
1 155 GLY n 
1 156 CYS n 
1 157 ARG n 
1 158 VAL n 
1 159 THR n 
1 160 SER n 
1 161 GLY n 
1 162 SER n 
# 
_entity_src_gen.entity_id                          1 
_entity_src_gen.pdbx_src_id                        1 
_entity_src_gen.pdbx_alt_source_flag               sample 
_entity_src_gen.pdbx_seq_type                      'Biological sequence' 
_entity_src_gen.pdbx_beg_seq_num                   1 
_entity_src_gen.pdbx_end_seq_num                   162 
_entity_src_gen.gene_src_common_name               Human 
_entity_src_gen.gene_src_genus                     ? 
_entity_src_gen.pdbx_gene_src_gene                 'NRP2, VEGF165R2' 
_entity_src_gen.gene_src_species                   ? 
_entity_src_gen.gene_src_strain                    ? 
_entity_src_gen.gene_src_tissue                    ? 
_entity_src_gen.gene_src_tissue_fraction           ? 
_entity_src_gen.gene_src_details                   ? 
_entity_src_gen.pdbx_gene_src_fragment             ? 
_entity_src_gen.pdbx_gene_src_scientific_name      'Homo sapiens' 
_entity_src_gen.pdbx_gene_src_ncbi_taxonomy_id     9606 
_entity_src_gen.pdbx_gene_src_variant              ? 
_entity_src_gen.pdbx_gene_src_cell_line            ? 
_entity_src_gen.pdbx_gene_src_atcc                 ? 
_entity_src_gen.pdbx_gene_src_organ                ? 
_entity_src_gen.pdbx_gene_src_organelle            ? 
_entity_src_gen.pdbx_gene_src_cell                 ? 
_entity_src_gen.pdbx_gene_src_cellular_location    ? 
_entity_src_gen.host_org_common_name               ? 
_entity_src_gen.pdbx_host_org_scientific_name      'Escherichia coli' 
_entity_src_gen.pdbx_host_org_ncbi_taxonomy_id     562 
_entity_src_gen.host_org_genus                     ? 
_entity_src_gen.pdbx_host_org_gene                 ? 
_entity_src_gen.pdbx_host_org_organ                ? 
_entity_src_gen.host_org_species                   ? 
_entity_src_gen.pdbx_host_org_tissue               ? 
_entity_src_gen.pdbx_host_org_tissue_fraction      ? 
_entity_src_gen.pdbx_host_org_strain               ? 
_entity_src_gen.pdbx_host_org_variant              ? 
_entity_src_gen.pdbx_host_org_cell_line            ? 
_entity_src_gen.pdbx_host_org_atcc                 ? 
_entity_src_gen.pdbx_host_org_culture_collection   ? 
_entity_src_gen.pdbx_host_org_cell                 ? 
_entity_src_gen.pdbx_host_org_organelle            ? 
_entity_src_gen.pdbx_host_org_cellular_location    ? 
_entity_src_gen.pdbx_host_org_vector_type          Plasmid 
_entity_src_gen.pdbx_host_org_vector               ? 
_entity_src_gen.host_org_details                   ? 
_entity_src_gen.expression_system_id               ? 
_entity_src_gen.plasmid_name                       pET15b-TEV 
_entity_src_gen.plasmid_details                    ? 
_entity_src_gen.pdbx_description                   ? 
# 
loop_
_chem_comp.id 
_chem_comp.type 
_chem_comp.mon_nstd_flag 
_chem_comp.name 
_chem_comp.pdbx_synonyms 
_chem_comp.formula 
_chem_comp.formula_weight 
ALA 'L-peptide linking' y ALANINE                                ?                 'C3 H7 N O2'     89.093  
ARG 'L-peptide linking' y ARGININE                               ?                 'C6 H15 N4 O2 1' 175.209 
ASN 'L-peptide linking' y ASPARAGINE                             ?                 'C4 H8 N2 O3'    132.118 
ASP 'L-peptide linking' y 'ASPARTIC ACID'                        ?                 'C4 H7 N O4'     133.103 
CL  non-polymer         . 'CHLORIDE ION'                         ?                 'Cl -1'          35.453  
CYS 'L-peptide linking' y CYSTEINE                               ?                 'C3 H7 N O2 S'   121.158 
EDO non-polymer         . 1,2-ETHANEDIOL                         'ETHYLENE GLYCOL' 'C2 H6 O2'       62.068  
GLN 'L-peptide linking' y GLUTAMINE                              ?                 'C5 H10 N2 O3'   146.144 
GLU 'L-peptide linking' y 'GLUTAMIC ACID'                        ?                 'C5 H9 N O4'     147.129 
GLY 'peptide linking'   y GLYCINE                                ?                 'C2 H5 N O2'     75.067  
HIS 'L-peptide linking' y HISTIDINE                              ?                 'C6 H10 N3 O2 1' 156.162 
HOH non-polymer         . WATER                                  ?                 'H2 O'           18.015  
ILE 'L-peptide linking' y ISOLEUCINE                             ?                 'C6 H13 N O2'    131.173 
LEU 'L-peptide linking' y LEUCINE                                ?                 'C6 H13 N O2'    131.173 
LYS 'L-peptide linking' y LYSINE                                 ?                 'C6 H15 N2 O2 1' 147.195 
MES non-polymer         . '2-(N-MORPHOLINO)-ETHANESULFONIC ACID' ?                 'C6 H13 N O4 S'  195.237 
MET 'L-peptide linking' y METHIONINE                             ?                 'C5 H11 N O2 S'  149.211 
PHE 'L-peptide linking' y PHENYLALANINE                          ?                 'C9 H11 N O2'    165.189 
PRO 'L-peptide linking' y PROLINE                                ?                 'C5 H9 N O2'     115.130 
SER 'L-peptide linking' y SERINE                                 ?                 'C3 H7 N O3'     105.093 
THR 'L-peptide linking' y THREONINE                              ?                 'C4 H9 N O3'     119.119 
TRP 'L-peptide linking' y TRYPTOPHAN                             ?                 'C11 H12 N2 O2'  204.225 
TYR 'L-peptide linking' y TYROSINE                               ?                 'C9 H11 N O3'    181.189 
VAL 'L-peptide linking' y VALINE                                 ?                 'C5 H11 N O2'    117.146 
ZN  non-polymer         . 'ZINC ION'                             ?                 'Zn 2'           65.409  
# 
loop_
_pdbx_poly_seq_scheme.asym_id 
_pdbx_poly_seq_scheme.entity_id 
_pdbx_poly_seq_scheme.seq_id 
_pdbx_poly_seq_scheme.mon_id 
_pdbx_poly_seq_scheme.ndb_seq_num 
_pdbx_poly_seq_scheme.pdb_seq_num 
_pdbx_poly_seq_scheme.auth_seq_num 
_pdbx_poly_seq_scheme.pdb_mon_id 
_pdbx_poly_seq_scheme.auth_mon_id 
_pdbx_poly_seq_scheme.pdb_strand_id 
_pdbx_poly_seq_scheme.pdb_ins_code 
_pdbx_poly_seq_scheme.hetero 
A 1 1   GLY 1   272 ?   ?   ?   A . n 
A 1 2   HIS 2   273 ?   ?   ?   A . n 
A 1 3   MET 3   274 ?   ?   ?   A . n 
A 1 4   PHE 4   275 ?   ?   ?   A . n 
A 1 5   GLN 5   276 ?   ?   ?   A . n 
A 1 6   CYS 6   277 277 CYS CYS A . n 
A 1 7   ASN 7   278 278 ASN ASN A . n 
A 1 8   VAL 8   279 279 VAL VAL A . n 
A 1 9   PRO 9   280 280 PRO PRO A . n 
A 1 10  LEU 10  281 281 LEU LEU A . n 
A 1 11  GLY 11  282 282 GLY GLY A . n 
A 1 12  MET 12  283 283 MET MET A . n 
A 1 13  GLU 13  284 284 GLU GLU A . n 
A 1 14  SER 14  285 285 SER SER A . n 
A 1 15  GLY 15  286 286 GLY GLY A . n 
A 1 16  ARG 16  287 287 ARG ARG A . n 
A 1 17  ILE 17  288 288 ILE ILE A . n 
A 1 18  ALA 18  289 289 ALA ALA A . n 
A 1 19  ASN 19  290 290 ASN ASN A . n 
A 1 20  GLU 20  291 291 GLU GLU A . n 
A 1 21  GLN 21  292 292 GLN GLN A . n 
A 1 22  ILE 22  293 293 ILE ILE A . n 
A 1 23  SER 23  294 294 SER SER A . n 
A 1 24  ALA 24  295 295 ALA ALA A . n 
A 1 25  SER 25  296 296 SER SER A . n 
A 1 26  SER 26  297 297 SER SER A . n 
A 1 27  THR 27  298 298 THR THR A . n 
A 1 28  TYR 28  299 299 TYR TYR A . n 
A 1 29  SER 29  300 300 SER SER A . n 
A 1 30  ASP 30  301 301 ASP ASP A . n 
A 1 31  GLY 31  302 302 GLY GLY A . n 
A 1 32  ARG 32  303 303 ARG ARG A . n 
A 1 33  TRP 33  304 304 TRP TRP A . n 
A 1 34  THR 34  305 305 THR THR A . n 
A 1 35  PRO 35  306 306 PRO PRO A . n 
A 1 36  GLN 36  307 307 GLN GLN A . n 
A 1 37  GLN 37  308 308 GLN GLN A . n 
A 1 38  SER 38  309 309 SER SER A . n 
A 1 39  ARG 39  310 310 ARG ARG A . n 
A 1 40  LEU 40  311 311 LEU LEU A . n 
A 1 41  HIS 41  312 312 HIS HIS A . n 
A 1 42  GLY 42  313 313 GLY GLY A . n 
A 1 43  ASP 43  314 314 ASP ASP A . n 
A 1 44  ASP 44  315 315 ASP ASP A . n 
A 1 45  ASN 45  316 316 ASN ASN A . n 
A 1 46  GLY 46  317 317 GLY GLY A . n 
A 1 47  TRP 47  318 318 TRP TRP A . n 
A 1 48  THR 48  319 319 THR THR A . n 
A 1 49  PRO 49  320 320 PRO PRO A . n 
A 1 50  ASN 50  321 321 ASN ASN A . n 
A 1 51  LEU 51  322 322 LEU LEU A . n 
A 1 52  ASP 52  323 323 ASP ASP A . n 
A 1 53  SER 53  324 324 SER SER A . n 
A 1 54  ASN 54  325 325 ASN ASN A . n 
A 1 55  LYS 55  326 326 LYS LYS A . n 
A 1 56  GLU 56  327 327 GLU GLU A . n 
A 1 57  TYR 57  328 328 TYR TYR A . n 
A 1 58  LEU 58  329 329 LEU LEU A . n 
A 1 59  GLN 59  330 330 GLN GLN A . n 
A 1 60  VAL 60  331 331 VAL VAL A . n 
A 1 61  ASP 61  332 332 ASP ASP A . n 
A 1 62  LEU 62  333 333 LEU LEU A . n 
A 1 63  ARG 63  334 334 ARG ARG A . n 
A 1 64  PHE 64  335 335 PHE PHE A . n 
A 1 65  LEU 65  336 336 LEU LEU A . n 
A 1 66  THR 66  337 337 THR THR A . n 
A 1 67  MET 67  338 338 MET MET A . n 
A 1 68  LEU 68  339 339 LEU LEU A . n 
A 1 69  THR 69  340 340 THR THR A . n 
A 1 70  ALA 70  341 341 ALA ALA A . n 
A 1 71  ILE 71  342 342 ILE ILE A . n 
A 1 72  ALA 72  343 343 ALA ALA A . n 
A 1 73  THR 73  344 344 THR THR A . n 
A 1 74  GLN 74  345 345 GLN GLN A . n 
A 1 75  GLY 75  346 346 GLY GLY A . n 
A 1 76  ALA 76  347 347 ALA ALA A . n 
A 1 77  ILE 77  348 348 ILE ILE A . n 
A 1 78  SER 78  349 349 SER SER A . n 
A 1 79  ARG 79  350 350 ARG ARG A . n 
A 1 80  GLU 80  351 351 GLU GLU A . n 
A 1 81  THR 81  352 352 THR THR A . n 
A 1 82  GLN 82  353 353 GLN GLN A . n 
A 1 83  ASN 83  354 354 ASN ASN A . n 
A 1 84  GLY 84  355 355 GLY GLY A . n 
A 1 85  TYR 85  356 356 TYR TYR A . n 
A 1 86  TYR 86  357 357 TYR TYR A . n 
A 1 87  VAL 87  358 358 VAL VAL A . n 
A 1 88  LYS 88  359 359 LYS LYS A . n 
A 1 89  SER 89  360 360 SER SER A . n 
A 1 90  TYR 90  361 361 TYR TYR A . n 
A 1 91  LYS 91  362 362 LYS LYS A . n 
A 1 92  LEU 92  363 363 LEU LEU A . n 
A 1 93  GLU 93  364 364 GLU GLU A . n 
A 1 94  VAL 94  365 365 VAL VAL A . n 
A 1 95  SER 95  366 366 SER SER A . n 
A 1 96  THR 96  367 367 THR THR A . n 
A 1 97  ASN 97  368 368 ASN ASN A . n 
A 1 98  GLY 98  369 369 GLY GLY A . n 
A 1 99  GLU 99  370 370 GLU GLU A . n 
A 1 100 ASP 100 371 371 ASP ASP A . n 
A 1 101 TRP 101 372 372 TRP TRP A . n 
A 1 102 MET 102 373 373 MET MET A . n 
A 1 103 VAL 103 374 374 VAL VAL A . n 
A 1 104 TYR 104 375 375 TYR TYR A . n 
A 1 105 ARG 105 376 376 ARG ARG A . n 
A 1 106 HIS 106 377 377 HIS HIS A . n 
A 1 107 GLY 107 378 378 GLY GLY A . n 
A 1 108 LYS 108 379 379 LYS LYS A . n 
A 1 109 ASN 109 380 380 ASN ASN A . n 
A 1 110 HIS 110 381 381 HIS HIS A . n 
A 1 111 LYS 111 382 382 LYS LYS A . n 
A 1 112 VAL 112 383 383 VAL VAL A . n 
A 1 113 PHE 113 384 384 PHE PHE A . n 
A 1 114 GLN 114 385 385 GLN GLN A . n 
A 1 115 ALA 115 386 386 ALA ALA A . n 
A 1 116 ASN 116 387 387 ASN ASN A . n 
A 1 117 ASN 117 388 388 ASN ASN A . n 
A 1 118 ASP 118 389 389 ASP ASP A . n 
A 1 119 ALA 119 390 390 ALA ALA A . n 
A 1 120 THR 120 391 391 THR THR A . n 
A 1 121 GLU 121 392 392 GLU GLU A . n 
A 1 122 VAL 122 393 393 VAL VAL A . n 
A 1 123 VAL 123 394 394 VAL VAL A . n 
A 1 124 LEU 124 395 395 LEU LEU A . n 
A 1 125 ASN 125 396 396 ASN ASN A . n 
A 1 126 LYS 126 397 397 LYS LYS A . n 
A 1 127 LEU 127 398 398 LEU LEU A . n 
A 1 128 HIS 128 399 399 HIS HIS A . n 
A 1 129 ALA 129 400 400 ALA ALA A . n 
A 1 130 PRO 130 401 401 PRO PRO A . n 
A 1 131 LEU 131 402 402 LEU LEU A . n 
A 1 132 LEU 132 403 403 LEU LEU A . n 
A 1 133 THR 133 404 404 THR THR A . n 
A 1 134 ARG 134 405 405 ARG ARG A . n 
A 1 135 PHE 135 406 406 PHE PHE A . n 
A 1 136 VAL 136 407 407 VAL VAL A . n 
A 1 137 ARG 137 408 408 ARG ARG A . n 
A 1 138 ILE 138 409 409 ILE ILE A . n 
A 1 139 ARG 139 410 410 ARG ARG A . n 
A 1 140 PRO 140 411 411 PRO PRO A . n 
A 1 141 GLN 141 412 412 GLN GLN A . n 
A 1 142 THR 142 413 413 THR THR A . n 
A 1 143 TRP 143 414 414 TRP TRP A . n 
A 1 144 HIS 144 415 415 HIS HIS A . n 
A 1 145 SER 145 416 416 SER SER A . n 
A 1 146 GLY 146 417 417 GLY GLY A . n 
A 1 147 ILE 147 418 418 ILE ILE A . n 
A 1 148 ALA 148 419 419 ALA ALA A . n 
A 1 149 LEU 149 420 420 LEU LEU A . n 
A 1 150 ARG 150 421 421 ARG ARG A . n 
A 1 151 LEU 151 422 422 LEU LEU A . n 
A 1 152 GLU 152 423 423 GLU GLU A . n 
A 1 153 LEU 153 424 424 LEU LEU A . n 
A 1 154 PHE 154 425 425 PHE PHE A . n 
A 1 155 GLY 155 426 426 GLY GLY A . n 
A 1 156 CYS 156 427 427 CYS CYS A . n 
A 1 157 ARG 157 428 428 ARG ARG A . n 
A 1 158 VAL 158 429 429 VAL VAL A . n 
A 1 159 THR 159 430 430 THR THR A . n 
A 1 160 SER 160 431 431 SER SER A . n 
A 1 161 GLY 161 432 432 GLY GLY A . n 
A 1 162 SER 162 433 433 SER SER A . n 
# 
loop_
_pdbx_nonpoly_scheme.asym_id 
_pdbx_nonpoly_scheme.entity_id 
_pdbx_nonpoly_scheme.mon_id 
_pdbx_nonpoly_scheme.ndb_seq_num 
_pdbx_nonpoly_scheme.pdb_seq_num 
_pdbx_nonpoly_scheme.auth_seq_num 
_pdbx_nonpoly_scheme.pdb_mon_id 
_pdbx_nonpoly_scheme.auth_mon_id 
_pdbx_nonpoly_scheme.pdb_strand_id 
_pdbx_nonpoly_scheme.pdb_ins_code 
B 2 ZN  1   501 1   ZN  ZN  A . 
C 2 ZN  1   502 2   ZN  ZN  A . 
D 2 ZN  1   503 3   ZN  ZN  A . 
E 3 CL  1   504 4   CL  CL  A . 
F 3 CL  1   505 1   CL  CL  A . 
G 4 EDO 1   506 1   EDO EDO A . 
H 4 EDO 1   507 2   EDO EDO A . 
I 5 MES 1   508 1   MES MES A . 
J 6 HOH 1   601 106 HOH HOH A . 
J 6 HOH 2   602 193 HOH HOH A . 
J 6 HOH 3   603 164 HOH HOH A . 
J 6 HOH 4   604 18  HOH HOH A . 
J 6 HOH 5   605 185 HOH HOH A . 
J 6 HOH 6   606 54  HOH HOH A . 
J 6 HOH 7   607 43  HOH HOH A . 
J 6 HOH 8   608 126 HOH HOH A . 
J 6 HOH 9   609 29  HOH HOH A . 
J 6 HOH 10  610 121 HOH HOH A . 
J 6 HOH 11  611 172 HOH HOH A . 
J 6 HOH 12  612 141 HOH HOH A . 
J 6 HOH 13  613 157 HOH HOH A . 
J 6 HOH 14  614 3   HOH HOH A . 
J 6 HOH 15  615 136 HOH HOH A . 
J 6 HOH 16  616 119 HOH HOH A . 
J 6 HOH 17  617 228 HOH HOH A . 
J 6 HOH 18  618 47  HOH HOH A . 
J 6 HOH 19  619 28  HOH HOH A . 
J 6 HOH 20  620 202 HOH HOH A . 
J 6 HOH 21  621 9   HOH HOH A . 
J 6 HOH 22  622 139 HOH HOH A . 
J 6 HOH 23  623 135 HOH HOH A . 
J 6 HOH 24  624 226 HOH HOH A . 
J 6 HOH 25  625 170 HOH HOH A . 
J 6 HOH 26  626 148 HOH HOH A . 
J 6 HOH 27  627 163 HOH HOH A . 
J 6 HOH 28  628 33  HOH HOH A . 
J 6 HOH 29  629 177 HOH HOH A . 
J 6 HOH 30  630 42  HOH HOH A . 
J 6 HOH 31  631 48  HOH HOH A . 
J 6 HOH 32  632 11  HOH HOH A . 
J 6 HOH 33  633 117 HOH HOH A . 
J 6 HOH 34  634 64  HOH HOH A . 
J 6 HOH 35  635 161 HOH HOH A . 
J 6 HOH 36  636 225 HOH HOH A . 
J 6 HOH 37  637 153 HOH HOH A . 
J 6 HOH 38  638 224 HOH HOH A . 
J 6 HOH 39  639 130 HOH HOH A . 
J 6 HOH 40  640 155 HOH HOH A . 
J 6 HOH 41  641 21  HOH HOH A . 
J 6 HOH 42  642 158 HOH HOH A . 
J 6 HOH 43  643 160 HOH HOH A . 
J 6 HOH 44  644 1   HOH HOH A . 
J 6 HOH 45  645 50  HOH HOH A . 
J 6 HOH 46  646 41  HOH HOH A . 
J 6 HOH 47  647 62  HOH HOH A . 
J 6 HOH 48  648 20  HOH HOH A . 
J 6 HOH 49  649 17  HOH HOH A . 
J 6 HOH 50  650 154 HOH HOH A . 
J 6 HOH 51  651 34  HOH HOH A . 
J 6 HOH 52  652 14  HOH HOH A . 
J 6 HOH 53  653 104 HOH HOH A . 
J 6 HOH 54  654 31  HOH HOH A . 
J 6 HOH 55  655 25  HOH HOH A . 
J 6 HOH 56  656 156 HOH HOH A . 
J 6 HOH 57  657 179 HOH HOH A . 
J 6 HOH 58  658 127 HOH HOH A . 
J 6 HOH 59  659 68  HOH HOH A . 
J 6 HOH 60  660 57  HOH HOH A . 
J 6 HOH 61  661 82  HOH HOH A . 
J 6 HOH 62  662 38  HOH HOH A . 
J 6 HOH 63  663 46  HOH HOH A . 
J 6 HOH 64  664 167 HOH HOH A . 
J 6 HOH 65  665 26  HOH HOH A . 
J 6 HOH 66  666 60  HOH HOH A . 
J 6 HOH 67  667 105 HOH HOH A . 
J 6 HOH 68  668 66  HOH HOH A . 
J 6 HOH 69  669 39  HOH HOH A . 
J 6 HOH 70  670 51  HOH HOH A . 
J 6 HOH 71  671 37  HOH HOH A . 
J 6 HOH 72  672 40  HOH HOH A . 
J 6 HOH 73  673 115 HOH HOH A . 
J 6 HOH 74  674 229 HOH HOH A . 
J 6 HOH 75  675 10  HOH HOH A . 
J 6 HOH 76  676 107 HOH HOH A . 
J 6 HOH 77  677 93  HOH HOH A . 
J 6 HOH 78  678 99  HOH HOH A . 
J 6 HOH 79  679 16  HOH HOH A . 
J 6 HOH 80  680 19  HOH HOH A . 
J 6 HOH 81  681 65  HOH HOH A . 
J 6 HOH 82  682 137 HOH HOH A . 
J 6 HOH 83  683 207 HOH HOH A . 
J 6 HOH 84  684 44  HOH HOH A . 
J 6 HOH 85  685 230 HOH HOH A . 
J 6 HOH 86  686 49  HOH HOH A . 
J 6 HOH 87  687 144 HOH HOH A . 
J 6 HOH 88  688 131 HOH HOH A . 
J 6 HOH 89  689 36  HOH HOH A . 
J 6 HOH 90  690 143 HOH HOH A . 
J 6 HOH 91  691 52  HOH HOH A . 
J 6 HOH 92  692 56  HOH HOH A . 
J 6 HOH 93  693 73  HOH HOH A . 
J 6 HOH 94  694 180 HOH HOH A . 
J 6 HOH 95  695 89  HOH HOH A . 
J 6 HOH 96  696 166 HOH HOH A . 
J 6 HOH 97  697 13  HOH HOH A . 
J 6 HOH 98  698 15  HOH HOH A . 
J 6 HOH 99  699 30  HOH HOH A . 
J 6 HOH 100 700 84  HOH HOH A . 
J 6 HOH 101 701 58  HOH HOH A . 
J 6 HOH 102 702 81  HOH HOH A . 
J 6 HOH 103 703 227 HOH HOH A . 
J 6 HOH 104 704 53  HOH HOH A . 
J 6 HOH 105 705 32  HOH HOH A . 
J 6 HOH 106 706 5   HOH HOH A . 
J 6 HOH 107 707 162 HOH HOH A . 
J 6 HOH 108 708 92  HOH HOH A . 
J 6 HOH 109 709 24  HOH HOH A . 
J 6 HOH 110 710 142 HOH HOH A . 
J 6 HOH 111 711 59  HOH HOH A . 
J 6 HOH 112 712 35  HOH HOH A . 
J 6 HOH 113 713 55  HOH HOH A . 
J 6 HOH 114 714 8   HOH HOH A . 
J 6 HOH 115 715 133 HOH HOH A . 
J 6 HOH 116 716 176 HOH HOH A . 
J 6 HOH 117 717 203 HOH HOH A . 
J 6 HOH 118 718 169 HOH HOH A . 
J 6 HOH 119 719 140 HOH HOH A . 
J 6 HOH 120 720 209 HOH HOH A . 
J 6 HOH 121 721 206 HOH HOH A . 
J 6 HOH 122 722 187 HOH HOH A . 
J 6 HOH 123 723 116 HOH HOH A . 
J 6 HOH 124 724 204 HOH HOH A . 
J 6 HOH 125 725 196 HOH HOH A . 
J 6 HOH 126 726 22  HOH HOH A . 
J 6 HOH 127 727 145 HOH HOH A . 
J 6 HOH 128 728 191 HOH HOH A . 
J 6 HOH 129 729 118 HOH HOH A . 
J 6 HOH 130 730 190 HOH HOH A . 
J 6 HOH 131 731 63  HOH HOH A . 
J 6 HOH 132 732 23  HOH HOH A . 
J 6 HOH 133 733 151 HOH HOH A . 
J 6 HOH 134 734 132 HOH HOH A . 
J 6 HOH 135 735 195 HOH HOH A . 
J 6 HOH 136 736 186 HOH HOH A . 
J 6 HOH 137 737 198 HOH HOH A . 
J 6 HOH 138 738 197 HOH HOH A . 
# 
loop_
_software.citation_id 
_software.classification 
_software.compiler_name 
_software.compiler_version 
_software.contact_author 
_software.contact_author_email 
_software.date 
_software.description 
_software.dependencies 
_software.hardware 
_software.language 
_software.location 
_software.mods 
_software.name 
_software.os 
_software.os_version 
_software.type 
_software.version 
_software.pdbx_ordinal 
? refinement       ? ? ? ? ? ? ? ? ? ? ? REFMAC ? ? ? 5.8.0131 1 
? 'model building' ? ? ? ? ? ? ? ? ? ? ? Coot   ? ? ? .        2 
? 'data scaling'   ? ? ? ? ? ? ? ? ? ? ? SCALA  ? ? ? .        3 
? 'data reduction' ? ? ? ? ? ? ? ? ? ? ? MOSFLM ? ? ? .        4 
? phasing          ? ? ? ? ? ? ? ? ? ? ? PHASER ? ? ? .        5 
# 
_cell.angle_alpha                  90.00 
_cell.angle_alpha_esd              ? 
_cell.angle_beta                   90.00 
_cell.angle_beta_esd               ? 
_cell.angle_gamma                  90.00 
_cell.angle_gamma_esd              ? 
_cell.entry_id                     5DQ0 
_cell.details                      ? 
_cell.formula_units_Z              ? 
_cell.length_a                     99.390 
_cell.length_a_esd                 ? 
_cell.length_b                     105.270 
_cell.length_b_esd                 ? 
_cell.length_c                     45.750 
_cell.length_c_esd                 ? 
_cell.volume                       ? 
_cell.volume_esd                   ? 
_cell.Z_PDB                        8 
_cell.reciprocal_angle_alpha       ? 
_cell.reciprocal_angle_beta        ? 
_cell.reciprocal_angle_gamma       ? 
_cell.reciprocal_angle_alpha_esd   ? 
_cell.reciprocal_angle_beta_esd    ? 
_cell.reciprocal_angle_gamma_esd   ? 
_cell.reciprocal_length_a          ? 
_cell.reciprocal_length_b          ? 
_cell.reciprocal_length_c          ? 
_cell.reciprocal_length_a_esd      ? 
_cell.reciprocal_length_b_esd      ? 
_cell.reciprocal_length_c_esd      ? 
_cell.pdbx_unique_axis             ? 
# 
_symmetry.entry_id                         5DQ0 
_symmetry.cell_setting                     ? 
_symmetry.Int_Tables_number                20 
_symmetry.space_group_name_Hall            ? 
_symmetry.space_group_name_H-M             'C 2 2 21' 
_symmetry.pdbx_full_space_group_name_H-M   ? 
# 
_exptl.absorpt_coefficient_mu     ? 
_exptl.absorpt_correction_T_max   ? 
_exptl.absorpt_correction_T_min   ? 
_exptl.absorpt_correction_type    ? 
_exptl.absorpt_process_details    ? 
_exptl.entry_id                   5DQ0 
_exptl.crystals_number            ? 
_exptl.details                    ? 
_exptl.method                     'X-RAY DIFFRACTION' 
_exptl.method_details             ? 
# 
_exptl_crystal.colour                      ? 
_exptl_crystal.density_diffrn              ? 
_exptl_crystal.density_Matthews            3.26 
_exptl_crystal.density_method              ? 
_exptl_crystal.density_percent_sol         62.24 
_exptl_crystal.description                 ? 
_exptl_crystal.F_000                       ? 
_exptl_crystal.id                          1 
_exptl_crystal.preparation                 ? 
_exptl_crystal.size_max                    ? 
_exptl_crystal.size_mid                    ? 
_exptl_crystal.size_min                    ? 
_exptl_crystal.size_rad                    ? 
_exptl_crystal.colour_lustre               ? 
_exptl_crystal.colour_modifier             ? 
_exptl_crystal.colour_primary              ? 
_exptl_crystal.density_meas                ? 
_exptl_crystal.density_meas_esd            ? 
_exptl_crystal.density_meas_gt             ? 
_exptl_crystal.density_meas_lt             ? 
_exptl_crystal.density_meas_temp           ? 
_exptl_crystal.density_meas_temp_esd       ? 
_exptl_crystal.density_meas_temp_gt        ? 
_exptl_crystal.density_meas_temp_lt        ? 
_exptl_crystal.pdbx_crystal_image_url      ? 
_exptl_crystal.pdbx_crystal_image_format   ? 
_exptl_crystal.pdbx_mosaicity              ? 
_exptl_crystal.pdbx_mosaicity_esd          ? 
# 
_exptl_crystal_grow.apparatus       ? 
_exptl_crystal_grow.atmosphere      ? 
_exptl_crystal_grow.crystal_id      1 
_exptl_crystal_grow.details         ? 
_exptl_crystal_grow.method          'VAPOR DIFFUSION, HANGING DROP' 
_exptl_crystal_grow.method_ref      ? 
_exptl_crystal_grow.pH              6.5 
_exptl_crystal_grow.pressure        ? 
_exptl_crystal_grow.pressure_esd    ? 
_exptl_crystal_grow.seeding         ? 
_exptl_crystal_grow.seeding_ref     ? 
_exptl_crystal_grow.temp            289.15 
_exptl_crystal_grow.temp_details    ? 
_exptl_crystal_grow.temp_esd        ? 
_exptl_crystal_grow.time            ? 
_exptl_crystal_grow.pdbx_details    '25 % PEG 550 MME, 0.1 M MES pH 6.5, 0.01 M ZnSO4' 
_exptl_crystal_grow.pdbx_pH_range   ? 
# 
_diffrn.ambient_environment    ? 
_diffrn.ambient_temp           291 
_diffrn.ambient_temp_details   ? 
_diffrn.ambient_temp_esd       ? 
_diffrn.crystal_id             1 
_diffrn.crystal_support        ? 
_diffrn.crystal_treatment      ? 
_diffrn.details                ? 
_diffrn.id                     1 
_diffrn.ambient_pressure       ? 
_diffrn.ambient_pressure_esd   ? 
_diffrn.ambient_pressure_gt    ? 
_diffrn.ambient_pressure_lt    ? 
_diffrn.ambient_temp_gt        ? 
_diffrn.ambient_temp_lt        ? 
# 
_diffrn_detector.details                      ? 
_diffrn_detector.detector                     CCD 
_diffrn_detector.diffrn_id                    1 
_diffrn_detector.type                         'MARMOSAIC 225 mm CCD' 
_diffrn_detector.area_resol_mean              ? 
_diffrn_detector.dtime                        ? 
_diffrn_detector.pdbx_frames_total            ? 
_diffrn_detector.pdbx_collection_time_total   ? 
_diffrn_detector.pdbx_collection_date         2012-06-14 
# 
_diffrn_radiation.collimation                      ? 
_diffrn_radiation.diffrn_id                        1 
_diffrn_radiation.filter_edge                      ? 
_diffrn_radiation.inhomogeneity                    ? 
_diffrn_radiation.monochromator                    ? 
_diffrn_radiation.polarisn_norm                    ? 
_diffrn_radiation.polarisn_ratio                   ? 
_diffrn_radiation.probe                            ? 
_diffrn_radiation.type                             ? 
_diffrn_radiation.xray_symbol                      ? 
_diffrn_radiation.wavelength_id                    1 
_diffrn_radiation.pdbx_monochromatic_or_laue_m_l   M 
_diffrn_radiation.pdbx_wavelength_list             ? 
_diffrn_radiation.pdbx_wavelength                  ? 
_diffrn_radiation.pdbx_diffrn_protocol             'SINGLE WAVELENGTH' 
_diffrn_radiation.pdbx_analyzer                    ? 
_diffrn_radiation.pdbx_scattering_type             x-ray 
# 
_diffrn_radiation_wavelength.id           1 
_diffrn_radiation_wavelength.wavelength   0.873 
_diffrn_radiation_wavelength.wt           1.0 
# 
_diffrn_source.current                     ? 
_diffrn_source.details                     ? 
_diffrn_source.diffrn_id                   1 
_diffrn_source.power                       ? 
_diffrn_source.size                        ? 
_diffrn_source.source                      SYNCHROTRON 
_diffrn_source.target                      ? 
_diffrn_source.type                        'ESRF BEAMLINE ID23-2' 
_diffrn_source.voltage                     ? 
_diffrn_source.take-off_angle              ? 
_diffrn_source.pdbx_wavelength_list        0.873 
_diffrn_source.pdbx_wavelength             ? 
_diffrn_source.pdbx_synchrotron_beamline   ID23-2 
_diffrn_source.pdbx_synchrotron_site       ESRF 
# 
_reflns.B_iso_Wilson_estimate            ? 
_reflns.entry_id                         5DQ0 
_reflns.data_reduction_details           ? 
_reflns.data_reduction_method            ? 
_reflns.d_resolution_high                1.8 
_reflns.d_resolution_low                 36.13 
_reflns.details                          ? 
_reflns.limit_h_max                      ? 
_reflns.limit_h_min                      ? 
_reflns.limit_k_max                      ? 
_reflns.limit_k_min                      ? 
_reflns.limit_l_max                      ? 
_reflns.limit_l_min                      ? 
_reflns.number_all                       ? 
_reflns.number_obs                       22736 
_reflns.observed_criterion               ? 
_reflns.observed_criterion_F_max         ? 
_reflns.observed_criterion_F_min         ? 
_reflns.observed_criterion_I_max         ? 
_reflns.observed_criterion_I_min         ? 
_reflns.observed_criterion_sigma_F       ? 
_reflns.observed_criterion_sigma_I       ? 
_reflns.percent_possible_obs             99.9 
_reflns.R_free_details                   ? 
_reflns.Rmerge_F_all                     ? 
_reflns.Rmerge_F_obs                     ? 
_reflns.Friedel_coverage                 ? 
_reflns.number_gt                        ? 
_reflns.threshold_expression             ? 
_reflns.pdbx_redundancy                  4.6 
_reflns.pdbx_Rmerge_I_obs                0.052 
_reflns.pdbx_Rmerge_I_all                ? 
_reflns.pdbx_Rsym_value                  ? 
_reflns.pdbx_netI_over_av_sigmaI         ? 
_reflns.pdbx_netI_over_sigmaI            16.5 
_reflns.pdbx_res_netI_over_av_sigmaI_2   ? 
_reflns.pdbx_res_netI_over_sigmaI_2      ? 
_reflns.pdbx_chi_squared                 ? 
_reflns.pdbx_scaling_rejects             ? 
_reflns.pdbx_d_res_high_opt              ? 
_reflns.pdbx_d_res_low_opt               ? 
_reflns.pdbx_d_res_opt_method            ? 
_reflns.phase_calculation_details        ? 
_reflns.pdbx_Rrim_I_all                  ? 
_reflns.pdbx_Rpim_I_all                  ? 
_reflns.pdbx_d_opt                       ? 
_reflns.pdbx_number_measured_all         ? 
_reflns.pdbx_diffrn_id                   1 
_reflns.pdbx_ordinal                     1 
_reflns.pdbx_CC_half                     ? 
_reflns.pdbx_R_split                     ? 
# 
_reflns_shell.Rmerge_F_all                ? 
_reflns_shell.Rmerge_F_gt                 ? 
_reflns_shell.Rmerge_F_obs                ? 
_reflns_shell.Rmerge_I_all                ? 
_reflns_shell.Rmerge_I_gt                 ? 
_reflns_shell.Rmerge_I_obs                0.230 
_reflns_shell.d_res_high                  1.8 
_reflns_shell.d_res_low                   1.9 
_reflns_shell.meanI_over_sigI_all         ? 
_reflns_shell.meanI_over_sigI_gt          ? 
_reflns_shell.meanI_over_sigI_obs         ? 
_reflns_shell.meanI_over_uI_all           ? 
_reflns_shell.meanI_over_uI_gt            ? 
_reflns_shell.number_measured_all         ? 
_reflns_shell.number_measured_gt          ? 
_reflns_shell.number_measured_obs         ? 
_reflns_shell.number_possible             ? 
_reflns_shell.number_unique_all           ? 
_reflns_shell.number_unique_gt            ? 
_reflns_shell.number_unique_obs           ? 
_reflns_shell.pdbx_CC_half                ? 
_reflns_shell.pdbx_R_split                ? 
_reflns_shell.pdbx_Rpim_I_all             ? 
_reflns_shell.pdbx_Rrim_I_all             ? 
_reflns_shell.pdbx_Rsym_value             ? 
_reflns_shell.pdbx_chi_squared            ? 
_reflns_shell.pdbx_diffrn_id              1 
_reflns_shell.pdbx_netI_over_sigmaI_all   ? 
_reflns_shell.pdbx_netI_over_sigmaI_obs   ? 
_reflns_shell.pdbx_ordinal                1 
_reflns_shell.pdbx_redundancy             ? 
_reflns_shell.pdbx_rejects                ? 
_reflns_shell.percent_possible_all        ? 
_reflns_shell.percent_possible_gt         ? 
_reflns_shell.percent_possible_obs        ? 
# 
_refine.aniso_B[1][1]                            -0.10 
_refine.aniso_B[1][2]                            0.00 
_refine.aniso_B[1][3]                            0.00 
_refine.aniso_B[2][2]                            0.35 
_refine.aniso_B[2][3]                            -0.00 
_refine.aniso_B[3][3]                            -0.24 
_refine.B_iso_max                                ? 
_refine.B_iso_mean                               25.450 
_refine.B_iso_min                                ? 
_refine.correlation_coeff_Fo_to_Fc               0.961 
_refine.correlation_coeff_Fo_to_Fc_free          0.940 
_refine.details                                  'HYDROGENS HAVE BEEN ADDED IN THE RIDING POSITIONS' 
_refine.diff_density_max                         ? 
_refine.diff_density_max_esd                     ? 
_refine.diff_density_min                         ? 
_refine.diff_density_min_esd                     ? 
_refine.diff_density_rms                         ? 
_refine.diff_density_rms_esd                     ? 
_refine.entry_id                                 5DQ0 
_refine.pdbx_refine_id                           'X-RAY DIFFRACTION' 
_refine.ls_abs_structure_details                 ? 
_refine.ls_abs_structure_Flack                   ? 
_refine.ls_abs_structure_Flack_esd               ? 
_refine.ls_abs_structure_Rogers                  ? 
_refine.ls_abs_structure_Rogers_esd              ? 
_refine.ls_d_res_high                            1.80 
_refine.ls_d_res_low                             36.13 
_refine.ls_extinction_coef                       ? 
_refine.ls_extinction_coef_esd                   ? 
_refine.ls_extinction_expression                 ? 
_refine.ls_extinction_method                     ? 
_refine.ls_goodness_of_fit_all                   ? 
_refine.ls_goodness_of_fit_all_esd               ? 
_refine.ls_goodness_of_fit_obs                   ? 
_refine.ls_goodness_of_fit_obs_esd               ? 
_refine.ls_hydrogen_treatment                    ? 
_refine.ls_matrix_type                           ? 
_refine.ls_number_constraints                    ? 
_refine.ls_number_parameters                     ? 
_refine.ls_number_reflns_all                     ? 
_refine.ls_number_reflns_obs                     21563 
_refine.ls_number_reflns_R_free                  1161 
_refine.ls_number_reflns_R_work                  ? 
_refine.ls_number_restraints                     ? 
_refine.ls_percent_reflns_obs                    99.89 
_refine.ls_percent_reflns_R_free                 5.1 
_refine.ls_R_factor_all                          ? 
_refine.ls_R_factor_obs                          0.17910 
_refine.ls_R_factor_R_free                       0.21730 
_refine.ls_R_factor_R_free_error                 ? 
_refine.ls_R_factor_R_free_error_details         ? 
_refine.ls_R_factor_R_work                       0.17707 
_refine.ls_R_Fsqd_factor_obs                     ? 
_refine.ls_R_I_factor_obs                        ? 
_refine.ls_redundancy_reflns_all                 ? 
_refine.ls_redundancy_reflns_obs                 ? 
_refine.ls_restrained_S_all                      ? 
_refine.ls_restrained_S_obs                      ? 
_refine.ls_shift_over_esd_max                    ? 
_refine.ls_shift_over_esd_mean                   ? 
_refine.ls_structure_factor_coef                 ? 
_refine.ls_weighting_details                     ? 
_refine.ls_weighting_scheme                      ? 
_refine.ls_wR_factor_all                         ? 
_refine.ls_wR_factor_obs                         ? 
_refine.ls_wR_factor_R_free                      ? 
_refine.ls_wR_factor_R_work                      ? 
_refine.occupancy_max                            ? 
_refine.occupancy_min                            ? 
_refine.solvent_model_details                    MASK 
_refine.solvent_model_param_bsol                 ? 
_refine.solvent_model_param_ksol                 ? 
_refine.ls_R_factor_gt                           ? 
_refine.ls_goodness_of_fit_gt                    ? 
_refine.ls_goodness_of_fit_ref                   ? 
_refine.ls_shift_over_su_max                     ? 
_refine.ls_shift_over_su_max_lt                  ? 
_refine.ls_shift_over_su_mean                    ? 
_refine.ls_shift_over_su_mean_lt                 ? 
_refine.pdbx_ls_sigma_I                          ? 
_refine.pdbx_ls_sigma_F                          ? 
_refine.pdbx_ls_sigma_Fsqd                       ? 
_refine.pdbx_data_cutoff_high_absF               ? 
_refine.pdbx_data_cutoff_high_rms_absF           ? 
_refine.pdbx_data_cutoff_low_absF                ? 
_refine.pdbx_isotropic_thermal_model             ? 
_refine.pdbx_ls_cross_valid_method               THROUGHOUT 
_refine.pdbx_method_to_determine_struct          'MOLECULAR REPLACEMENT' 
_refine.pdbx_starting_model                      2QQJ 
_refine.pdbx_stereochemistry_target_values       'MAXIMUM LIKELIHOOD' 
_refine.pdbx_R_Free_selection_details            RANDOM 
_refine.pdbx_stereochem_target_val_spec_case     ? 
_refine.pdbx_overall_ESU_R                       0.099 
_refine.pdbx_overall_ESU_R_Free                  0.104 
_refine.pdbx_solvent_vdw_probe_radii             1.20 
_refine.pdbx_solvent_ion_probe_radii             0.80 
_refine.pdbx_solvent_shrinkage_radii             0.80 
_refine.pdbx_real_space_R                        ? 
_refine.pdbx_density_correlation                 ? 
_refine.pdbx_pd_number_of_powder_patterns        ? 
_refine.pdbx_pd_number_of_points                 ? 
_refine.pdbx_pd_meas_number_of_points            ? 
_refine.pdbx_pd_proc_ls_prof_R_factor            ? 
_refine.pdbx_pd_proc_ls_prof_wR_factor           ? 
_refine.pdbx_pd_Marquardt_correlation_coeff      ? 
_refine.pdbx_pd_Fsqrd_R_factor                   ? 
_refine.pdbx_pd_ls_matrix_band_width             ? 
_refine.pdbx_overall_phase_error                 ? 
_refine.pdbx_overall_SU_R_free_Cruickshank_DPI   ? 
_refine.pdbx_overall_SU_R_free_Blow_DPI          ? 
_refine.pdbx_overall_SU_R_Blow_DPI               ? 
_refine.pdbx_TLS_residual_ADP_flag               ? 
_refine.pdbx_diffrn_id                           1 
_refine.overall_SU_B                             2.184 
_refine.overall_SU_ML                            0.067 
_refine.overall_SU_R_Cruickshank_DPI             ? 
_refine.overall_SU_R_free                        ? 
_refine.overall_FOM_free_R_set                   ? 
_refine.overall_FOM_work_R_set                   ? 
_refine.pdbx_average_fsc_overall                 ? 
_refine.pdbx_average_fsc_work                    ? 
_refine.pdbx_average_fsc_free                    ? 
# 
_refine_hist.pdbx_refine_id                   'X-RAY DIFFRACTION' 
_refine_hist.cycle_id                         1 
_refine_hist.pdbx_number_atoms_protein        1250 
_refine_hist.pdbx_number_atoms_nucleic_acid   0 
_refine_hist.pdbx_number_atoms_ligand         25 
_refine_hist.number_atoms_solvent             138 
_refine_hist.number_atoms_total               1413 
_refine_hist.d_res_high                       1.80 
_refine_hist.d_res_low                        36.13 
# 
loop_
_refine_ls_restr.pdbx_refine_id 
_refine_ls_restr.criterion 
_refine_ls_restr.dev_ideal 
_refine_ls_restr.dev_ideal_target 
_refine_ls_restr.number 
_refine_ls_restr.rejects 
_refine_ls_restr.type 
_refine_ls_restr.weight 
_refine_ls_restr.pdbx_restraint_function 
'X-RAY DIFFRACTION' ? 0.016  0.019  1357 ? r_bond_refined_d             ? ? 
'X-RAY DIFFRACTION' ? 0.002  0.020  1265 ? r_bond_other_d               ? ? 
'X-RAY DIFFRACTION' ? 1.753  1.946  1842 ? r_angle_refined_deg          ? ? 
'X-RAY DIFFRACTION' ? 1.015  3.000  2901 ? r_angle_other_deg            ? ? 
'X-RAY DIFFRACTION' ? 7.535  5.000  167  ? r_dihedral_angle_1_deg       ? ? 
'X-RAY DIFFRACTION' ? 36.685 23.382 68   ? r_dihedral_angle_2_deg       ? ? 
'X-RAY DIFFRACTION' ? 14.134 15.000 228  ? r_dihedral_angle_3_deg       ? ? 
'X-RAY DIFFRACTION' ? 19.763 15.000 13   ? r_dihedral_angle_4_deg       ? ? 
'X-RAY DIFFRACTION' ? 0.105  0.200  196  ? r_chiral_restr               ? ? 
'X-RAY DIFFRACTION' ? 0.007  0.020  1572 ? r_gen_planes_refined         ? ? 
'X-RAY DIFFRACTION' ? 0.002  0.020  339  ? r_gen_planes_other           ? ? 
'X-RAY DIFFRACTION' ? ?      ?      ?    ? r_nbd_refined                ? ? 
'X-RAY DIFFRACTION' ? ?      ?      ?    ? r_nbd_other                  ? ? 
'X-RAY DIFFRACTION' ? ?      ?      ?    ? r_nbtor_refined              ? ? 
'X-RAY DIFFRACTION' ? ?      ?      ?    ? r_nbtor_other                ? ? 
'X-RAY DIFFRACTION' ? ?      ?      ?    ? r_xyhbond_nbd_refined        ? ? 
'X-RAY DIFFRACTION' ? ?      ?      ?    ? r_xyhbond_nbd_other          ? ? 
'X-RAY DIFFRACTION' ? ?      ?      ?    ? r_metal_ion_refined          ? ? 
'X-RAY DIFFRACTION' ? ?      ?      ?    ? r_metal_ion_other            ? ? 
'X-RAY DIFFRACTION' ? ?      ?      ?    ? r_symmetry_vdw_refined       ? ? 
'X-RAY DIFFRACTION' ? ?      ?      ?    ? r_symmetry_vdw_other         ? ? 
'X-RAY DIFFRACTION' ? ?      ?      ?    ? r_symmetry_hbond_refined     ? ? 
'X-RAY DIFFRACTION' ? ?      ?      ?    ? r_symmetry_hbond_other       ? ? 
'X-RAY DIFFRACTION' ? ?      ?      ?    ? r_symmetry_metal_ion_refined ? ? 
'X-RAY DIFFRACTION' ? ?      ?      ?    ? r_symmetry_metal_ion_other   ? ? 
'X-RAY DIFFRACTION' ? 1.869  2.210  656  ? r_mcbond_it                  ? ? 
'X-RAY DIFFRACTION' ? 1.862  2.207  655  ? r_mcbond_other               ? ? 
'X-RAY DIFFRACTION' ? 2.492  3.296  827  ? r_mcangle_it                 ? ? 
'X-RAY DIFFRACTION' ? 2.491  3.300  828  ? r_mcangle_other              ? ? 
'X-RAY DIFFRACTION' ? 2.791  2.675  701  ? r_scbond_it                  ? ? 
'X-RAY DIFFRACTION' ? 2.792  2.675  701  ? r_scbond_other               ? ? 
'X-RAY DIFFRACTION' ? ?      ?      ?    ? r_scangle_it                 ? ? 
'X-RAY DIFFRACTION' ? 4.337  3.861  1016 ? r_scangle_other              ? ? 
'X-RAY DIFFRACTION' ? 7.734  19.737 1568 ? r_long_range_B_refined       ? ? 
'X-RAY DIFFRACTION' ? 7.733  19.785 1569 ? r_long_range_B_other         ? ? 
'X-RAY DIFFRACTION' ? ?      ?      ?    ? r_rigid_bond_restr           ? ? 
'X-RAY DIFFRACTION' ? ?      ?      ?    ? r_sphericity_free            ? ? 
'X-RAY DIFFRACTION' ? ?      ?      ?    ? r_sphericity_bonded          ? ? 
# 
_refine_ls_shell.pdbx_refine_id                   'X-RAY DIFFRACTION' 
_refine_ls_shell.d_res_high                       1.799 
_refine_ls_shell.d_res_low                        1.846 
_refine_ls_shell.number_reflns_all                ? 
_refine_ls_shell.number_reflns_obs                ? 
_refine_ls_shell.number_reflns_R_free             81 
_refine_ls_shell.number_reflns_R_work             1581 
_refine_ls_shell.percent_reflns_obs               99.76 
_refine_ls_shell.percent_reflns_R_free            ? 
_refine_ls_shell.R_factor_all                     ? 
_refine_ls_shell.R_factor_obs                     ? 
_refine_ls_shell.R_factor_R_free                  0.298 
_refine_ls_shell.R_factor_R_free_error            ? 
_refine_ls_shell.R_factor_R_work                  0.240 
_refine_ls_shell.redundancy_reflns_all            ? 
_refine_ls_shell.redundancy_reflns_obs            ? 
_refine_ls_shell.wR_factor_all                    ? 
_refine_ls_shell.wR_factor_obs                    ? 
_refine_ls_shell.wR_factor_R_free                 ? 
_refine_ls_shell.wR_factor_R_work                 ? 
_refine_ls_shell.pdbx_total_number_of_bins_used   20 
_refine_ls_shell.pdbx_phase_error                 ? 
_refine_ls_shell.pdbx_fsc_work                    ? 
_refine_ls_shell.pdbx_fsc_free                    ? 
# 
_struct.entry_id                     5DQ0 
_struct.title                        'Structure of human neuropilin-2 b1 domain with novel and unique zinc binding site' 
_struct.pdbx_model_details           ? 
_struct.pdbx_formula_weight          ? 
_struct.pdbx_formula_weight_method   ? 
_struct.pdbx_model_type_details      ? 
_struct.pdbx_CASP_flag               ? 
# 
_struct_keywords.entry_id        5DQ0 
_struct_keywords.text            'Neuropilin, VEGF, signaling protein' 
_struct_keywords.pdbx_keywords   'SIGNALING PROTEIN' 
# 
loop_
_struct_asym.id 
_struct_asym.pdbx_blank_PDB_chainid_flag 
_struct_asym.pdbx_modified 
_struct_asym.entity_id 
_struct_asym.details 
A N N 1 ? 
B N N 2 ? 
C N N 2 ? 
D N N 2 ? 
E N N 3 ? 
F N N 3 ? 
G N N 4 ? 
H N N 4 ? 
I N N 5 ? 
J N N 6 ? 
# 
_struct_ref.id                         1 
_struct_ref.db_name                    UNP 
_struct_ref.db_code                    NRP2_HUMAN 
_struct_ref.pdbx_db_accession          O60462 
_struct_ref.pdbx_db_isoform            ? 
_struct_ref.entity_id                  1 
_struct_ref.pdbx_seq_one_letter_code   
;FQCNVPLGMESGRIANEQISASSTYSDGRWTPQQSRLHGDDNGWTPNLDSNKEYLQVDLRFLTMLTAIATQGAISRETQN
GYYVKSYKLEVSTNGEDWMVYRHGKNHKVFQANNDATEVVLNKLHAPLLTRFVRIRPQTWHSGIALRLELFGCRVT
;
_struct_ref.pdbx_align_begin           275 
# 
_struct_ref_seq.align_id                      1 
_struct_ref_seq.ref_id                        1 
_struct_ref_seq.pdbx_PDB_id_code              5DQ0 
_struct_ref_seq.pdbx_strand_id                A 
_struct_ref_seq.seq_align_beg                 4 
_struct_ref_seq.pdbx_seq_align_beg_ins_code   ? 
_struct_ref_seq.seq_align_end                 159 
_struct_ref_seq.pdbx_seq_align_end_ins_code   ? 
_struct_ref_seq.pdbx_db_accession             O60462 
_struct_ref_seq.db_align_beg                  275 
_struct_ref_seq.pdbx_db_align_beg_ins_code    ? 
_struct_ref_seq.db_align_end                  430 
_struct_ref_seq.pdbx_db_align_end_ins_code    ? 
_struct_ref_seq.pdbx_auth_seq_align_beg       275 
_struct_ref_seq.pdbx_auth_seq_align_end       430 
# 
loop_
_struct_ref_seq_dif.align_id 
_struct_ref_seq_dif.pdbx_pdb_id_code 
_struct_ref_seq_dif.mon_id 
_struct_ref_seq_dif.pdbx_pdb_strand_id 
_struct_ref_seq_dif.seq_num 
_struct_ref_seq_dif.pdbx_pdb_ins_code 
_struct_ref_seq_dif.pdbx_seq_db_name 
_struct_ref_seq_dif.pdbx_seq_db_accession_code 
_struct_ref_seq_dif.db_mon_id 
_struct_ref_seq_dif.pdbx_seq_db_seq_num 
_struct_ref_seq_dif.details 
_struct_ref_seq_dif.pdbx_auth_seq_num 
_struct_ref_seq_dif.pdbx_ordinal 
1 5DQ0 GLY A 1   ? UNP O60462 ? ? 'expression tag' 272 1 
1 5DQ0 HIS A 2   ? UNP O60462 ? ? 'expression tag' 273 2 
1 5DQ0 MET A 3   ? UNP O60462 ? ? 'expression tag' 274 3 
1 5DQ0 SER A 160 ? UNP O60462 ? ? 'expression tag' 431 4 
1 5DQ0 GLY A 161 ? UNP O60462 ? ? 'expression tag' 432 5 
1 5DQ0 SER A 162 ? UNP O60462 ? ? 'expression tag' 433 6 
# 
_pdbx_struct_assembly.id                   1 
_pdbx_struct_assembly.details              author_and_software_defined_assembly 
_pdbx_struct_assembly.method_details       PISA 
_pdbx_struct_assembly.oligomeric_details   monomeric 
_pdbx_struct_assembly.oligomeric_count     1 
# 
loop_
_pdbx_struct_assembly_prop.biol_id 
_pdbx_struct_assembly_prop.type 
_pdbx_struct_assembly_prop.value 
_pdbx_struct_assembly_prop.details 
1 'ABSA (A^2)' 1250 ? 
1 MORE         -90  ? 
1 'SSA (A^2)'  8060 ? 
# 
_pdbx_struct_assembly_gen.assembly_id       1 
_pdbx_struct_assembly_gen.oper_expression   1 
_pdbx_struct_assembly_gen.asym_id_list      A,B,C,D,E,F,G,H,I,J 
# 
_pdbx_struct_oper_list.id                   1 
_pdbx_struct_oper_list.type                 'identity operation' 
_pdbx_struct_oper_list.name                 1_555 
_pdbx_struct_oper_list.symmetry_operation   x,y,z 
_pdbx_struct_oper_list.matrix[1][1]         1.0000000000 
_pdbx_struct_oper_list.matrix[1][2]         0.0000000000 
_pdbx_struct_oper_list.matrix[1][3]         0.0000000000 
_pdbx_struct_oper_list.vector[1]            0.0000000000 
_pdbx_struct_oper_list.matrix[2][1]         0.0000000000 
_pdbx_struct_oper_list.matrix[2][2]         1.0000000000 
_pdbx_struct_oper_list.matrix[2][3]         0.0000000000 
_pdbx_struct_oper_list.vector[2]            0.0000000000 
_pdbx_struct_oper_list.matrix[3][1]         0.0000000000 
_pdbx_struct_oper_list.matrix[3][2]         0.0000000000 
_pdbx_struct_oper_list.matrix[3][3]         1.0000000000 
_pdbx_struct_oper_list.vector[3]            0.0000000000 
# 
loop_
_struct_conf.conf_type_id 
_struct_conf.id 
_struct_conf.pdbx_PDB_helix_id 
_struct_conf.beg_label_comp_id 
_struct_conf.beg_label_asym_id 
_struct_conf.beg_label_seq_id 
_struct_conf.pdbx_beg_PDB_ins_code 
_struct_conf.end_label_comp_id 
_struct_conf.end_label_asym_id 
_struct_conf.end_label_seq_id 
_struct_conf.pdbx_end_PDB_ins_code 
_struct_conf.beg_auth_comp_id 
_struct_conf.beg_auth_asym_id 
_struct_conf.beg_auth_seq_id 
_struct_conf.end_auth_comp_id 
_struct_conf.end_auth_asym_id 
_struct_conf.end_auth_seq_id 
_struct_conf.pdbx_PDB_helix_class 
_struct_conf.details 
_struct_conf.pdbx_PDB_helix_length 
HELX_P HELX_P1 AA1 ALA A 18 ? GLU A 20 ? ALA A 289 GLU A 291 5 ? 3 
HELX_P HELX_P2 AA2 THR A 34 ? SER A 38 ? THR A 305 SER A 309 5 ? 5 
# 
_struct_conf_type.id          HELX_P 
_struct_conf_type.criteria    ? 
_struct_conf_type.reference   ? 
# 
loop_
_struct_conn.id 
_struct_conn.conn_type_id 
_struct_conn.pdbx_leaving_atom_flag 
_struct_conn.pdbx_PDB_id 
_struct_conn.ptnr1_label_asym_id 
_struct_conn.ptnr1_label_comp_id 
_struct_conn.ptnr1_label_seq_id 
_struct_conn.ptnr1_label_atom_id 
_struct_conn.pdbx_ptnr1_label_alt_id 
_struct_conn.pdbx_ptnr1_PDB_ins_code 
_struct_conn.pdbx_ptnr1_standard_comp_id 
_struct_conn.ptnr1_symmetry 
_struct_conn.ptnr2_label_asym_id 
_struct_conn.ptnr2_label_comp_id 
_struct_conn.ptnr2_label_seq_id 
_struct_conn.ptnr2_label_atom_id 
_struct_conn.pdbx_ptnr2_label_alt_id 
_struct_conn.pdbx_ptnr2_PDB_ins_code 
_struct_conn.ptnr1_auth_asym_id 
_struct_conn.ptnr1_auth_comp_id 
_struct_conn.ptnr1_auth_seq_id 
_struct_conn.ptnr2_auth_asym_id 
_struct_conn.ptnr2_auth_comp_id 
_struct_conn.ptnr2_auth_seq_id 
_struct_conn.ptnr2_symmetry 
_struct_conn.pdbx_ptnr3_label_atom_id 
_struct_conn.pdbx_ptnr3_label_seq_id 
_struct_conn.pdbx_ptnr3_label_comp_id 
_struct_conn.pdbx_ptnr3_label_asym_id 
_struct_conn.pdbx_ptnr3_label_alt_id 
_struct_conn.pdbx_ptnr3_PDB_ins_code 
_struct_conn.details 
_struct_conn.pdbx_dist_value 
_struct_conn.pdbx_value_order 
_struct_conn.pdbx_role 
disulf1  disulf ? ? A CYS 6   SG  A ? ? 1_555 A CYS 156 SG ? ? A CYS 277 A CYS 427 1_555 ? ? ? ? ? ? ? 2.058 ? ? 
disulf2  disulf ? ? A CYS 6   SG  B ? ? 1_555 A CYS 156 SG ? ? A CYS 277 A CYS 427 1_555 ? ? ? ? ? ? ? 2.084 ? ? 
disulf3  disulf ? ? A MET 67  SD  A ? ? 1_555 A MET 67  SD A ? A MET 338 A MET 338 3_654 ? ? ? ? ? ? ? 2.063 ? ? 
metalc1  metalc ? ? A GLU 13  OE2 ? ? ? 1_555 C ZN  .   ZN ? ? A GLU 284 A ZN  502 1_555 ? ? ? ? ? ? ? 1.876 ? ? 
metalc2  metalc ? ? A HIS 41  ND1 ? ? ? 1_555 C ZN  .   ZN ? ? A HIS 312 A ZN  502 1_555 ? ? ? ? ? ? ? 2.177 ? ? 
metalc3  metalc ? ? A LYS 91  NZ  ? ? ? 1_555 D ZN  .   ZN ? ? A LYS 362 A ZN  503 4_555 ? ? ? ? ? ? ? 1.923 ? ? 
metalc4  metalc ? ? A GLU 99  OE1 A ? ? 1_555 D ZN  .   ZN ? ? A GLU 370 A ZN  503 1_555 ? ? ? ? ? ? ? 2.277 ? ? 
metalc5  metalc ? ? A GLU 99  OE1 B ? ? 1_555 D ZN  .   ZN ? ? A GLU 370 A ZN  503 1_555 ? ? ? ? ? ? ? 2.211 ? ? 
metalc6  metalc ? ? A GLU 99  OE2 A ? ? 1_555 D ZN  .   ZN ? ? A GLU 370 A ZN  503 1_555 ? ? ? ? ? ? ? 2.673 ? ? 
metalc7  metalc ? ? A TYR 104 OH  ? ? ? 1_555 B ZN  .   ZN ? ? A TYR 375 A ZN  501 1_555 ? ? ? ? ? ? ? 1.916 ? ? 
metalc8  metalc ? ? A HIS 106 NE2 ? ? ? 1_555 B ZN  .   ZN ? ? A HIS 377 A ZN  501 1_555 ? ? ? ? ? ? ? 2.123 ? ? 
metalc9  metalc ? ? A HIS 110 ND1 ? ? ? 1_555 D ZN  .   ZN ? ? A HIS 381 A ZN  503 4_555 ? ? ? ? ? ? ? 1.920 ? ? 
metalc10 metalc ? ? A HIS 128 ND1 ? ? ? 1_555 B ZN  .   ZN ? ? A HIS 399 A ZN  501 1_555 ? ? ? ? ? ? ? 2.093 ? ? 
metalc11 metalc ? ? A HIS 144 NE2 ? ? ? 1_555 C ZN  .   ZN ? ? A HIS 415 A ZN  502 6_555 ? ? ? ? ? ? ? 2.180 ? ? 
metalc12 metalc ? ? D ZN  .   ZN  ? ? ? 1_555 J HOH .   O  ? ? A ZN  503 A HOH 718 1_555 ? ? ? ? ? ? ? 2.276 ? ? 
# 
loop_
_struct_conn_type.id 
_struct_conn_type.criteria 
_struct_conn_type.reference 
disulf ? ? 
metalc ? ? 
# 
loop_
_pdbx_struct_conn_angle.id 
_pdbx_struct_conn_angle.ptnr1_label_atom_id 
_pdbx_struct_conn_angle.ptnr1_label_alt_id 
_pdbx_struct_conn_angle.ptnr1_label_asym_id 
_pdbx_struct_conn_angle.ptnr1_label_comp_id 
_pdbx_struct_conn_angle.ptnr1_label_seq_id 
_pdbx_struct_conn_angle.ptnr1_auth_atom_id 
_pdbx_struct_conn_angle.ptnr1_auth_asym_id 
_pdbx_struct_conn_angle.ptnr1_auth_comp_id 
_pdbx_struct_conn_angle.ptnr1_auth_seq_id 
_pdbx_struct_conn_angle.ptnr1_PDB_ins_code 
_pdbx_struct_conn_angle.ptnr1_symmetry 
_pdbx_struct_conn_angle.ptnr2_label_atom_id 
_pdbx_struct_conn_angle.ptnr2_label_alt_id 
_pdbx_struct_conn_angle.ptnr2_label_asym_id 
_pdbx_struct_conn_angle.ptnr2_label_comp_id 
_pdbx_struct_conn_angle.ptnr2_label_seq_id 
_pdbx_struct_conn_angle.ptnr2_auth_atom_id 
_pdbx_struct_conn_angle.ptnr2_auth_asym_id 
_pdbx_struct_conn_angle.ptnr2_auth_comp_id 
_pdbx_struct_conn_angle.ptnr2_auth_seq_id 
_pdbx_struct_conn_angle.ptnr2_PDB_ins_code 
_pdbx_struct_conn_angle.ptnr2_symmetry 
_pdbx_struct_conn_angle.ptnr3_label_atom_id 
_pdbx_struct_conn_angle.ptnr3_label_alt_id 
_pdbx_struct_conn_angle.ptnr3_label_asym_id 
_pdbx_struct_conn_angle.ptnr3_label_comp_id 
_pdbx_struct_conn_angle.ptnr3_label_seq_id 
_pdbx_struct_conn_angle.ptnr3_auth_atom_id 
_pdbx_struct_conn_angle.ptnr3_auth_asym_id 
_pdbx_struct_conn_angle.ptnr3_auth_comp_id 
_pdbx_struct_conn_angle.ptnr3_auth_seq_id 
_pdbx_struct_conn_angle.ptnr3_PDB_ins_code 
_pdbx_struct_conn_angle.ptnr3_symmetry 
_pdbx_struct_conn_angle.value 
_pdbx_struct_conn_angle.value_esd 
1  OE2 ? A GLU 13  ? A GLU 284 ? 1_555 ZN ? C ZN . ? A ZN 502 ? 1_555 ND1 ? A HIS 41  ? A HIS 312 ? 1_555 118.0 ? 
2  OE2 ? A GLU 13  ? A GLU 284 ? 1_555 ZN ? C ZN . ? A ZN 502 ? 1_555 NE2 ? A HIS 144 ? A HIS 415 ? 1_555 107.5 ? 
3  ND1 ? A HIS 41  ? A HIS 312 ? 1_555 ZN ? C ZN . ? A ZN 502 ? 1_555 NE2 ? A HIS 144 ? A HIS 415 ? 1_555 13.5  ? 
4  NZ  ? A LYS 91  ? A LYS 362 ? 1_555 ZN ? D ZN . ? A ZN 503 ? 4_555 OE1 A A GLU 99  ? A GLU 370 ? 1_555 113.7 ? 
5  NZ  ? A LYS 91  ? A LYS 362 ? 1_555 ZN ? D ZN . ? A ZN 503 ? 4_555 OE1 B A GLU 99  ? A GLU 370 ? 1_555 114.5 ? 
6  OE1 A A GLU 99  ? A GLU 370 ? 1_555 ZN ? D ZN . ? A ZN 503 ? 4_555 OE1 B A GLU 99  ? A GLU 370 ? 1_555 1.7   ? 
7  NZ  ? A LYS 91  ? A LYS 362 ? 1_555 ZN ? D ZN . ? A ZN 503 ? 4_555 OE2 A A GLU 99  ? A GLU 370 ? 1_555 115.5 ? 
8  OE1 A A GLU 99  ? A GLU 370 ? 1_555 ZN ? D ZN . ? A ZN 503 ? 4_555 OE2 A A GLU 99  ? A GLU 370 ? 1_555 5.0   ? 
9  OE1 B A GLU 99  ? A GLU 370 ? 1_555 ZN ? D ZN . ? A ZN 503 ? 4_555 OE2 A A GLU 99  ? A GLU 370 ? 1_555 6.2   ? 
10 NZ  ? A LYS 91  ? A LYS 362 ? 1_555 ZN ? D ZN . ? A ZN 503 ? 4_555 ND1 ? A HIS 110 ? A HIS 381 ? 1_555 124.6 ? 
11 OE1 A A GLU 99  ? A GLU 370 ? 1_555 ZN ? D ZN . ? A ZN 503 ? 4_555 ND1 ? A HIS 110 ? A HIS 381 ? 1_555 52.5  ? 
12 OE1 B A GLU 99  ? A GLU 370 ? 1_555 ZN ? D ZN . ? A ZN 503 ? 4_555 ND1 ? A HIS 110 ? A HIS 381 ? 1_555 50.8  ? 
13 OE2 A A GLU 99  ? A GLU 370 ? 1_555 ZN ? D ZN . ? A ZN 503 ? 4_555 ND1 ? A HIS 110 ? A HIS 381 ? 1_555 55.9  ? 
14 NZ  ? A LYS 91  ? A LYS 362 ? 1_555 ZN ? D ZN . ? A ZN 503 ? 4_555 O   ? J HOH .   ? A HOH 718 ? 1_555 119.7 ? 
15 OE1 A A GLU 99  ? A GLU 370 ? 1_555 ZN ? D ZN . ? A ZN 503 ? 4_555 O   ? J HOH .   ? A HOH 718 ? 1_555 6.7   ? 
16 OE1 B A GLU 99  ? A GLU 370 ? 1_555 ZN ? D ZN . ? A ZN 503 ? 4_555 O   ? J HOH .   ? A HOH 718 ? 1_555 5.4   ? 
17 OE2 A A GLU 99  ? A GLU 370 ? 1_555 ZN ? D ZN . ? A ZN 503 ? 4_555 O   ? J HOH .   ? A HOH 718 ? 1_555 8.6   ? 
18 ND1 ? A HIS 110 ? A HIS 381 ? 1_555 ZN ? D ZN . ? A ZN 503 ? 4_555 O   ? J HOH .   ? A HOH 718 ? 1_555 47.3  ? 
19 OH  ? A TYR 104 ? A TYR 375 ? 1_555 ZN ? B ZN . ? A ZN 501 ? 1_555 NE2 ? A HIS 106 ? A HIS 377 ? 1_555 116.3 ? 
20 OH  ? A TYR 104 ? A TYR 375 ? 1_555 ZN ? B ZN . ? A ZN 501 ? 1_555 ND1 ? A HIS 128 ? A HIS 399 ? 1_555 95.9  ? 
21 NE2 ? A HIS 106 ? A HIS 377 ? 1_555 ZN ? B ZN . ? A ZN 501 ? 1_555 ND1 ? A HIS 128 ? A HIS 399 ? 1_555 105.2 ? 
# 
loop_
_pdbx_modification_feature.ordinal 
_pdbx_modification_feature.label_comp_id 
_pdbx_modification_feature.label_asym_id 
_pdbx_modification_feature.label_seq_id 
_pdbx_modification_feature.label_alt_id 
_pdbx_modification_feature.modified_residue_label_comp_id 
_pdbx_modification_feature.modified_residue_label_asym_id 
_pdbx_modification_feature.modified_residue_label_seq_id 
_pdbx_modification_feature.modified_residue_label_alt_id 
_pdbx_modification_feature.auth_comp_id 
_pdbx_modification_feature.auth_asym_id 
_pdbx_modification_feature.auth_seq_id 
_pdbx_modification_feature.PDB_ins_code 
_pdbx_modification_feature.symmetry 
_pdbx_modification_feature.modified_residue_auth_comp_id 
_pdbx_modification_feature.modified_residue_auth_asym_id 
_pdbx_modification_feature.modified_residue_auth_seq_id 
_pdbx_modification_feature.modified_residue_PDB_ins_code 
_pdbx_modification_feature.modified_residue_symmetry 
_pdbx_modification_feature.comp_id_linking_atom 
_pdbx_modification_feature.modified_residue_id_linking_atom 
_pdbx_modification_feature.modified_residue_id 
_pdbx_modification_feature.ref_pcm_id 
_pdbx_modification_feature.ref_comp_id 
_pdbx_modification_feature.type 
_pdbx_modification_feature.category 
1 CYS A 6  A CYS A 156 ? CYS A 277 ? 1_555 CYS A 427 ? 1_555 SG SG . . . None 'Disulfide bridge' 
2 CYS A 6  B CYS A 156 ? CYS A 277 ? 1_555 CYS A 427 ? 1_555 SG SG . . . None 'Disulfide bridge' 
3 MET A 67 A MET A 67  A MET A 338 ? 1_555 MET A 338 ? 3_654 SD SD . . . None 'Disulfide bridge' 
# 
loop_
_struct_sheet.id 
_struct_sheet.type 
_struct_sheet.number_strands 
_struct_sheet.details 
A ? 4 ? 
B ? 3 ? 
C ? 2 ? 
D ? 2 ? 
# 
loop_
_struct_sheet_order.sheet_id 
_struct_sheet_order.range_id_1 
_struct_sheet_order.range_id_2 
_struct_sheet_order.offset 
_struct_sheet_order.sense 
A 1 2 ? anti-parallel 
A 2 3 ? anti-parallel 
A 3 4 ? anti-parallel 
B 1 2 ? anti-parallel 
B 2 3 ? anti-parallel 
C 1 2 ? anti-parallel 
D 1 2 ? anti-parallel 
# 
loop_
_struct_sheet_range.sheet_id 
_struct_sheet_range.id 
_struct_sheet_range.beg_label_comp_id 
_struct_sheet_range.beg_label_asym_id 
_struct_sheet_range.beg_label_seq_id 
_struct_sheet_range.pdbx_beg_PDB_ins_code 
_struct_sheet_range.end_label_comp_id 
_struct_sheet_range.end_label_asym_id 
_struct_sheet_range.end_label_seq_id 
_struct_sheet_range.pdbx_end_PDB_ins_code 
_struct_sheet_range.beg_auth_comp_id 
_struct_sheet_range.beg_auth_asym_id 
_struct_sheet_range.beg_auth_seq_id 
_struct_sheet_range.end_auth_comp_id 
_struct_sheet_range.end_auth_asym_id 
_struct_sheet_range.end_auth_seq_id 
A 1 ILE A 22  ? ALA A 24  ? ILE A 293 ALA A 295 
A 2 LEU A 58  ? ASP A 61  ? LEU A 329 ASP A 332 
A 3 PHE A 135 ? PRO A 140 ? PHE A 406 PRO A 411 
A 4 TYR A 90  ? SER A 95  ? TYR A 361 SER A 366 
B 1 LEU A 131 ? THR A 133 ? LEU A 402 THR A 404 
B 2 THR A 66  ? GLN A 74  ? THR A 337 GLN A 345 
B 3 ARG A 150 ? ARG A 157 ? ARG A 421 ARG A 428 
C 1 ALA A 70  ? THR A 73  ? ALA A 341 THR A 344 
C 2 VAL A 123 ? LYS A 126 ? VAL A 394 LYS A 397 
D 1 TYR A 86  ? SER A 89  ? TYR A 357 SER A 360 
D 2 THR A 142 ? HIS A 144 ? THR A 413 HIS A 415 
# 
loop_
_struct_site.id 
_struct_site.pdbx_evidence_code 
_struct_site.pdbx_auth_asym_id 
_struct_site.pdbx_auth_comp_id 
_struct_site.pdbx_auth_seq_id 
_struct_site.pdbx_auth_ins_code 
_struct_site.pdbx_num_residues 
_struct_site.details 
AC1 Software A ZN  501 ? 4 'binding site for residue ZN A 501'  
AC2 Software A ZN  502 ? 4 'binding site for residue ZN A 502'  
AC3 Software A ZN  503 ? 4 'binding site for residue ZN A 503'  
AC4 Software A CL  504 ? 4 'binding site for residue CL A 504'  
AC5 Software A CL  505 ? 5 'binding site for residue CL A 505'  
AC6 Software A EDO 506 ? 1 'binding site for residue EDO A 506' 
AC7 Software A EDO 507 ? 4 'binding site for residue EDO A 507' 
AC8 Software A MES 508 ? 6 'binding site for residue MES A 508' 
# 
loop_
_struct_site_gen.id 
_struct_site_gen.site_id 
_struct_site_gen.pdbx_num_res 
_struct_site_gen.label_comp_id 
_struct_site_gen.label_asym_id 
_struct_site_gen.label_seq_id 
_struct_site_gen.pdbx_auth_ins_code 
_struct_site_gen.auth_comp_id 
_struct_site_gen.auth_asym_id 
_struct_site_gen.auth_seq_id 
_struct_site_gen.label_atom_id 
_struct_site_gen.label_alt_id 
_struct_site_gen.symmetry 
_struct_site_gen.details 
1  AC1 4 TYR A 104 ? TYR A 375 . ? 1_555 ? 
2  AC1 4 HIS A 106 ? HIS A 377 . ? 1_555 ? 
3  AC1 4 HIS A 128 ? HIS A 399 . ? 1_555 ? 
4  AC1 4 CL  F .   ? CL  A 505 . ? 1_555 ? 
5  AC2 4 GLU A 13  ? GLU A 284 . ? 1_555 ? 
6  AC2 4 HIS A 41  ? HIS A 312 . ? 1_555 ? 
7  AC2 4 HIS A 144 ? HIS A 415 . ? 6_554 ? 
8  AC2 4 CL  E .   ? CL  A 504 . ? 1_555 ? 
9  AC3 4 LYS A 91  ? LYS A 362 . ? 4_555 ? 
10 AC3 4 GLU A 99  ? GLU A 370 . ? 1_555 ? 
11 AC3 4 HIS A 110 ? HIS A 381 . ? 4_555 ? 
12 AC3 4 HOH J .   ? HOH A 718 . ? 1_555 ? 
13 AC4 4 GLU A 13  ? GLU A 284 . ? 1_555 ? 
14 AC4 4 HIS A 41  ? HIS A 312 . ? 1_555 ? 
15 AC4 4 HIS A 144 ? HIS A 415 . ? 6_554 ? 
16 AC4 4 ZN  C .   ? ZN  A 502 . ? 1_555 ? 
17 AC5 5 TYR A 104 ? TYR A 375 . ? 1_555 ? 
18 AC5 5 HIS A 106 ? HIS A 377 . ? 1_555 ? 
19 AC5 5 LEU A 127 ? LEU A 398 . ? 1_555 ? 
20 AC5 5 HIS A 128 ? HIS A 399 . ? 1_555 ? 
21 AC5 5 ZN  B .   ? ZN  A 501 . ? 1_555 ? 
22 AC6 1 HIS A 128 ? HIS A 399 . ? 1_555 ? 
23 AC7 4 HIS A 106 ? HIS A 377 . ? 1_555 ? 
24 AC7 4 LYS A 111 ? LYS A 382 . ? 1_555 ? 
25 AC7 4 HOH J .   ? HOH A 602 . ? 1_555 ? 
26 AC7 4 HOH J .   ? HOH A 603 . ? 1_555 ? 
27 AC8 6 TRP A 33  ? TRP A 304 . ? 1_555 ? 
28 AC8 6 SER A 78  ? SER A 349 . ? 1_555 ? 
29 AC8 6 THR A 81  ? THR A 352 . ? 1_555 ? 
30 AC8 6 ASN A 83  ? ASN A 354 . ? 1_555 ? 
31 AC8 6 TYR A 85  ? TYR A 356 . ? 1_555 ? 
32 AC8 6 HOH J .   ? HOH A 614 . ? 1_555 ? 
# 
_pdbx_entry_details.entry_id                   5DQ0 
_pdbx_entry_details.compound_details           ? 
_pdbx_entry_details.source_details             ? 
_pdbx_entry_details.nonpolymer_details         ? 
_pdbx_entry_details.sequence_details           ? 
_pdbx_entry_details.has_ligand_of_interest     ? 
_pdbx_entry_details.has_protein_modification   Y 
# 
loop_
_pdbx_validate_torsion.id 
_pdbx_validate_torsion.PDB_model_num 
_pdbx_validate_torsion.auth_comp_id 
_pdbx_validate_torsion.auth_asym_id 
_pdbx_validate_torsion.auth_seq_id 
_pdbx_validate_torsion.PDB_ins_code 
_pdbx_validate_torsion.label_alt_id 
_pdbx_validate_torsion.phi 
_pdbx_validate_torsion.psi 
1 1 ASN A 278 ? ? -141.78 25.10   
2 1 ASN A 316 ? ? 50.47   -136.08 
3 1 ARG A 334 ? ? 77.75   -34.63  
4 1 GLN A 353 ? ? 57.66   11.88   
5 1 ALA A 386 ? ? -122.05 -120.60 
6 1 SER A 416 ? ? 74.45   -47.95  
# 
loop_
_pdbx_unobs_or_zero_occ_residues.id 
_pdbx_unobs_or_zero_occ_residues.PDB_model_num 
_pdbx_unobs_or_zero_occ_residues.polymer_flag 
_pdbx_unobs_or_zero_occ_residues.occupancy_flag 
_pdbx_unobs_or_zero_occ_residues.auth_asym_id 
_pdbx_unobs_or_zero_occ_residues.auth_comp_id 
_pdbx_unobs_or_zero_occ_residues.auth_seq_id 
_pdbx_unobs_or_zero_occ_residues.PDB_ins_code 
_pdbx_unobs_or_zero_occ_residues.label_asym_id 
_pdbx_unobs_or_zero_occ_residues.label_comp_id 
_pdbx_unobs_or_zero_occ_residues.label_seq_id 
1 1 Y 1 A GLY 272 ? A GLY 1 
2 1 Y 1 A HIS 273 ? A HIS 2 
3 1 Y 1 A MET 274 ? A MET 3 
4 1 Y 1 A PHE 275 ? A PHE 4 
5 1 Y 1 A GLN 276 ? A GLN 5 
# 
loop_
_chem_comp_atom.comp_id 
_chem_comp_atom.atom_id 
_chem_comp_atom.type_symbol 
_chem_comp_atom.pdbx_aromatic_flag 
_chem_comp_atom.pdbx_stereo_config 
_chem_comp_atom.pdbx_ordinal 
ALA N    N  N N 1   
ALA CA   C  N S 2   
ALA C    C  N N 3   
ALA O    O  N N 4   
ALA CB   C  N N 5   
ALA OXT  O  N N 6   
ALA H    H  N N 7   
ALA H2   H  N N 8   
ALA HA   H  N N 9   
ALA HB1  H  N N 10  
ALA HB2  H  N N 11  
ALA HB3  H  N N 12  
ALA HXT  H  N N 13  
ARG N    N  N N 14  
ARG CA   C  N S 15  
ARG C    C  N N 16  
ARG O    O  N N 17  
ARG CB   C  N N 18  
ARG CG   C  N N 19  
ARG CD   C  N N 20  
ARG NE   N  N N 21  
ARG CZ   C  N N 22  
ARG NH1  N  N N 23  
ARG NH2  N  N N 24  
ARG OXT  O  N N 25  
ARG H    H  N N 26  
ARG H2   H  N N 27  
ARG HA   H  N N 28  
ARG HB2  H  N N 29  
ARG HB3  H  N N 30  
ARG HG2  H  N N 31  
ARG HG3  H  N N 32  
ARG HD2  H  N N 33  
ARG HD3  H  N N 34  
ARG HE   H  N N 35  
ARG HH11 H  N N 36  
ARG HH12 H  N N 37  
ARG HH21 H  N N 38  
ARG HH22 H  N N 39  
ARG HXT  H  N N 40  
ASN N    N  N N 41  
ASN CA   C  N S 42  
ASN C    C  N N 43  
ASN O    O  N N 44  
ASN CB   C  N N 45  
ASN CG   C  N N 46  
ASN OD1  O  N N 47  
ASN ND2  N  N N 48  
ASN OXT  O  N N 49  
ASN H    H  N N 50  
ASN H2   H  N N 51  
ASN HA   H  N N 52  
ASN HB2  H  N N 53  
ASN HB3  H  N N 54  
ASN HD21 H  N N 55  
ASN HD22 H  N N 56  
ASN HXT  H  N N 57  
ASP N    N  N N 58  
ASP CA   C  N S 59  
ASP C    C  N N 60  
ASP O    O  N N 61  
ASP CB   C  N N 62  
ASP CG   C  N N 63  
ASP OD1  O  N N 64  
ASP OD2  O  N N 65  
ASP OXT  O  N N 66  
ASP H    H  N N 67  
ASP H2   H  N N 68  
ASP HA   H  N N 69  
ASP HB2  H  N N 70  
ASP HB3  H  N N 71  
ASP HD2  H  N N 72  
ASP HXT  H  N N 73  
CL  CL   CL N N 74  
CYS N    N  N N 75  
CYS CA   C  N R 76  
CYS C    C  N N 77  
CYS O    O  N N 78  
CYS CB   C  N N 79  
CYS SG   S  N N 80  
CYS OXT  O  N N 81  
CYS H    H  N N 82  
CYS H2   H  N N 83  
CYS HA   H  N N 84  
CYS HB2  H  N N 85  
CYS HB3  H  N N 86  
CYS HG   H  N N 87  
CYS HXT  H  N N 88  
EDO C1   C  N N 89  
EDO O1   O  N N 90  
EDO C2   C  N N 91  
EDO O2   O  N N 92  
EDO H11  H  N N 93  
EDO H12  H  N N 94  
EDO HO1  H  N N 95  
EDO H21  H  N N 96  
EDO H22  H  N N 97  
EDO HO2  H  N N 98  
GLN N    N  N N 99  
GLN CA   C  N S 100 
GLN C    C  N N 101 
GLN O    O  N N 102 
GLN CB   C  N N 103 
GLN CG   C  N N 104 
GLN CD   C  N N 105 
GLN OE1  O  N N 106 
GLN NE2  N  N N 107 
GLN OXT  O  N N 108 
GLN H    H  N N 109 
GLN H2   H  N N 110 
GLN HA   H  N N 111 
GLN HB2  H  N N 112 
GLN HB3  H  N N 113 
GLN HG2  H  N N 114 
GLN HG3  H  N N 115 
GLN HE21 H  N N 116 
GLN HE22 H  N N 117 
GLN HXT  H  N N 118 
GLU N    N  N N 119 
GLU CA   C  N S 120 
GLU C    C  N N 121 
GLU O    O  N N 122 
GLU CB   C  N N 123 
GLU CG   C  N N 124 
GLU CD   C  N N 125 
GLU OE1  O  N N 126 
GLU OE2  O  N N 127 
GLU OXT  O  N N 128 
GLU H    H  N N 129 
GLU H2   H  N N 130 
GLU HA   H  N N 131 
GLU HB2  H  N N 132 
GLU HB3  H  N N 133 
GLU HG2  H  N N 134 
GLU HG3  H  N N 135 
GLU HE2  H  N N 136 
GLU HXT  H  N N 137 
GLY N    N  N N 138 
GLY CA   C  N N 139 
GLY C    C  N N 140 
GLY O    O  N N 141 
GLY OXT  O  N N 142 
GLY H    H  N N 143 
GLY H2   H  N N 144 
GLY HA2  H  N N 145 
GLY HA3  H  N N 146 
GLY HXT  H  N N 147 
HIS N    N  N N 148 
HIS CA   C  N S 149 
HIS C    C  N N 150 
HIS O    O  N N 151 
HIS CB   C  N N 152 
HIS CG   C  Y N 153 
HIS ND1  N  Y N 154 
HIS CD2  C  Y N 155 
HIS CE1  C  Y N 156 
HIS NE2  N  Y N 157 
HIS OXT  O  N N 158 
HIS H    H  N N 159 
HIS H2   H  N N 160 
HIS HA   H  N N 161 
HIS HB2  H  N N 162 
HIS HB3  H  N N 163 
HIS HD1  H  N N 164 
HIS HD2  H  N N 165 
HIS HE1  H  N N 166 
HIS HE2  H  N N 167 
HIS HXT  H  N N 168 
HOH O    O  N N 169 
HOH H1   H  N N 170 
HOH H2   H  N N 171 
ILE N    N  N N 172 
ILE CA   C  N S 173 
ILE C    C  N N 174 
ILE O    O  N N 175 
ILE CB   C  N S 176 
ILE CG1  C  N N 177 
ILE CG2  C  N N 178 
ILE CD1  C  N N 179 
ILE OXT  O  N N 180 
ILE H    H  N N 181 
ILE H2   H  N N 182 
ILE HA   H  N N 183 
ILE HB   H  N N 184 
ILE HG12 H  N N 185 
ILE HG13 H  N N 186 
ILE HG21 H  N N 187 
ILE HG22 H  N N 188 
ILE HG23 H  N N 189 
ILE HD11 H  N N 190 
ILE HD12 H  N N 191 
ILE HD13 H  N N 192 
ILE HXT  H  N N 193 
LEU N    N  N N 194 
LEU CA   C  N S 195 
LEU C    C  N N 196 
LEU O    O  N N 197 
LEU CB   C  N N 198 
LEU CG   C  N N 199 
LEU CD1  C  N N 200 
LEU CD2  C  N N 201 
LEU OXT  O  N N 202 
LEU H    H  N N 203 
LEU H2   H  N N 204 
LEU HA   H  N N 205 
LEU HB2  H  N N 206 
LEU HB3  H  N N 207 
LEU HG   H  N N 208 
LEU HD11 H  N N 209 
LEU HD12 H  N N 210 
LEU HD13 H  N N 211 
LEU HD21 H  N N 212 
LEU HD22 H  N N 213 
LEU HD23 H  N N 214 
LEU HXT  H  N N 215 
LYS N    N  N N 216 
LYS CA   C  N S 217 
LYS C    C  N N 218 
LYS O    O  N N 219 
LYS CB   C  N N 220 
LYS CG   C  N N 221 
LYS CD   C  N N 222 
LYS CE   C  N N 223 
LYS NZ   N  N N 224 
LYS OXT  O  N N 225 
LYS H    H  N N 226 
LYS H2   H  N N 227 
LYS HA   H  N N 228 
LYS HB2  H  N N 229 
LYS HB3  H  N N 230 
LYS HG2  H  N N 231 
LYS HG3  H  N N 232 
LYS HD2  H  N N 233 
LYS HD3  H  N N 234 
LYS HE2  H  N N 235 
LYS HE3  H  N N 236 
LYS HZ1  H  N N 237 
LYS HZ2  H  N N 238 
LYS HZ3  H  N N 239 
LYS HXT  H  N N 240 
MES O1   O  N N 241 
MES C2   C  N N 242 
MES C3   C  N N 243 
MES N4   N  N N 244 
MES C5   C  N N 245 
MES C6   C  N N 246 
MES C7   C  N N 247 
MES C8   C  N N 248 
MES S    S  N N 249 
MES O1S  O  N N 250 
MES O2S  O  N N 251 
MES O3S  O  N N 252 
MES H21  H  N N 253 
MES H22  H  N N 254 
MES H31  H  N N 255 
MES H32  H  N N 256 
MES HN4  H  N N 257 
MES H51  H  N N 258 
MES H52  H  N N 259 
MES H61  H  N N 260 
MES H62  H  N N 261 
MES H71  H  N N 262 
MES H72  H  N N 263 
MES H81  H  N N 264 
MES H82  H  N N 265 
MET N    N  N N 266 
MET CA   C  N S 267 
MET C    C  N N 268 
MET O    O  N N 269 
MET CB   C  N N 270 
MET CG   C  N N 271 
MET SD   S  N N 272 
MET CE   C  N N 273 
MET OXT  O  N N 274 
MET H    H  N N 275 
MET H2   H  N N 276 
MET HA   H  N N 277 
MET HB2  H  N N 278 
MET HB3  H  N N 279 
MET HG2  H  N N 280 
MET HG3  H  N N 281 
MET HE1  H  N N 282 
MET HE2  H  N N 283 
MET HE3  H  N N 284 
MET HXT  H  N N 285 
PHE N    N  N N 286 
PHE CA   C  N S 287 
PHE C    C  N N 288 
PHE O    O  N N 289 
PHE CB   C  N N 290 
PHE CG   C  Y N 291 
PHE CD1  C  Y N 292 
PHE CD2  C  Y N 293 
PHE CE1  C  Y N 294 
PHE CE2  C  Y N 295 
PHE CZ   C  Y N 296 
PHE OXT  O  N N 297 
PHE H    H  N N 298 
PHE H2   H  N N 299 
PHE HA   H  N N 300 
PHE HB2  H  N N 301 
PHE HB3  H  N N 302 
PHE HD1  H  N N 303 
PHE HD2  H  N N 304 
PHE HE1  H  N N 305 
PHE HE2  H  N N 306 
PHE HZ   H  N N 307 
PHE HXT  H  N N 308 
PRO N    N  N N 309 
PRO CA   C  N S 310 
PRO C    C  N N 311 
PRO O    O  N N 312 
PRO CB   C  N N 313 
PRO CG   C  N N 314 
PRO CD   C  N N 315 
PRO OXT  O  N N 316 
PRO H    H  N N 317 
PRO HA   H  N N 318 
PRO HB2  H  N N 319 
PRO HB3  H  N N 320 
PRO HG2  H  N N 321 
PRO HG3  H  N N 322 
PRO HD2  H  N N 323 
PRO HD3  H  N N 324 
PRO HXT  H  N N 325 
SER N    N  N N 326 
SER CA   C  N S 327 
SER C    C  N N 328 
SER O    O  N N 329 
SER CB   C  N N 330 
SER OG   O  N N 331 
SER OXT  O  N N 332 
SER H    H  N N 333 
SER H2   H  N N 334 
SER HA   H  N N 335 
SER HB2  H  N N 336 
SER HB3  H  N N 337 
SER HG   H  N N 338 
SER HXT  H  N N 339 
THR N    N  N N 340 
THR CA   C  N S 341 
THR C    C  N N 342 
THR O    O  N N 343 
THR CB   C  N R 344 
THR OG1  O  N N 345 
THR CG2  C  N N 346 
THR OXT  O  N N 347 
THR H    H  N N 348 
THR H2   H  N N 349 
THR HA   H  N N 350 
THR HB   H  N N 351 
THR HG1  H  N N 352 
THR HG21 H  N N 353 
THR HG22 H  N N 354 
THR HG23 H  N N 355 
THR HXT  H  N N 356 
TRP N    N  N N 357 
TRP CA   C  N S 358 
TRP C    C  N N 359 
TRP O    O  N N 360 
TRP CB   C  N N 361 
TRP CG   C  Y N 362 
TRP CD1  C  Y N 363 
TRP CD2  C  Y N 364 
TRP NE1  N  Y N 365 
TRP CE2  C  Y N 366 
TRP CE3  C  Y N 367 
TRP CZ2  C  Y N 368 
TRP CZ3  C  Y N 369 
TRP CH2  C  Y N 370 
TRP OXT  O  N N 371 
TRP H    H  N N 372 
TRP H2   H  N N 373 
TRP HA   H  N N 374 
TRP HB2  H  N N 375 
TRP HB3  H  N N 376 
TRP HD1  H  N N 377 
TRP HE1  H  N N 378 
TRP HE3  H  N N 379 
TRP HZ2  H  N N 380 
TRP HZ3  H  N N 381 
TRP HH2  H  N N 382 
TRP HXT  H  N N 383 
TYR N    N  N N 384 
TYR CA   C  N S 385 
TYR C    C  N N 386 
TYR O    O  N N 387 
TYR CB   C  N N 388 
TYR CG   C  Y N 389 
TYR CD1  C  Y N 390 
TYR CD2  C  Y N 391 
TYR CE1  C  Y N 392 
TYR CE2  C  Y N 393 
TYR CZ   C  Y N 394 
TYR OH   O  N N 395 
TYR OXT  O  N N 396 
TYR H    H  N N 397 
TYR H2   H  N N 398 
TYR HA   H  N N 399 
TYR HB2  H  N N 400 
TYR HB3  H  N N 401 
TYR HD1  H  N N 402 
TYR HD2  H  N N 403 
TYR HE1  H  N N 404 
TYR HE2  H  N N 405 
TYR HH   H  N N 406 
TYR HXT  H  N N 407 
VAL N    N  N N 408 
VAL CA   C  N S 409 
VAL C    C  N N 410 
VAL O    O  N N 411 
VAL CB   C  N N 412 
VAL CG1  C  N N 413 
VAL CG2  C  N N 414 
VAL OXT  O  N N 415 
VAL H    H  N N 416 
VAL H2   H  N N 417 
VAL HA   H  N N 418 
VAL HB   H  N N 419 
VAL HG11 H  N N 420 
VAL HG12 H  N N 421 
VAL HG13 H  N N 422 
VAL HG21 H  N N 423 
VAL HG22 H  N N 424 
VAL HG23 H  N N 425 
VAL HXT  H  N N 426 
ZN  ZN   ZN N N 427 
# 
loop_
_chem_comp_bond.comp_id 
_chem_comp_bond.atom_id_1 
_chem_comp_bond.atom_id_2 
_chem_comp_bond.value_order 
_chem_comp_bond.pdbx_aromatic_flag 
_chem_comp_bond.pdbx_stereo_config 
_chem_comp_bond.pdbx_ordinal 
ALA N   CA   sing N N 1   
ALA N   H    sing N N 2   
ALA N   H2   sing N N 3   
ALA CA  C    sing N N 4   
ALA CA  CB   sing N N 5   
ALA CA  HA   sing N N 6   
ALA C   O    doub N N 7   
ALA C   OXT  sing N N 8   
ALA CB  HB1  sing N N 9   
ALA CB  HB2  sing N N 10  
ALA CB  HB3  sing N N 11  
ALA OXT HXT  sing N N 12  
ARG N   CA   sing N N 13  
ARG N   H    sing N N 14  
ARG N   H2   sing N N 15  
ARG CA  C    sing N N 16  
ARG CA  CB   sing N N 17  
ARG CA  HA   sing N N 18  
ARG C   O    doub N N 19  
ARG C   OXT  sing N N 20  
ARG CB  CG   sing N N 21  
ARG CB  HB2  sing N N 22  
ARG CB  HB3  sing N N 23  
ARG CG  CD   sing N N 24  
ARG CG  HG2  sing N N 25  
ARG CG  HG3  sing N N 26  
ARG CD  NE   sing N N 27  
ARG CD  HD2  sing N N 28  
ARG CD  HD3  sing N N 29  
ARG NE  CZ   sing N N 30  
ARG NE  HE   sing N N 31  
ARG CZ  NH1  sing N N 32  
ARG CZ  NH2  doub N N 33  
ARG NH1 HH11 sing N N 34  
ARG NH1 HH12 sing N N 35  
ARG NH2 HH21 sing N N 36  
ARG NH2 HH22 sing N N 37  
ARG OXT HXT  sing N N 38  
ASN N   CA   sing N N 39  
ASN N   H    sing N N 40  
ASN N   H2   sing N N 41  
ASN CA  C    sing N N 42  
ASN CA  CB   sing N N 43  
ASN CA  HA   sing N N 44  
ASN C   O    doub N N 45  
ASN C   OXT  sing N N 46  
ASN CB  CG   sing N N 47  
ASN CB  HB2  sing N N 48  
ASN CB  HB3  sing N N 49  
ASN CG  OD1  doub N N 50  
ASN CG  ND2  sing N N 51  
ASN ND2 HD21 sing N N 52  
ASN ND2 HD22 sing N N 53  
ASN OXT HXT  sing N N 54  
ASP N   CA   sing N N 55  
ASP N   H    sing N N 56  
ASP N   H2   sing N N 57  
ASP CA  C    sing N N 58  
ASP CA  CB   sing N N 59  
ASP CA  HA   sing N N 60  
ASP C   O    doub N N 61  
ASP C   OXT  sing N N 62  
ASP CB  CG   sing N N 63  
ASP CB  HB2  sing N N 64  
ASP CB  HB3  sing N N 65  
ASP CG  OD1  doub N N 66  
ASP CG  OD2  sing N N 67  
ASP OD2 HD2  sing N N 68  
ASP OXT HXT  sing N N 69  
CYS N   CA   sing N N 70  
CYS N   H    sing N N 71  
CYS N   H2   sing N N 72  
CYS CA  C    sing N N 73  
CYS CA  CB   sing N N 74  
CYS CA  HA   sing N N 75  
CYS C   O    doub N N 76  
CYS C   OXT  sing N N 77  
CYS CB  SG   sing N N 78  
CYS CB  HB2  sing N N 79  
CYS CB  HB3  sing N N 80  
CYS SG  HG   sing N N 81  
CYS OXT HXT  sing N N 82  
EDO C1  O1   sing N N 83  
EDO C1  C2   sing N N 84  
EDO C1  H11  sing N N 85  
EDO C1  H12  sing N N 86  
EDO O1  HO1  sing N N 87  
EDO C2  O2   sing N N 88  
EDO C2  H21  sing N N 89  
EDO C2  H22  sing N N 90  
EDO O2  HO2  sing N N 91  
GLN N   CA   sing N N 92  
GLN N   H    sing N N 93  
GLN N   H2   sing N N 94  
GLN CA  C    sing N N 95  
GLN CA  CB   sing N N 96  
GLN CA  HA   sing N N 97  
GLN C   O    doub N N 98  
GLN C   OXT  sing N N 99  
GLN CB  CG   sing N N 100 
GLN CB  HB2  sing N N 101 
GLN CB  HB3  sing N N 102 
GLN CG  CD   sing N N 103 
GLN CG  HG2  sing N N 104 
GLN CG  HG3  sing N N 105 
GLN CD  OE1  doub N N 106 
GLN CD  NE2  sing N N 107 
GLN NE2 HE21 sing N N 108 
GLN NE2 HE22 sing N N 109 
GLN OXT HXT  sing N N 110 
GLU N   CA   sing N N 111 
GLU N   H    sing N N 112 
GLU N   H2   sing N N 113 
GLU CA  C    sing N N 114 
GLU CA  CB   sing N N 115 
GLU CA  HA   sing N N 116 
GLU C   O    doub N N 117 
GLU C   OXT  sing N N 118 
GLU CB  CG   sing N N 119 
GLU CB  HB2  sing N N 120 
GLU CB  HB3  sing N N 121 
GLU CG  CD   sing N N 122 
GLU CG  HG2  sing N N 123 
GLU CG  HG3  sing N N 124 
GLU CD  OE1  doub N N 125 
GLU CD  OE2  sing N N 126 
GLU OE2 HE2  sing N N 127 
GLU OXT HXT  sing N N 128 
GLY N   CA   sing N N 129 
GLY N   H    sing N N 130 
GLY N   H2   sing N N 131 
GLY CA  C    sing N N 132 
GLY CA  HA2  sing N N 133 
GLY CA  HA3  sing N N 134 
GLY C   O    doub N N 135 
GLY C   OXT  sing N N 136 
GLY OXT HXT  sing N N 137 
HIS N   CA   sing N N 138 
HIS N   H    sing N N 139 
HIS N   H2   sing N N 140 
HIS CA  C    sing N N 141 
HIS CA  CB   sing N N 142 
HIS CA  HA   sing N N 143 
HIS C   O    doub N N 144 
HIS C   OXT  sing N N 145 
HIS CB  CG   sing N N 146 
HIS CB  HB2  sing N N 147 
HIS CB  HB3  sing N N 148 
HIS CG  ND1  sing Y N 149 
HIS CG  CD2  doub Y N 150 
HIS ND1 CE1  doub Y N 151 
HIS ND1 HD1  sing N N 152 
HIS CD2 NE2  sing Y N 153 
HIS CD2 HD2  sing N N 154 
HIS CE1 NE2  sing Y N 155 
HIS CE1 HE1  sing N N 156 
HIS NE2 HE2  sing N N 157 
HIS OXT HXT  sing N N 158 
HOH O   H1   sing N N 159 
HOH O   H2   sing N N 160 
ILE N   CA   sing N N 161 
ILE N   H    sing N N 162 
ILE N   H2   sing N N 163 
ILE CA  C    sing N N 164 
ILE CA  CB   sing N N 165 
ILE CA  HA   sing N N 166 
ILE C   O    doub N N 167 
ILE C   OXT  sing N N 168 
ILE CB  CG1  sing N N 169 
ILE CB  CG2  sing N N 170 
ILE CB  HB   sing N N 171 
ILE CG1 CD1  sing N N 172 
ILE CG1 HG12 sing N N 173 
ILE CG1 HG13 sing N N 174 
ILE CG2 HG21 sing N N 175 
ILE CG2 HG22 sing N N 176 
ILE CG2 HG23 sing N N 177 
ILE CD1 HD11 sing N N 178 
ILE CD1 HD12 sing N N 179 
ILE CD1 HD13 sing N N 180 
ILE OXT HXT  sing N N 181 
LEU N   CA   sing N N 182 
LEU N   H    sing N N 183 
LEU N   H2   sing N N 184 
LEU CA  C    sing N N 185 
LEU CA  CB   sing N N 186 
LEU CA  HA   sing N N 187 
LEU C   O    doub N N 188 
LEU C   OXT  sing N N 189 
LEU CB  CG   sing N N 190 
LEU CB  HB2  sing N N 191 
LEU CB  HB3  sing N N 192 
LEU CG  CD1  sing N N 193 
LEU CG  CD2  sing N N 194 
LEU CG  HG   sing N N 195 
LEU CD1 HD11 sing N N 196 
LEU CD1 HD12 sing N N 197 
LEU CD1 HD13 sing N N 198 
LEU CD2 HD21 sing N N 199 
LEU CD2 HD22 sing N N 200 
LEU CD2 HD23 sing N N 201 
LEU OXT HXT  sing N N 202 
LYS N   CA   sing N N 203 
LYS N   H    sing N N 204 
LYS N   H2   sing N N 205 
LYS CA  C    sing N N 206 
LYS CA  CB   sing N N 207 
LYS CA  HA   sing N N 208 
LYS C   O    doub N N 209 
LYS C   OXT  sing N N 210 
LYS CB  CG   sing N N 211 
LYS CB  HB2  sing N N 212 
LYS CB  HB3  sing N N 213 
LYS CG  CD   sing N N 214 
LYS CG  HG2  sing N N 215 
LYS CG  HG3  sing N N 216 
LYS CD  CE   sing N N 217 
LYS CD  HD2  sing N N 218 
LYS CD  HD3  sing N N 219 
LYS CE  NZ   sing N N 220 
LYS CE  HE2  sing N N 221 
LYS CE  HE3  sing N N 222 
LYS NZ  HZ1  sing N N 223 
LYS NZ  HZ2  sing N N 224 
LYS NZ  HZ3  sing N N 225 
LYS OXT HXT  sing N N 226 
MES O1  C2   sing N N 227 
MES O1  C6   sing N N 228 
MES C2  C3   sing N N 229 
MES C2  H21  sing N N 230 
MES C2  H22  sing N N 231 
MES C3  N4   sing N N 232 
MES C3  H31  sing N N 233 
MES C3  H32  sing N N 234 
MES N4  C5   sing N N 235 
MES N4  C7   sing N N 236 
MES N4  HN4  sing N N 237 
MES C5  C6   sing N N 238 
MES C5  H51  sing N N 239 
MES C5  H52  sing N N 240 
MES C6  H61  sing N N 241 
MES C6  H62  sing N N 242 
MES C7  C8   sing N N 243 
MES C7  H71  sing N N 244 
MES C7  H72  sing N N 245 
MES C8  S    sing N N 246 
MES C8  H81  sing N N 247 
MES C8  H82  sing N N 248 
MES S   O1S  doub N N 249 
MES S   O2S  doub N N 250 
MES S   O3S  sing N N 251 
MET N   CA   sing N N 252 
MET N   H    sing N N 253 
MET N   H2   sing N N 254 
MET CA  C    sing N N 255 
MET CA  CB   sing N N 256 
MET CA  HA   sing N N 257 
MET C   O    doub N N 258 
MET C   OXT  sing N N 259 
MET CB  CG   sing N N 260 
MET CB  HB2  sing N N 261 
MET CB  HB3  sing N N 262 
MET CG  SD   sing N N 263 
MET CG  HG2  sing N N 264 
MET CG  HG3  sing N N 265 
MET SD  CE   sing N N 266 
MET CE  HE1  sing N N 267 
MET CE  HE2  sing N N 268 
MET CE  HE3  sing N N 269 
MET OXT HXT  sing N N 270 
PHE N   CA   sing N N 271 
PHE N   H    sing N N 272 
PHE N   H2   sing N N 273 
PHE CA  C    sing N N 274 
PHE CA  CB   sing N N 275 
PHE CA  HA   sing N N 276 
PHE C   O    doub N N 277 
PHE C   OXT  sing N N 278 
PHE CB  CG   sing N N 279 
PHE CB  HB2  sing N N 280 
PHE CB  HB3  sing N N 281 
PHE CG  CD1  doub Y N 282 
PHE CG  CD2  sing Y N 283 
PHE CD1 CE1  sing Y N 284 
PHE CD1 HD1  sing N N 285 
PHE CD2 CE2  doub Y N 286 
PHE CD2 HD2  sing N N 287 
PHE CE1 CZ   doub Y N 288 
PHE CE1 HE1  sing N N 289 
PHE CE2 CZ   sing Y N 290 
PHE CE2 HE2  sing N N 291 
PHE CZ  HZ   sing N N 292 
PHE OXT HXT  sing N N 293 
PRO N   CA   sing N N 294 
PRO N   CD   sing N N 295 
PRO N   H    sing N N 296 
PRO CA  C    sing N N 297 
PRO CA  CB   sing N N 298 
PRO CA  HA   sing N N 299 
PRO C   O    doub N N 300 
PRO C   OXT  sing N N 301 
PRO CB  CG   sing N N 302 
PRO CB  HB2  sing N N 303 
PRO CB  HB3  sing N N 304 
PRO CG  CD   sing N N 305 
PRO CG  HG2  sing N N 306 
PRO CG  HG3  sing N N 307 
PRO CD  HD2  sing N N 308 
PRO CD  HD3  sing N N 309 
PRO OXT HXT  sing N N 310 
SER N   CA   sing N N 311 
SER N   H    sing N N 312 
SER N   H2   sing N N 313 
SER CA  C    sing N N 314 
SER CA  CB   sing N N 315 
SER CA  HA   sing N N 316 
SER C   O    doub N N 317 
SER C   OXT  sing N N 318 
SER CB  OG   sing N N 319 
SER CB  HB2  sing N N 320 
SER CB  HB3  sing N N 321 
SER OG  HG   sing N N 322 
SER OXT HXT  sing N N 323 
THR N   CA   sing N N 324 
THR N   H    sing N N 325 
THR N   H2   sing N N 326 
THR CA  C    sing N N 327 
THR CA  CB   sing N N 328 
THR CA  HA   sing N N 329 
THR C   O    doub N N 330 
THR C   OXT  sing N N 331 
THR CB  OG1  sing N N 332 
THR CB  CG2  sing N N 333 
THR CB  HB   sing N N 334 
THR OG1 HG1  sing N N 335 
THR CG2 HG21 sing N N 336 
THR CG2 HG22 sing N N 337 
THR CG2 HG23 sing N N 338 
THR OXT HXT  sing N N 339 
TRP N   CA   sing N N 340 
TRP N   H    sing N N 341 
TRP N   H2   sing N N 342 
TRP CA  C    sing N N 343 
TRP CA  CB   sing N N 344 
TRP CA  HA   sing N N 345 
TRP C   O    doub N N 346 
TRP C   OXT  sing N N 347 
TRP CB  CG   sing N N 348 
TRP CB  HB2  sing N N 349 
TRP CB  HB3  sing N N 350 
TRP CG  CD1  doub Y N 351 
TRP CG  CD2  sing Y N 352 
TRP CD1 NE1  sing Y N 353 
TRP CD1 HD1  sing N N 354 
TRP CD2 CE2  doub Y N 355 
TRP CD2 CE3  sing Y N 356 
TRP NE1 CE2  sing Y N 357 
TRP NE1 HE1  sing N N 358 
TRP CE2 CZ2  sing Y N 359 
TRP CE3 CZ3  doub Y N 360 
TRP CE3 HE3  sing N N 361 
TRP CZ2 CH2  doub Y N 362 
TRP CZ2 HZ2  sing N N 363 
TRP CZ3 CH2  sing Y N 364 
TRP CZ3 HZ3  sing N N 365 
TRP CH2 HH2  sing N N 366 
TRP OXT HXT  sing N N 367 
TYR N   CA   sing N N 368 
TYR N   H    sing N N 369 
TYR N   H2   sing N N 370 
TYR CA  C    sing N N 371 
TYR CA  CB   sing N N 372 
TYR CA  HA   sing N N 373 
TYR C   O    doub N N 374 
TYR C   OXT  sing N N 375 
TYR CB  CG   sing N N 376 
TYR CB  HB2  sing N N 377 
TYR CB  HB3  sing N N 378 
TYR CG  CD1  doub Y N 379 
TYR CG  CD2  sing Y N 380 
TYR CD1 CE1  sing Y N 381 
TYR CD1 HD1  sing N N 382 
TYR CD2 CE2  doub Y N 383 
TYR CD2 HD2  sing N N 384 
TYR CE1 CZ   doub Y N 385 
TYR CE1 HE1  sing N N 386 
TYR CE2 CZ   sing Y N 387 
TYR CE2 HE2  sing N N 388 
TYR CZ  OH   sing N N 389 
TYR OH  HH   sing N N 390 
TYR OXT HXT  sing N N 391 
VAL N   CA   sing N N 392 
VAL N   H    sing N N 393 
VAL N   H2   sing N N 394 
VAL CA  C    sing N N 395 
VAL CA  CB   sing N N 396 
VAL CA  HA   sing N N 397 
VAL C   O    doub N N 398 
VAL C   OXT  sing N N 399 
VAL CB  CG1  sing N N 400 
VAL CB  CG2  sing N N 401 
VAL CB  HB   sing N N 402 
VAL CG1 HG11 sing N N 403 
VAL CG1 HG12 sing N N 404 
VAL CG1 HG13 sing N N 405 
VAL CG2 HG21 sing N N 406 
VAL CG2 HG22 sing N N 407 
VAL CG2 HG23 sing N N 408 
VAL OXT HXT  sing N N 409 
# 
_pdbx_audit_support.funding_organization   'British Heart Foundation' 
_pdbx_audit_support.country                'United Kingdom' 
_pdbx_audit_support.grant_number           PG/10/52/28448 
_pdbx_audit_support.ordinal                1 
# 
_pdbx_initial_refinement_model.id               1 
_pdbx_initial_refinement_model.entity_id_list   ? 
_pdbx_initial_refinement_model.type             'experimental model' 
_pdbx_initial_refinement_model.source_name      PDB 
_pdbx_initial_refinement_model.accession_code   2QQJ 
_pdbx_initial_refinement_model.details          ? 
# 
_atom_sites.entry_id                    5DQ0 
_atom_sites.fract_transf_matrix[1][1]   0.00995660 
_atom_sites.fract_transf_matrix[1][2]   0.00058639 
_atom_sites.fract_transf_matrix[1][3]   -0.00132138 
_atom_sites.fract_transf_matrix[2][1]   -0.00071775 
_atom_sites.fract_transf_matrix[2][2]   -0.00537989 
_atom_sites.fract_transf_matrix[2][3]   -0.00779568 
_atom_sites.fract_transf_matrix[3][1]   -0.00267141 
_atom_sites.fract_transf_matrix[3][2]   0.01796929 
_atom_sites.fract_transf_matrix[3][3]   -0.01215485 
_atom_sites.fract_transf_vector[1]      0.327145 
_atom_sites.fract_transf_vector[2]      0.143718 
_atom_sites.fract_transf_vector[3]      -0.046705 
# 
loop_
_atom_type.symbol 
C  
CL 
N  
O  
S  
ZN 
# 
loop_
_atom_site.group_PDB 
_atom_site.id 
_atom_site.type_symbol 
_atom_site.label_atom_id 
_atom_site.label_alt_id 
_atom_site.label_comp_id 
_atom_site.label_asym_id 
_atom_site.label_entity_id 
_atom_site.label_seq_id 
_atom_site.pdbx_PDB_ins_code 
_atom_site.Cartn_x 
_atom_site.Cartn_y 
_atom_site.Cartn_z 
_atom_site.occupancy 
_atom_site.B_iso_or_equiv 
_atom_site.pdbx_formal_charge 
_atom_site.auth_seq_id 
_atom_site.auth_comp_id 
_atom_site.auth_asym_id 
_atom_site.auth_atom_id 
_atom_site.pdbx_PDB_model_num 
ATOM   1    N  N   A CYS A 1 6   ? 14.678  -11.706 -4.415  0.50 28.69 ? 277 CYS A N   1 
ATOM   2    N  N   B CYS A 1 6   ? 14.378  -12.585 -3.631  0.50 26.25 ? 277 CYS A N   1 
ATOM   3    C  CA  A CYS A 1 6   ? 13.884  -11.401 -3.173  0.50 29.63 ? 277 CYS A CA  1 
ATOM   4    C  CA  B CYS A 1 6   ? 13.712  -11.515 -2.789  0.50 25.31 ? 277 CYS A CA  1 
ATOM   5    C  C   A CYS A 1 6   ? 12.525  -10.796 -3.503  0.50 28.64 ? 277 CYS A C   1 
ATOM   6    C  C   B CYS A 1 6   ? 12.631  -10.819 -3.609  0.50 26.36 ? 277 CYS A C   1 
ATOM   7    O  O   A CYS A 1 6   ? 12.224  -9.634  -3.199  0.50 30.16 ? 277 CYS A O   1 
ATOM   8    O  O   B CYS A 1 6   ? 12.682  -9.590  -3.833  0.50 27.09 ? 277 CYS A O   1 
ATOM   9    C  CB  A CYS A 1 6   ? 14.693  -10.523 -2.234  0.50 31.07 ? 277 CYS A CB  1 
ATOM   10   C  CB  B CYS A 1 6   ? 14.748  -10.496 -2.287  0.50 25.47 ? 277 CYS A CB  1 
ATOM   11   S  SG  A CYS A 1 6   ? 15.435  -11.524 -0.934  0.50 33.32 ? 277 CYS A SG  1 
ATOM   12   S  SG  B CYS A 1 6   ? 14.200  -9.509  -0.864  0.50 22.58 ? 277 CYS A SG  1 
ATOM   13   N  N   . ASN A 1 7   ? 11.695  -11.623 -4.104  1.00 25.27 ? 278 ASN A N   1 
ATOM   14   C  CA  . ASN A 1 7   ? 10.586  -11.154 -4.926  1.00 29.08 ? 278 ASN A CA  1 
ATOM   15   C  C   . ASN A 1 7   ? 9.283   -11.900 -4.604  1.00 27.00 ? 278 ASN A C   1 
ATOM   16   O  O   . ASN A 1 7   ? 8.399   -11.955 -5.413  1.00 29.95 ? 278 ASN A O   1 
ATOM   17   C  CB  . ASN A 1 7   ? 10.958  -11.349 -6.376  1.00 32.88 ? 278 ASN A CB  1 
ATOM   18   C  CG  . ASN A 1 7   ? 11.109  -12.816 -6.758  1.00 37.18 ? 278 ASN A CG  1 
ATOM   19   O  OD1 . ASN A 1 7   ? 11.185  -13.707 -5.905  1.00 36.81 ? 278 ASN A OD1 1 
ATOM   20   N  ND2 . ASN A 1 7   ? 11.169  -13.073 -8.051  1.00 43.31 ? 278 ASN A ND2 1 
ATOM   21   N  N   . VAL A 1 8   ? 9.197   -12.417 -3.391  1.00 27.95 ? 279 VAL A N   1 
ATOM   22   C  CA  . VAL A 1 8   ? 8.081   -13.224 -2.907  1.00 29.32 ? 279 VAL A CA  1 
ATOM   23   C  C   . VAL A 1 8   ? 6.931   -12.274 -2.539  1.00 25.48 ? 279 VAL A C   1 
ATOM   24   O  O   . VAL A 1 8   ? 7.167   -11.253 -1.891  1.00 22.12 ? 279 VAL A O   1 
ATOM   25   C  CB  . VAL A 1 8   ? 8.564   -14.065 -1.688  1.00 33.99 ? 279 VAL A CB  1 
ATOM   26   C  CG1 . VAL A 1 8   ? 7.431   -14.704 -0.926  1.00 35.13 ? 279 VAL A CG1 1 
ATOM   27   C  CG2 . VAL A 1 8   ? 9.537   -15.137 -2.171  1.00 38.97 ? 279 VAL A CG2 1 
ATOM   28   N  N   . PRO A 1 9   ? 5.688   -12.558 -2.990  1.00 24.59 ? 280 PRO A N   1 
ATOM   29   C  CA  . PRO A 1 9   ? 4.535   -11.827 -2.433  1.00 22.81 ? 280 PRO A CA  1 
ATOM   30   C  C   . PRO A 1 9   ? 4.463   -11.996 -0.937  1.00 22.59 ? 280 PRO A C   1 
ATOM   31   O  O   . PRO A 1 9   ? 4.624   -13.120 -0.438  1.00 22.00 ? 280 PRO A O   1 
ATOM   32   C  CB  . PRO A 1 9   ? 3.318   -12.518 -3.097  1.00 24.30 ? 280 PRO A CB  1 
ATOM   33   C  CG  . PRO A 1 9   ? 3.832   -13.880 -3.422  1.00 25.45 ? 280 PRO A CG  1 
ATOM   34   C  CD  . PRO A 1 9   ? 5.254   -13.682 -3.843  1.00 25.30 ? 280 PRO A CD  1 
ATOM   35   N  N   . LEU A 1 10  ? 4.235   -10.923 -0.189  1.00 19.38 ? 281 LEU A N   1 
ATOM   36   C  CA  . LEU A 1 10  ? 4.401   -10.985 1.231   1.00 18.95 ? 281 LEU A CA  1 
ATOM   37   C  C   . LEU A 1 10  ? 3.124   -11.353 2.005   1.00 22.42 ? 281 LEU A C   1 
ATOM   38   O  O   . LEU A 1 10  ? 3.197   -11.538 3.196   1.00 21.67 ? 281 LEU A O   1 
ATOM   39   C  CB  . LEU A 1 10  ? 5.004   -9.680  1.775   1.00 19.51 ? 281 LEU A CB  1 
ATOM   40   C  CG  . LEU A 1 10  ? 6.459   -9.421  1.362   1.00 18.82 ? 281 LEU A CG  1 
ATOM   41   C  CD1 . LEU A 1 10  ? 6.868   -7.978  1.666   1.00 19.48 ? 281 LEU A CD1 1 
ATOM   42   C  CD2 . LEU A 1 10  ? 7.398   -10.383 2.074   1.00 21.03 ? 281 LEU A CD2 1 
ATOM   43   N  N   . GLY A 1 11  ? 1.967   -11.419 1.333   1.00 22.74 ? 282 GLY A N   1 
ATOM   44   C  CA  . GLY A 1 11  ? 0.785   -11.955 1.956   1.00 24.28 ? 282 GLY A CA  1 
ATOM   45   C  C   . GLY A 1 11  ? -0.477  -11.142 1.923   1.00 25.41 ? 282 GLY A C   1 
ATOM   46   O  O   . GLY A 1 11  ? -1.396  -11.486 2.669   1.00 26.47 ? 282 GLY A O   1 
ATOM   47   N  N   . MET A 1 12  ? -0.548  -10.049 1.133   1.00 21.72 ? 283 MET A N   1 
ATOM   48   C  CA  . MET A 1 12  ? -1.823  -9.318  1.018   1.00 21.83 ? 283 MET A CA  1 
ATOM   49   C  C   . MET A 1 12  ? -2.866  -10.227 0.370   1.00 22.17 ? 283 MET A C   1 
ATOM   50   O  O   . MET A 1 12  ? -3.882  -10.495 0.997   1.00 25.78 ? 283 MET A O   1 
ATOM   51   C  CB  . MET A 1 12  ? -1.679  -8.023  0.208   1.00 20.95 ? 283 MET A CB  1 
ATOM   52   C  CG  . MET A 1 12  ? -0.809  -7.004  0.994   1.00 18.54 ? 283 MET A CG  1 
ATOM   53   S  SD  . MET A 1 12  ? -1.493  -6.432  2.534   1.00 20.72 ? 283 MET A SD  1 
ATOM   54   C  CE  . MET A 1 12  ? -2.938  -5.448  2.060   1.00 20.99 ? 283 MET A CE  1 
ATOM   55   N  N   . GLU A 1 13  ? -2.588  -10.714 -0.826  1.00 22.81 ? 284 GLU A N   1 
ATOM   56   C  CA  . GLU A 1 13  ? -3.557  -11.572 -1.547  1.00 26.99 ? 284 GLU A CA  1 
ATOM   57   C  C   . GLU A 1 13  ? -3.746  -12.929 -0.849  1.00 29.04 ? 284 GLU A C   1 
ATOM   58   O  O   . GLU A 1 13  ? -4.882  -13.440 -0.763  1.00 32.01 ? 284 GLU A O   1 
ATOM   59   C  CB  . GLU A 1 13  ? -3.137  -11.795 -2.984  1.00 27.48 ? 284 GLU A CB  1 
ATOM   60   C  CG  . GLU A 1 13  ? -4.248  -12.451 -3.823  1.00 27.70 ? 284 GLU A CG  1 
ATOM   61   C  CD  . GLU A 1 13  ? -4.035  -12.461 -5.304  1.00 30.47 ? 284 GLU A CD  1 
ATOM   62   O  OE1 . GLU A 1 13  ? -3.140  -11.792 -5.897  1.00 25.22 ? 284 GLU A OE1 1 
ATOM   63   O  OE2 . GLU A 1 13  ? -4.873  -13.167 -5.969  1.00 30.23 ? 284 GLU A OE2 1 
ATOM   64   N  N   . SER A 1 14  ? -2.665  -13.519 -0.357  1.00 30.37 ? 285 SER A N   1 
ATOM   65   C  CA  . SER A 1 14  ? -2.728  -14.863 0.285   1.00 32.46 ? 285 SER A CA  1 
ATOM   66   C  C   . SER A 1 14  ? -3.326  -14.980 1.697   1.00 34.92 ? 285 SER A C   1 
ATOM   67   O  O   . SER A 1 14  ? -3.560  -16.093 2.178   1.00 38.33 ? 285 SER A O   1 
ATOM   68   C  CB  . SER A 1 14  ? -1.338  -15.479 0.324   1.00 29.66 ? 285 SER A CB  1 
ATOM   69   O  OG  . SER A 1 14  ? -0.574  -14.928 1.374   1.00 32.25 ? 285 SER A OG  1 
ATOM   70   N  N   . GLY A 1 15  ? -3.523  -13.884 2.404   1.00 30.68 ? 286 GLY A N   1 
ATOM   71   C  CA  . GLY A 1 15  ? -3.895  -13.944 3.818   1.00 31.03 ? 286 GLY A CA  1 
ATOM   72   C  C   . GLY A 1 15  ? -2.784  -14.103 4.844   1.00 30.67 ? 286 GLY A C   1 
ATOM   73   O  O   . GLY A 1 15  ? -3.022  -13.930 6.057   1.00 31.04 ? 286 GLY A O   1 
ATOM   74   N  N   . ARG A 1 16  ? -1.550  -14.345 4.398   1.00 33.03 ? 287 ARG A N   1 
ATOM   75   C  CA  . ARG A 1 16  ? -0.426  -14.406 5.326   1.00 31.22 ? 287 ARG A CA  1 
ATOM   76   C  C   . ARG A 1 16  ? -0.260  -13.127 6.072   1.00 30.45 ? 287 ARG A C   1 
ATOM   77   O  O   . ARG A 1 16  ? 0.186   -13.136 7.192   1.00 30.75 ? 287 ARG A O   1 
ATOM   78   C  CB  . ARG A 1 16  ? 0.882   -14.786 4.613   1.00 36.47 ? 287 ARG A CB  1 
ATOM   79   C  CG  . ARG A 1 16  ? 0.804   -16.149 3.964   1.00 44.31 ? 287 ARG A CG  1 
ATOM   80   C  CD  . ARG A 1 16  ? 1.970   -17.073 4.270   1.00 51.25 ? 287 ARG A CD  1 
ATOM   81   N  NE  . ARG A 1 16  ? 1.776   -18.364 3.590   1.00 59.34 ? 287 ARG A NE  1 
ATOM   82   C  CZ  . ARG A 1 16  ? 2.499   -19.470 3.785   1.00 67.44 ? 287 ARG A CZ  1 
ATOM   83   N  NH1 . ARG A 1 16  ? 3.497   -19.492 4.674   1.00 77.83 ? 287 ARG A NH1 1 
ATOM   84   N  NH2 . ARG A 1 16  ? 2.223   -20.570 3.079   1.00 66.68 ? 287 ARG A NH2 1 
ATOM   85   N  N   . ILE A 1 17  ? -0.625  -11.996 5.469   1.00 24.31 ? 288 ILE A N   1 
ATOM   86   C  CA  . ILE A 1 17  ? -0.784  -10.778 6.241   1.00 27.50 ? 288 ILE A CA  1 
ATOM   87   C  C   . ILE A 1 17  ? -2.228  -10.833 6.757   1.00 29.02 ? 288 ILE A C   1 
ATOM   88   O  O   . ILE A 1 17  ? -3.165  -10.775 5.963   1.00 28.21 ? 288 ILE A O   1 
ATOM   89   C  CB  . ILE A 1 17  ? -0.506  -9.494  5.379   1.00 24.87 ? 288 ILE A CB  1 
ATOM   90   C  CG1 . ILE A 1 17  ? 0.990   -9.515  4.972   1.00 25.49 ? 288 ILE A CG1 1 
ATOM   91   C  CG2 . ILE A 1 17  ? -0.802  -8.237  6.191   1.00 24.87 ? 288 ILE A CG2 1 
ATOM   92   C  CD1 . ILE A 1 17  ? 1.383   -8.494  3.916   1.00 25.00 ? 288 ILE A CD1 1 
ATOM   93   N  N   . ALA A 1 18  ? -2.378  -10.945 8.081   1.00 29.97 ? 289 ALA A N   1 
ATOM   94   C  CA  . ALA A 1 18  ? -3.692  -11.034 8.707   1.00 31.42 ? 289 ALA A CA  1 
ATOM   95   C  C   . ALA A 1 18  ? -4.370  -9.685  8.725   1.00 31.32 ? 289 ALA A C   1 
ATOM   96   O  O   . ALA A 1 18  ? -3.719  -8.619  8.719   1.00 26.24 ? 289 ALA A O   1 
ATOM   97   C  CB  . ALA A 1 18  ? -3.565  -11.563 10.139  1.00 32.76 ? 289 ALA A CB  1 
ATOM   98   N  N   . ASN A 1 19  ? -5.696  -9.716  8.805   1.00 28.61 ? 290 ASN A N   1 
ATOM   99   C  CA  . ASN A 1 19  ? -6.483  -8.495  8.869   1.00 28.52 ? 290 ASN A CA  1 
ATOM   100  C  C   . ASN A 1 19  ? -6.011  -7.496  9.888   1.00 30.18 ? 290 ASN A C   1 
ATOM   101  O  O   . ASN A 1 19  ? -6.038  -6.280  9.656   1.00 26.78 ? 290 ASN A O   1 
ATOM   102  C  CB  . ASN A 1 19  ? -7.959  -8.848  9.175   1.00 32.59 ? 290 ASN A CB  1 
ATOM   103  C  CG  . ASN A 1 19  ? -8.688  -9.451  7.989   1.00 33.63 ? 290 ASN A CG  1 
ATOM   104  O  OD1 . ASN A 1 19  ? -8.290  -9.336  6.827   1.00 30.93 ? 290 ASN A OD1 1 
ATOM   105  N  ND2 . ASN A 1 19  ? -9.805  -10.098 8.288   1.00 36.37 ? 290 ASN A ND2 1 
ATOM   106  N  N   . GLU A 1 20  ? -5.559  -8.003  11.037  1.00 26.84 ? 291 GLU A N   1 
ATOM   107  C  CA  . GLU A 1 20  ? -5.121  -7.159  12.133  1.00 29.18 ? 291 GLU A CA  1 
ATOM   108  C  C   . GLU A 1 20  ? -3.824  -6.368  11.814  1.00 24.84 ? 291 GLU A C   1 
ATOM   109  O  O   . GLU A 1 20  ? -3.555  -5.354  12.422  1.00 25.59 ? 291 GLU A O   1 
ATOM   110  C  CB  . GLU A 1 20  ? -4.924  -8.002  13.402  1.00 34.29 ? 291 GLU A CB  1 
ATOM   111  C  CG  . GLU A 1 20  ? -6.242  -8.546  13.960  1.00 40.03 ? 291 GLU A CG  1 
ATOM   112  C  CD  . GLU A 1 20  ? -6.879  -9.725  13.187  1.00 41.21 ? 291 GLU A CD  1 
ATOM   113  O  OE1 . GLU A 1 20  ? -6.225  -10.436 12.379  1.00 35.69 ? 291 GLU A OE1 1 
ATOM   114  O  OE2 . GLU A 1 20  ? -8.089  -9.969  13.421  1.00 48.24 ? 291 GLU A OE2 1 
ATOM   115  N  N   . GLN A 1 21  ? -3.048  -6.875  10.886  1.00 24.82 ? 292 GLN A N   1 
ATOM   116  C  CA  . GLN A 1 21  ? -1.832  -6.179  10.393  1.00 23.01 ? 292 GLN A CA  1 
ATOM   117  C  C   . GLN A 1 21  ? -2.111  -5.024  9.391   1.00 23.80 ? 292 GLN A C   1 
ATOM   118  O  O   . GLN A 1 21  ? -1.163  -4.287  9.046   1.00 20.57 ? 292 GLN A O   1 
ATOM   119  C  CB  . GLN A 1 21  ? -0.928  -7.160  9.690   1.00 24.83 ? 292 GLN A CB  1 
ATOM   120  C  CG  . GLN A 1 21  ? -0.193  -8.087  10.650  1.00 27.04 ? 292 GLN A CG  1 
ATOM   121  C  CD  . GLN A 1 21  ? 0.388   -9.289  9.961   1.00 28.10 ? 292 GLN A CD  1 
ATOM   122  O  OE1 . GLN A 1 21  ? -0.194  -10.415 9.961   1.00 26.17 ? 292 GLN A OE1 1 
ATOM   123  N  NE2 . GLN A 1 21  ? 1.548   -9.074  9.305   1.00 24.95 ? 292 GLN A NE2 1 
ATOM   124  N  N   . ILE A 1 22  ? -3.361  -4.875  8.962   1.00 21.12 ? 293 ILE A N   1 
ATOM   125  C  CA  . ILE A 1 22  ? -3.758  -3.862  7.978   1.00 21.77 ? 293 ILE A CA  1 
ATOM   126  C  C   . ILE A 1 22  ? -4.584  -2.795  8.648   1.00 22.34 ? 293 ILE A C   1 
ATOM   127  O  O   . ILE A 1 22  ? -5.570  -3.096  9.349   1.00 24.19 ? 293 ILE A O   1 
ATOM   128  C  CB  . ILE A 1 22  ? -4.539  -4.498  6.793   1.00 19.40 ? 293 ILE A CB  1 
ATOM   129  C  CG1 . ILE A 1 22  ? -3.771  -5.632  6.155   1.00 19.97 ? 293 ILE A CG1 1 
ATOM   130  C  CG2 . ILE A 1 22  ? -4.822  -3.437  5.716   1.00 21.20 ? 293 ILE A CG2 1 
ATOM   131  C  CD1 . ILE A 1 22  ? -4.557  -6.515  5.204   1.00 21.86 ? 293 ILE A CD1 1 
ATOM   132  N  N   . SER A 1 23  ? -4.215  -1.535  8.442   1.00 19.83 ? 294 SER A N   1 
ATOM   133  C  CA  . SER A 1 23  ? -4.929  -0.422  9.026   1.00 20.78 ? 294 SER A CA  1 
ATOM   134  C  C   . SER A 1 23  ? -4.880  0.791   8.089   1.00 20.87 ? 294 SER A C   1 
ATOM   135  O  O   . SER A 1 23  ? -4.261  0.707   7.034   1.00 21.06 ? 294 SER A O   1 
ATOM   136  C  CB  . SER A 1 23  ? -4.331  -0.118  10.389  1.00 23.14 ? 294 SER A CB  1 
ATOM   137  O  OG  . SER A 1 23  ? -3.003  0.396   10.308  1.00 24.28 ? 294 SER A OG  1 
ATOM   138  N  N   . ALA A 1 24  ? -5.480  1.891   8.482   1.00 21.32 ? 295 ALA A N   1 
ATOM   139  C  CA  . ALA A 1 24  ? -5.464  3.125   7.661   1.00 19.53 ? 295 ALA A CA  1 
ATOM   140  C  C   . ALA A 1 24  ? -5.673  4.335   8.493   1.00 22.73 ? 295 ALA A C   1 
ATOM   141  O  O   . ALA A 1 24  ? -6.191  4.251   9.618   1.00 23.79 ? 295 ALA A O   1 
ATOM   142  C  CB  . ALA A 1 24  ? -6.511  3.044   6.563   1.00 19.39 ? 295 ALA A CB  1 
ATOM   143  N  N   . SER A 1 25  ? -5.319  5.492   7.938   1.00 21.38 ? 296 SER A N   1 
ATOM   144  C  CA  . SER A 1 25  ? -5.612  6.769   8.521   1.00 21.85 ? 296 SER A CA  1 
ATOM   145  C  C   . SER A 1 25  ? -7.112  6.969   8.797   1.00 23.74 ? 296 SER A C   1 
ATOM   146  O  O   . SER A 1 25  ? -7.508  7.548   9.841   1.00 23.06 ? 296 SER A O   1 
ATOM   147  C  CB  . SER A 1 25  ? -5.064  7.888   7.622   1.00 21.17 ? 296 SER A CB  1 
ATOM   148  O  OG  . SER A 1 25  ? -5.626  7.747   6.305   1.00 20.12 ? 296 SER A OG  1 
ATOM   149  N  N   . SER A 1 26  ? -7.943  6.488   7.865   1.00 22.82 ? 297 SER A N   1 
ATOM   150  C  CA  . SER A 1 26  ? -9.388  6.607   7.951   1.00 22.85 ? 297 SER A CA  1 
ATOM   151  C  C   . SER A 1 26  ? -10.010 5.640   6.944   1.00 23.98 ? 297 SER A C   1 
ATOM   152  O  O   . SER A 1 26  ? -9.298  5.047   6.094   1.00 21.06 ? 297 SER A O   1 
ATOM   153  C  CB  . SER A 1 26  ? -9.875  8.031   7.689   1.00 23.08 ? 297 SER A CB  1 
ATOM   154  O  OG  . SER A 1 26  ? -9.755  8.381   6.311   1.00 23.60 ? 297 SER A OG  1 
ATOM   155  N  N   . THR A 1 27  ? -11.335 5.476   7.038   1.00 24.74 ? 298 THR A N   1 
ATOM   156  C  CA  . THR A 1 27  ? -12.060 4.648   6.086   1.00 24.85 ? 298 THR A CA  1 
ATOM   157  C  C   . THR A 1 27  ? -13.458 5.263   5.833   1.00 27.74 ? 298 THR A C   1 
ATOM   158  O  O   . THR A 1 27  ? -13.989 5.948   6.685   1.00 29.30 ? 298 THR A O   1 
ATOM   159  C  CB  . THR A 1 27  ? -12.154 3.183   6.537   1.00 28.05 ? 298 THR A CB  1 
ATOM   160  O  OG1 . THR A 1 27  ? -12.541 2.364   5.421   1.00 25.33 ? 298 THR A OG1 1 
ATOM   161  C  CG2 . THR A 1 27  ? -13.157 2.996   7.719   1.00 27.91 ? 298 THR A CG2 1 
ATOM   162  N  N   . TYR A 1 28  ? -13.993 5.040   4.638   1.00 27.33 ? 299 TYR A N   1 
ATOM   163  C  CA  . TYR A 1 28  ? -15.241 5.665   4.238   1.00 31.71 ? 299 TYR A CA  1 
ATOM   164  C  C   . TYR A 1 28  ? -16.366 5.289   5.231   1.00 30.71 ? 299 TYR A C   1 
ATOM   165  O  O   . TYR A 1 28  ? -16.477 4.148   5.616   1.00 30.53 ? 299 TYR A O   1 
ATOM   166  C  CB  . TYR A 1 28  ? -15.576 5.279   2.789   1.00 34.03 ? 299 TYR A CB  1 
ATOM   167  C  CG  . TYR A 1 28  ? -16.654 6.154   2.208   1.00 39.98 ? 299 TYR A CG  1 
ATOM   168  C  CD1 . TYR A 1 28  ? -16.522 7.544   2.218   1.00 39.70 ? 299 TYR A CD1 1 
ATOM   169  C  CD2 . TYR A 1 28  ? -17.833 5.598   1.688   1.00 39.79 ? 299 TYR A CD2 1 
ATOM   170  C  CE1 . TYR A 1 28  ? -17.522 8.355   1.720   1.00 45.77 ? 299 TYR A CE1 1 
ATOM   171  C  CE2 . TYR A 1 28  ? -18.836 6.405   1.192   1.00 42.21 ? 299 TYR A CE2 1 
ATOM   172  C  CZ  . TYR A 1 28  ? -18.673 7.778   1.210   1.00 45.73 ? 299 TYR A CZ  1 
ATOM   173  O  OH  . TYR A 1 28  ? -19.640 8.601   0.713   1.00 53.71 ? 299 TYR A OH  1 
ATOM   174  N  N   . SER A 1 29  ? -17.177 6.272   5.599   1.00 32.93 ? 300 SER A N   1 
ATOM   175  C  CA  . SER A 1 29  ? -18.112 6.186   6.727   1.00 38.53 ? 300 SER A CA  1 
ATOM   176  C  C   . SER A 1 29  ? -19.241 5.159   6.564   1.00 39.11 ? 300 SER A C   1 
ATOM   177  O  O   . SER A 1 29  ? -19.840 4.762   7.563   1.00 38.40 ? 300 SER A O   1 
ATOM   178  C  CB  . SER A 1 29  ? -18.708 7.582   7.019   1.00 41.27 ? 300 SER A CB  1 
ATOM   179  O  OG  . SER A 1 29  ? -19.347 8.111   5.860   1.00 40.70 ? 300 SER A OG  1 
ATOM   180  N  N   . ASP A 1 30  ? -19.497 4.686   5.343   1.00 37.43 ? 301 ASP A N   1 
ATOM   181  C  CA  . ASP A 1 30  ? -20.454 3.577   5.153   1.00 38.12 ? 301 ASP A CA  1 
ATOM   182  C  C   . ASP A 1 30  ? -19.928 2.180   5.432   1.00 37.60 ? 301 ASP A C   1 
ATOM   183  O  O   . ASP A 1 30  ? -20.682 1.221   5.297   1.00 38.44 ? 301 ASP A O   1 
ATOM   184  C  CB  . ASP A 1 30  ? -21.113 3.633   3.761   1.00 38.94 ? 301 ASP A CB  1 
ATOM   185  C  CG  . ASP A 1 30  ? -20.219 3.126   2.646   1.00 43.83 ? 301 ASP A CG  1 
ATOM   186  O  OD1 . ASP A 1 30  ? -19.003 2.866   2.872   1.00 42.67 ? 301 ASP A OD1 1 
ATOM   187  O  OD2 . ASP A 1 30  ? -20.742 2.996   1.525   1.00 41.80 ? 301 ASP A OD2 1 
ATOM   188  N  N   . GLY A 1 31  ? -18.632 2.021   5.733   1.00 34.00 ? 302 GLY A N   1 
ATOM   189  C  CA  . GLY A 1 31  ? -18.084 0.706   6.104   1.00 30.02 ? 302 GLY A CA  1 
ATOM   190  C  C   . GLY A 1 31  ? -17.903 -0.279  4.979   1.00 27.88 ? 302 GLY A C   1 
ATOM   191  O  O   . GLY A 1 31  ? -17.576 -1.437  5.216   1.00 29.74 ? 302 GLY A O   1 
ATOM   192  N  N   . ARG A 1 32  ? -18.066 0.175   3.741   1.00 29.69 ? 303 ARG A N   1 
ATOM   193  C  CA  . ARG A 1 32  ? -17.977 -0.692  2.558   1.00 29.59 ? 303 ARG A CA  1 
ATOM   194  C  C   . ARG A 1 32  ? -16.598 -0.659  1.859   1.00 27.32 ? 303 ARG A C   1 
ATOM   195  O  O   . ARG A 1 32  ? -16.394 -1.326  0.849   1.00 28.42 ? 303 ARG A O   1 
ATOM   196  C  CB  . ARG A 1 32  ? -19.096 -0.324  1.569   1.00 31.88 ? 303 ARG A CB  1 
ATOM   197  C  CG  . ARG A 1 32  ? -20.513 -0.614  2.115   1.00 33.65 ? 303 ARG A CG  1 
ATOM   198  C  CD  . ARG A 1 32  ? -20.767 -2.113  2.247   1.00 35.27 ? 303 ARG A CD  1 
ATOM   199  N  NE  . ARG A 1 32  ? -20.598 -2.719  0.934   1.00 37.27 ? 303 ARG A NE  1 
ATOM   200  C  CZ  . ARG A 1 32  ? -19.714 -3.651  0.586   1.00 35.02 ? 303 ARG A CZ  1 
ATOM   201  N  NH1 . ARG A 1 32  ? -18.893 -4.218  1.464   1.00 37.58 ? 303 ARG A NH1 1 
ATOM   202  N  NH2 . ARG A 1 32  ? -19.679 -4.032  -0.683  1.00 34.53 ? 303 ARG A NH2 1 
ATOM   203  N  N   . TRP A 1 33  ? -15.649 0.089   2.427   1.00 28.78 ? 304 TRP A N   1 
ATOM   204  C  CA  . TRP A 1 33  ? -14.330 0.296   1.798   1.00 24.91 ? 304 TRP A CA  1 
ATOM   205  C  C   . TRP A 1 33  ? -13.223 0.244   2.865   1.00 25.12 ? 304 TRP A C   1 
ATOM   206  O  O   . TRP A 1 33  ? -12.384 1.157   2.955   1.00 23.40 ? 304 TRP A O   1 
ATOM   207  C  CB  . TRP A 1 33  ? -14.305 1.625   1.036   1.00 24.82 ? 304 TRP A CB  1 
ATOM   208  C  CG  . TRP A 1 33  ? -15.344 1.751   -0.064  1.00 24.60 ? 304 TRP A CG  1 
ATOM   209  C  CD1 . TRP A 1 33  ? -16.696 2.035   0.088   1.00 28.36 ? 304 TRP A CD1 1 
ATOM   210  C  CD2 . TRP A 1 33  ? -15.116 1.630   -1.461  1.00 25.17 ? 304 TRP A CD2 1 
ATOM   211  N  NE1 . TRP A 1 33  ? -17.316 2.041   -1.146  1.00 27.46 ? 304 TRP A NE1 1 
ATOM   212  C  CE2 . TRP A 1 33  ? -16.372 1.789   -2.110  1.00 27.47 ? 304 TRP A CE2 1 
ATOM   213  C  CE3 . TRP A 1 33  ? -13.995 1.331   -2.229  1.00 23.25 ? 304 TRP A CE3 1 
ATOM   214  C  CZ2 . TRP A 1 33  ? -16.505 1.726   -3.482  1.00 26.73 ? 304 TRP A CZ2 1 
ATOM   215  C  CZ3 . TRP A 1 33  ? -14.114 1.274   -3.581  1.00 26.42 ? 304 TRP A CZ3 1 
ATOM   216  C  CH2 . TRP A 1 33  ? -15.383 1.452   -4.209  1.00 26.59 ? 304 TRP A CH2 1 
ATOM   217  N  N   . THR A 1 34  ? -13.224 -0.844  3.642   1.00 23.85 ? 305 THR A N   1 
ATOM   218  C  CA  . THR A 1 34  ? -12.384 -0.960  4.820   1.00 24.09 ? 305 THR A CA  1 
ATOM   219  C  C   . THR A 1 34  ? -10.927 -1.284  4.404   1.00 22.36 ? 305 THR A C   1 
ATOM   220  O  O   . THR A 1 34  ? -10.676 -1.735  3.299   1.00 21.08 ? 305 THR A O   1 
ATOM   221  C  CB  . THR A 1 34  ? -12.893 -2.084  5.781   1.00 24.10 ? 305 THR A CB  1 
ATOM   222  O  OG1 . THR A 1 34  ? -12.745 -3.350  5.159   1.00 23.66 ? 305 THR A OG1 1 
ATOM   223  C  CG2 . THR A 1 34  ? -14.390 -1.858  6.216   1.00 25.60 ? 305 THR A CG2 1 
ATOM   224  N  N   . PRO A 1 35  ? -9.965  -1.098  5.329   1.00 23.21 ? 306 PRO A N   1 
ATOM   225  C  CA  . PRO A 1 35  ? -8.563  -1.451  4.996   1.00 23.09 ? 306 PRO A CA  1 
ATOM   226  C  C   . PRO A 1 35  ? -8.359  -2.879  4.616   1.00 21.87 ? 306 PRO A C   1 
ATOM   227  O  O   . PRO A 1 35  ? -7.532  -3.189  3.758   1.00 21.08 ? 306 PRO A O   1 
ATOM   228  C  CB  . PRO A 1 35  ? -7.797  -1.115  6.286   1.00 20.37 ? 306 PRO A CB  1 
ATOM   229  C  CG  . PRO A 1 35  ? -8.638  -0.075  6.958   1.00 23.81 ? 306 PRO A CG  1 
ATOM   230  C  CD  . PRO A 1 35  ? -10.066 -0.355  6.584   1.00 23.25 ? 306 PRO A CD  1 
ATOM   231  N  N   . GLN A 1 36  ? -9.146  -3.789  5.226   1.00 23.63 ? 307 GLN A N   1 
ATOM   232  C  CA  . GLN A 1 36  ? -9.039  -5.194  4.971   1.00 24.09 ? 307 GLN A CA  1 
ATOM   233  C  C   . GLN A 1 36  ? -9.514  -5.583  3.577   1.00 25.77 ? 307 GLN A C   1 
ATOM   234  O  O   . GLN A 1 36  ? -9.206  -6.683  3.094   1.00 30.37 ? 307 GLN A O   1 
ATOM   235  C  CB  . GLN A 1 36  ? -9.820  -5.963  6.094   1.00 26.78 ? 307 GLN A CB  1 
ATOM   236  C  CG  . GLN A 1 36  ? -9.155  -5.837  7.465   1.00 25.07 ? 307 GLN A CG  1 
ATOM   237  C  CD  . GLN A 1 36  ? -9.276  -4.476  8.104   1.00 24.36 ? 307 GLN A CD  1 
ATOM   238  O  OE1 . GLN A 1 36  ? -10.236 -3.759  7.894   1.00 24.68 ? 307 GLN A OE1 1 
ATOM   239  N  NE2 . GLN A 1 36  ? -8.284  -4.100  8.878   1.00 26.67 ? 307 GLN A NE2 1 
ATOM   240  N  N   . GLN A 1 37  ? -10.205 -4.662  2.893   1.00 25.29 ? 308 GLN A N   1 
ATOM   241  C  CA  . GLN A 1 37  ? -10.554 -4.838  1.466   1.00 23.85 ? 308 GLN A CA  1 
ATOM   242  C  C   . GLN A 1 37  ? -9.462  -4.413  0.475   1.00 22.50 ? 308 GLN A C   1 
ATOM   243  O  O   . GLN A 1 37  ? -9.652  -4.506  -0.753  1.00 23.50 ? 308 GLN A O   1 
ATOM   244  C  CB  . GLN A 1 37  ? -11.899 -4.155  1.190   1.00 25.26 ? 308 GLN A CB  1 
ATOM   245  C  CG  . GLN A 1 37  ? -13.078 -4.888  1.861   1.00 27.13 ? 308 GLN A CG  1 
ATOM   246  C  CD  . GLN A 1 37  ? -14.294 -4.000  2.030   1.00 26.52 ? 308 GLN A CD  1 
ATOM   247  O  OE1 . GLN A 1 37  ? -14.535 -3.441  3.098   1.00 28.39 ? 308 GLN A OE1 1 
ATOM   248  N  NE2 . GLN A 1 37  ? -15.028 -3.816  0.964   1.00 28.73 ? 308 GLN A NE2 1 
ATOM   249  N  N   . SER A 1 38  ? -8.262  -4.049  0.981   1.00 21.09 ? 309 SER A N   1 
ATOM   250  C  CA  . SER A 1 38  ? -7.172  -3.597  0.104   1.00 19.77 ? 309 SER A CA  1 
ATOM   251  C  C   . SER A 1 38  ? -6.296  -4.725  -0.427  1.00 21.56 ? 309 SER A C   1 
ATOM   252  O  O   . SER A 1 38  ? -5.217  -4.473  -0.911  1.00 22.67 ? 309 SER A O   1 
ATOM   253  C  CB  . SER A 1 38  ? -6.292  -2.579  0.856   1.00 20.42 ? 309 SER A CB  1 
ATOM   254  O  OG  . SER A 1 38  ? -5.602  -3.193  1.915   1.00 18.70 ? 309 SER A OG  1 
ATOM   255  N  N   . ARG A 1 39  ? -6.709  -5.994  -0.325  1.00 22.15 ? 310 ARG A N   1 
ATOM   256  C  CA  . ARG A 1 39  ? -5.870  -7.069  -0.835  1.00 22.08 ? 310 ARG A CA  1 
ATOM   257  C  C   . ARG A 1 39  ? -5.939  -7.138  -2.347  1.00 21.99 ? 310 ARG A C   1 
ATOM   258  O  O   . ARG A 1 39  ? -7.031  -7.015  -2.932  1.00 24.32 ? 310 ARG A O   1 
ATOM   259  C  CB  . ARG A 1 39  ? -6.227  -8.420  -0.191  1.00 20.68 ? 310 ARG A CB  1 
ATOM   260  C  CG  . ARG A 1 39  ? -6.282  -8.394  1.306   1.00 21.76 ? 310 ARG A CG  1 
ATOM   261  C  CD  . ARG A 1 39  ? -6.800  -9.723  1.882   1.00 21.97 ? 310 ARG A CD  1 
ATOM   262  N  NE  . ARG A 1 39  ? -6.785  -9.696  3.307   1.00 23.66 ? 310 ARG A NE  1 
ATOM   263  C  CZ  . ARG A 1 39  ? -5.744  -9.983  4.084   1.00 24.83 ? 310 ARG A CZ  1 
ATOM   264  N  NH1 . ARG A 1 39  ? -4.547  -10.282 3.572   1.00 24.43 ? 310 ARG A NH1 1 
ATOM   265  N  NH2 . ARG A 1 39  ? -5.886  -9.892  5.391   1.00 25.65 ? 310 ARG A NH2 1 
ATOM   266  N  N   . LEU A 1 40  ? -4.783  -7.341  -2.984  1.00 20.64 ? 311 LEU A N   1 
ATOM   267  C  CA  . LEU A 1 40  ? -4.705  -7.392  -4.431  1.00 21.72 ? 311 LEU A CA  1 
ATOM   268  C  C   . LEU A 1 40  ? -5.711  -8.442  -4.952  1.00 25.12 ? 311 LEU A C   1 
ATOM   269  O  O   . LEU A 1 40  ? -5.872  -9.511  -4.337  1.00 23.23 ? 311 LEU A O   1 
ATOM   270  C  CB  . LEU A 1 40  ? -3.325  -7.719  -4.940  1.00 21.57 ? 311 LEU A CB  1 
ATOM   271  C  CG  . LEU A 1 40  ? -3.049  -7.287  -6.367  1.00 22.56 ? 311 LEU A CG  1 
ATOM   272  C  CD1 . LEU A 1 40  ? -2.717  -5.778  -6.428  1.00 23.25 ? 311 LEU A CD1 1 
ATOM   273  C  CD2 . LEU A 1 40  ? -1.929  -8.108  -7.008  1.00 22.59 ? 311 LEU A CD2 1 
ATOM   274  N  N   . HIS A 1 41  ? -6.370  -8.102  -6.050  1.00 24.88 ? 312 HIS A N   1 
ATOM   275  C  CA  . HIS A 1 41  ? -7.404  -9.006  -6.658  1.00 25.74 ? 312 HIS A CA  1 
ATOM   276  C  C   . HIS A 1 41  ? -8.625  -9.282  -5.774  1.00 28.40 ? 312 HIS A C   1 
ATOM   277  O  O   . HIS A 1 41  ? -9.450  -10.169 -6.079  1.00 31.19 ? 312 HIS A O   1 
ATOM   278  C  CB  . HIS A 1 41  ? -6.747  -10.298 -7.150  1.00 23.49 ? 312 HIS A CB  1 
ATOM   279  C  CG  . HIS A 1 41  ? -5.840  -10.104 -8.320  1.00 22.86 ? 312 HIS A CG  1 
ATOM   280  N  ND1 . HIS A 1 41  ? -4.926  -11.044 -8.723  1.00 24.43 ? 312 HIS A ND1 1 
ATOM   281  C  CD2 . HIS A 1 41  ? -5.692  -9.065  -9.176  1.00 26.01 ? 312 HIS A CD2 1 
ATOM   282  C  CE1 . HIS A 1 41  ? -4.270  -10.615 -9.787  1.00 25.00 ? 312 HIS A CE1 1 
ATOM   283  N  NE2 . HIS A 1 41  ? -4.702  -9.406  -10.070 1.00 27.28 ? 312 HIS A NE2 1 
ATOM   284  N  N   . GLY A 1 42  ? -8.827  -8.499  -4.726  1.00 26.84 ? 313 GLY A N   1 
ATOM   285  C  CA  . GLY A 1 42  ? -9.970  -8.714  -3.828  1.00 27.49 ? 313 GLY A CA  1 
ATOM   286  C  C   . GLY A 1 42  ? -11.240 -8.391  -4.610  1.00 29.82 ? 313 GLY A C   1 
ATOM   287  O  O   . GLY A 1 42  ? -11.235 -7.491  -5.469  1.00 27.79 ? 313 GLY A O   1 
ATOM   288  N  N   . ASP A 1 43  ? -12.329 -9.109  -4.320  1.00 28.87 ? 314 ASP A N   1 
ATOM   289  C  CA  . ASP A 1 43  ? -13.544 -9.018  -5.146  1.00 32.81 ? 314 ASP A CA  1 
ATOM   290  C  C   . ASP A 1 43  ? -14.592 -8.056  -4.575  1.00 32.52 ? 314 ASP A C   1 
ATOM   291  O  O   . ASP A 1 43  ? -15.650 -7.883  -5.192  1.00 37.22 ? 314 ASP A O   1 
ATOM   292  C  CB  . ASP A 1 43  ? -14.150 -10.430 -5.373  1.00 36.39 ? 314 ASP A CB  1 
ATOM   293  C  CG  . ASP A 1 43  ? -14.638 -11.084 -4.076  1.00 41.65 ? 314 ASP A CG  1 
ATOM   294  O  OD1 . ASP A 1 43  ? -14.553 -10.447 -3.010  1.00 45.38 ? 314 ASP A OD1 1 
ATOM   295  O  OD2 . ASP A 1 43  ? -15.101 -12.248 -4.091  1.00 47.19 ? 314 ASP A OD2 1 
ATOM   296  N  N   . ASP A 1 44  ? -14.331 -7.429  -3.418  1.00 29.29 ? 315 ASP A N   1 
ATOM   297  C  CA  . ASP A 1 44  ? -15.302 -6.542  -2.787  1.00 30.20 ? 315 ASP A CA  1 
ATOM   298  C  C   . ASP A 1 44  ? -14.727 -5.129  -2.501  1.00 27.72 ? 315 ASP A C   1 
ATOM   299  O  O   . ASP A 1 44  ? -14.139 -4.884  -1.451  1.00 27.21 ? 315 ASP A O   1 
ATOM   300  C  CB  . ASP A 1 44  ? -15.819 -7.181  -1.503  1.00 30.24 ? 315 ASP A CB  1 
ATOM   301  C  CG  . ASP A 1 44  ? -16.889 -6.347  -0.821  1.00 32.86 ? 315 ASP A CG  1 
ATOM   302  O  OD1 . ASP A 1 44  ? -17.486 -5.423  -1.441  1.00 36.97 ? 315 ASP A OD1 1 
ATOM   303  O  OD2 . ASP A 1 44  ? -17.132 -6.614  0.363   1.00 33.76 ? 315 ASP A OD2 1 
ATOM   304  N  N   . ASN A 1 45  ? -14.987 -4.223  -3.436  1.00 25.22 ? 316 ASN A N   1 
ATOM   305  C  CA  . ASN A 1 45  ? -14.529 -2.847  -3.416  1.00 22.76 ? 316 ASN A CA  1 
ATOM   306  C  C   . ASN A 1 45  ? -12.981 -2.799  -3.149  1.00 21.49 ? 316 ASN A C   1 
ATOM   307  O  O   . ASN A 1 45  ? -12.240 -3.549  -3.735  1.00 20.85 ? 316 ASN A O   1 
ATOM   308  C  CB  . ASN A 1 45  ? -15.390 -2.046  -2.425  1.00 22.87 ? 316 ASN A CB  1 
ATOM   309  C  CG  . ASN A 1 45  ? -16.856 -2.008  -2.835  1.00 25.09 ? 316 ASN A CG  1 
ATOM   310  O  OD1 . ASN A 1 45  ? -17.169 -2.288  -3.976  1.00 24.60 ? 316 ASN A OD1 1 
ATOM   311  N  ND2 . ASN A 1 45  ? -17.719 -1.616  -1.936  1.00 26.79 ? 316 ASN A ND2 1 
ATOM   312  N  N   . GLY A 1 46  ? -12.521 -1.903  -2.283  1.00 23.63 ? 317 GLY A N   1 
ATOM   313  C  CA  . GLY A 1 46  ? -11.062 -1.823  -1.949  1.00 22.04 ? 317 GLY A CA  1 
ATOM   314  C  C   . GLY A 1 46  ? -10.993 -0.888  -0.788  1.00 23.09 ? 317 GLY A C   1 
ATOM   315  O  O   . GLY A 1 46  ? -12.058 -0.553  -0.231  1.00 23.86 ? 317 GLY A O   1 
ATOM   316  N  N   . TRP A 1 47  ? -9.797  -0.434  -0.379  1.00 20.86 ? 318 TRP A N   1 
ATOM   317  C  CA  . TRP A 1 47  ? -9.761  0.595   0.667   1.00 19.57 ? 318 TRP A CA  1 
ATOM   318  C  C   . TRP A 1 47  ? -10.027 1.966   0.086   1.00 19.74 ? 318 TRP A C   1 
ATOM   319  O  O   . TRP A 1 47  ? -9.396  2.334   -0.904  1.00 20.18 ? 318 TRP A O   1 
ATOM   320  C  CB  . TRP A 1 47  ? -8.409  0.614   1.429   1.00 19.30 ? 318 TRP A CB  1 
ATOM   321  C  CG  . TRP A 1 47  ? -8.245  1.806   2.323   1.00 18.28 ? 318 TRP A CG  1 
ATOM   322  C  CD1 . TRP A 1 47  ? -8.888  2.040   3.504   1.00 18.98 ? 318 TRP A CD1 1 
ATOM   323  C  CD2 . TRP A 1 47  ? -7.415  2.950   2.095   1.00 18.29 ? 318 TRP A CD2 1 
ATOM   324  N  NE1 . TRP A 1 47  ? -8.512  3.268   4.031   1.00 20.82 ? 318 TRP A NE1 1 
ATOM   325  C  CE2 . TRP A 1 47  ? -7.588  3.836   3.201   1.00 18.80 ? 318 TRP A CE2 1 
ATOM   326  C  CE3 . TRP A 1 47  ? -6.539  3.325   1.067   1.00 19.36 ? 318 TRP A CE3 1 
ATOM   327  C  CZ2 . TRP A 1 47  ? -6.919  5.053   3.294   1.00 19.64 ? 318 TRP A CZ2 1 
ATOM   328  C  CZ3 . TRP A 1 47  ? -5.862  4.508   1.168   1.00 18.87 ? 318 TRP A CZ3 1 
ATOM   329  C  CH2 . TRP A 1 47  ? -6.059  5.376   2.270   1.00 18.93 ? 318 TRP A CH2 1 
ATOM   330  N  N   . THR A 1 48  ? -10.902 2.722   0.742   1.00 20.73 ? 319 THR A N   1 
ATOM   331  C  CA  . THR A 1 48  ? -11.089 4.146   0.517   1.00 20.36 ? 319 THR A CA  1 
ATOM   332  C  C   . THR A 1 48  ? -11.105 4.892   1.865   1.00 22.63 ? 319 THR A C   1 
ATOM   333  O  O   . THR A 1 48  ? -11.804 4.480   2.809   1.00 22.19 ? 319 THR A O   1 
ATOM   334  C  CB  . THR A 1 48  ? -12.387 4.409   -0.311  1.00 21.87 ? 319 THR A CB  1 
ATOM   335  O  OG1 . THR A 1 48  ? -12.216 3.879   -1.649  1.00 21.90 ? 319 THR A OG1 1 
ATOM   336  C  CG2 . THR A 1 48  ? -12.687 5.831   -0.418  1.00 22.17 ? 319 THR A CG2 1 
ATOM   337  N  N   . PRO A 1 49  ? -10.357 6.015   1.961   1.00 22.44 ? 320 PRO A N   1 
ATOM   338  C  CA  . PRO A 1 49  ? -10.449 6.814   3.182   1.00 23.50 ? 320 PRO A CA  1 
ATOM   339  C  C   . PRO A 1 49  ? -11.775 7.574   3.346   1.00 25.79 ? 320 PRO A C   1 
ATOM   340  O  O   . PRO A 1 49  ? -12.604 7.593   2.417   1.00 24.35 ? 320 PRO A O   1 
ATOM   341  C  CB  . PRO A 1 49  ? -9.326  7.808   3.031   1.00 22.66 ? 320 PRO A CB  1 
ATOM   342  C  CG  . PRO A 1 49  ? -9.162  7.959   1.549   1.00 22.28 ? 320 PRO A CG  1 
ATOM   343  C  CD  . PRO A 1 49  ? -9.386  6.591   0.999   1.00 21.29 ? 320 PRO A CD  1 
ATOM   344  N  N   . ASN A 1 50  ? -11.929 8.237   4.486   1.00 28.35 ? 321 ASN A N   1 
ATOM   345  C  CA  . ASN A 1 50  ? -13.147 9.009   4.761   1.00 30.68 ? 321 ASN A CA  1 
ATOM   346  C  C   . ASN A 1 50  ? -13.199 10.278  3.936   1.00 31.47 ? 321 ASN A C   1 
ATOM   347  O  O   . ASN A 1 50  ? -14.287 10.744  3.638   1.00 31.55 ? 321 ASN A O   1 
ATOM   348  C  CB  . ASN A 1 50  ? -13.266 9.322   6.248   1.00 32.43 ? 321 ASN A CB  1 
ATOM   349  C  CG  . ASN A 1 50  ? -14.628 9.932   6.629   1.00 39.02 ? 321 ASN A CG  1 
ATOM   350  O  OD1 . ASN A 1 50  ? -14.673 10.916  7.334   1.00 42.60 ? 321 ASN A OD1 1 
ATOM   351  N  ND2 . ASN A 1 50  ? -15.715 9.348   6.152   1.00 37.54 ? 321 ASN A ND2 1 
ATOM   352  N  N   . LEU A 1 51  ? -12.033 10.834  3.597   1.00 33.02 ? 322 LEU A N   1 
ATOM   353  C  CA  . LEU A 1 51  ? -11.865 12.049  2.773   1.00 32.37 ? 322 LEU A CA  1 
ATOM   354  C  C   . LEU A 1 51  ? -10.797 11.781  1.746   1.00 31.23 ? 322 LEU A C   1 
ATOM   355  O  O   . LEU A 1 51  ? -9.864  11.053  2.046   1.00 30.10 ? 322 LEU A O   1 
ATOM   356  C  CB  . LEU A 1 51  ? -11.369 13.219  3.636   1.00 37.07 ? 322 LEU A CB  1 
ATOM   357  C  CG  . LEU A 1 51  ? -12.308 13.763  4.715   1.00 41.81 ? 322 LEU A CG  1 
ATOM   358  C  CD1 . LEU A 1 51  ? -11.566 14.865  5.450   1.00 46.34 ? 322 LEU A CD1 1 
ATOM   359  C  CD2 . LEU A 1 51  ? -13.604 14.283  4.127   1.00 40.43 ? 322 LEU A CD2 1 
ATOM   360  N  N   . ASP A 1 52  ? -10.896 12.368  0.542   1.00 27.05 ? 323 ASP A N   1 
ATOM   361  C  CA  . ASP A 1 52  ? -9.846  12.210  -0.459  1.00 27.22 ? 323 ASP A CA  1 
ATOM   362  C  C   . ASP A 1 52  ? -8.828  13.332  -0.256  1.00 28.16 ? 323 ASP A C   1 
ATOM   363  O  O   . ASP A 1 52  ? -9.107  14.512  -0.481  1.00 30.92 ? 323 ASP A O   1 
ATOM   364  C  CB  . ASP A 1 52  ? -10.409 12.212  -1.878  1.00 28.86 ? 323 ASP A CB  1 
ATOM   365  C  CG  . ASP A 1 52  ? -11.262 10.988  -2.172  1.00 31.21 ? 323 ASP A CG  1 
ATOM   366  O  OD1 . ASP A 1 52  ? -10.839 9.868   -1.851  1.00 29.41 ? 323 ASP A OD1 1 
ATOM   367  O  OD2 . ASP A 1 52  ? -12.366 11.132  -2.731  1.00 34.76 ? 323 ASP A OD2 1 
ATOM   368  N  N   . SER A 1 53  ? -7.649  12.965  0.207   1.00 25.35 ? 324 SER A N   1 
ATOM   369  C  CA  . SER A 1 53  ? -6.598  13.940  0.375   1.00 26.48 ? 324 SER A CA  1 
ATOM   370  C  C   . SER A 1 53  ? -5.272  13.218  0.364   1.00 25.10 ? 324 SER A C   1 
ATOM   371  O  O   . SER A 1 53  ? -5.195  12.009  0.664   1.00 26.91 ? 324 SER A O   1 
ATOM   372  C  CB  . SER A 1 53  ? -6.791  14.744  1.687   1.00 29.11 ? 324 SER A CB  1 
ATOM   373  O  OG  . SER A 1 53  ? -5.934  14.309  2.709   1.00 28.32 ? 324 SER A OG  1 
ATOM   374  N  N   . ASN A 1 54  ? -4.218  13.980  0.138   1.00 23.81 ? 325 ASN A N   1 
ATOM   375  C  CA  . ASN A 1 54  ? -2.894  13.405  0.054   1.00 24.27 ? 325 ASN A CA  1 
ATOM   376  C  C   . ASN A 1 54  ? -2.239  13.166  1.429   1.00 24.95 ? 325 ASN A C   1 
ATOM   377  O  O   . ASN A 1 54  ? -1.064  12.892  1.467   1.00 26.66 ? 325 ASN A O   1 
ATOM   378  C  CB  . ASN A 1 54  ? -1.995  14.218  -0.881  1.00 28.28 ? 325 ASN A CB  1 
ATOM   379  C  CG  . ASN A 1 54  ? -1.699  15.629  -0.358  1.00 28.90 ? 325 ASN A CG  1 
ATOM   380  O  OD1 . ASN A 1 54  ? -1.962  15.948  0.787   1.00 28.86 ? 325 ASN A OD1 1 
ATOM   381  N  ND2 . ASN A 1 54  ? -1.185  16.475  -1.225  1.00 28.93 ? 325 ASN A ND2 1 
ATOM   382  N  N   . LYS A 1 55  ? -3.008  13.303  2.513   1.00 22.95 ? 326 LYS A N   1 
ATOM   383  C  CA  . LYS A 1 55  ? -2.601  12.981  3.886   1.00 24.32 ? 326 LYS A CA  1 
ATOM   384  C  C   . LYS A 1 55  ? -3.074  11.637  4.337   1.00 24.49 ? 326 LYS A C   1 
ATOM   385  O  O   . LYS A 1 55  ? -2.660  11.167  5.397   1.00 24.07 ? 326 LYS A O   1 
ATOM   386  C  CB  . LYS A 1 55  ? -3.168  14.032  4.858   1.00 28.82 ? 326 LYS A CB  1 
ATOM   387  C  CG  . LYS A 1 55  ? -2.673  15.412  4.495   1.00 34.54 ? 326 LYS A CG  1 
ATOM   388  C  CD  . LYS A 1 55  ? -3.443  16.527  5.175   1.00 43.21 ? 326 LYS A CD  1 
ATOM   389  C  CE  . LYS A 1 55  ? -2.795  17.872  4.787   1.00 49.54 ? 326 LYS A CE  1 
ATOM   390  N  NZ  . LYS A 1 55  ? -3.331  19.025  5.568   1.00 55.75 ? 326 LYS A NZ  1 
ATOM   391  N  N   . GLU A 1 56  ? -3.949  10.994  3.556   1.00 20.59 ? 327 GLU A N   1 
ATOM   392  C  CA  . GLU A 1 56  ? -4.470  9.688   3.950   1.00 20.09 ? 327 GLU A CA  1 
ATOM   393  C  C   . GLU A 1 56  ? -3.517  8.576   3.532   1.00 19.10 ? 327 GLU A C   1 
ATOM   394  O  O   . GLU A 1 56  ? -2.720  8.740   2.576   1.00 17.51 ? 327 GLU A O   1 
ATOM   395  C  CB  . GLU A 1 56  ? -5.845  9.444   3.298   1.00 22.05 ? 327 GLU A CB  1 
ATOM   396  C  CG  . GLU A 1 56  ? -6.883  10.501  3.613   1.00 22.66 ? 327 GLU A CG  1 
ATOM   397  C  CD  . GLU A 1 56  ? -7.519  10.376  4.977   1.00 24.90 ? 327 GLU A CD  1 
ATOM   398  O  OE1 . GLU A 1 56  ? -7.497  9.297   5.616   1.00 25.49 ? 327 GLU A OE1 1 
ATOM   399  O  OE2 . GLU A 1 56  ? -8.118  11.384  5.381   1.00 27.48 ? 327 GLU A OE2 1 
ATOM   400  N  N   . TYR A 1 57  ? -3.596  7.431   4.215   1.00 17.37 ? 328 TYR A N   1 
ATOM   401  C  CA  . TYR A 1 57  ? -2.752  6.279   3.921   1.00 17.75 ? 328 TYR A CA  1 
ATOM   402  C  C   . TYR A 1 57  ? -3.332  4.936   4.331   1.00 17.55 ? 328 TYR A C   1 
ATOM   403  O  O   . TYR A 1 57  ? -4.103  4.837   5.297   1.00 17.96 ? 328 TYR A O   1 
ATOM   404  C  CB  . TYR A 1 57  ? -1.352  6.398   4.544   1.00 19.73 ? 328 TYR A CB  1 
ATOM   405  C  CG  . TYR A 1 57  ? -1.365  6.610   6.020   1.00 20.39 ? 328 TYR A CG  1 
ATOM   406  C  CD1 . TYR A 1 57  ? -1.443  5.545   6.885   1.00 21.06 ? 328 TYR A CD1 1 
ATOM   407  C  CD2 . TYR A 1 57  ? -1.343  7.907   6.554   1.00 22.42 ? 328 TYR A CD2 1 
ATOM   408  C  CE1 . TYR A 1 57  ? -1.506  5.747   8.267   1.00 23.41 ? 328 TYR A CE1 1 
ATOM   409  C  CE2 . TYR A 1 57  ? -1.409  8.116   7.940   1.00 24.06 ? 328 TYR A CE2 1 
ATOM   410  C  CZ  . TYR A 1 57  ? -1.461  7.035   8.780   1.00 24.76 ? 328 TYR A CZ  1 
ATOM   411  O  OH  . TYR A 1 57  ? -1.510  7.191   10.152  1.00 25.60 ? 328 TYR A OH  1 
ATOM   412  N  N   . LEU A 1 58  ? -2.877  3.921   3.644   1.00 16.87 ? 329 LEU A N   1 
ATOM   413  C  CA  . LEU A 1 58  ? -3.098  2.530   3.992   1.00 17.76 ? 329 LEU A CA  1 
ATOM   414  C  C   . LEU A 1 58  ? -1.809  2.059   4.653   1.00 17.95 ? 329 LEU A C   1 
ATOM   415  O  O   . LEU A 1 58  ? -0.733  2.227   4.096   1.00 17.72 ? 329 LEU A O   1 
ATOM   416  C  CB  . LEU A 1 58  ? -3.369  1.709   2.767   1.00 18.24 ? 329 LEU A CB  1 
ATOM   417  C  CG  . LEU A 1 58  ? -3.681  0.214   2.876   1.00 19.23 ? 329 LEU A CG  1 
ATOM   418  C  CD1 . LEU A 1 58  ? -4.979  0.053   3.659   1.00 20.08 ? 329 LEU A CD1 1 
ATOM   419  C  CD2 . LEU A 1 58  ? -3.801  -0.358  1.491   1.00 23.82 ? 329 LEU A CD2 1 
ATOM   420  N  N   . GLN A 1 59  ? -1.913  1.425   5.822   1.00 17.49 ? 330 GLN A N   1 
ATOM   421  C  CA  . GLN A 1 59  ? -0.735  0.976   6.564   1.00 17.33 ? 330 GLN A CA  1 
ATOM   422  C  C   . GLN A 1 59  ? -0.709  -0.546  6.731   1.00 19.30 ? 330 GLN A C   1 
ATOM   423  O  O   . GLN A 1 59  ? -1.739  -1.167  7.065   1.00 18.86 ? 330 GLN A O   1 
ATOM   424  C  CB  . GLN A 1 59  ? -0.710  1.687   7.935   1.00 17.35 ? 330 GLN A CB  1 
ATOM   425  C  CG  . GLN A 1 59  ? 0.507   1.292   8.762   1.00 19.92 ? 330 GLN A CG  1 
ATOM   426  C  CD  . GLN A 1 59  ? 0.621   2.099   10.017  1.00 21.49 ? 330 GLN A CD  1 
ATOM   427  O  OE1 . GLN A 1 59  ? 0.681   3.312   9.998   1.00 22.25 ? 330 GLN A OE1 1 
ATOM   428  N  NE2 . GLN A 1 59  ? 0.642   1.410   11.126  1.00 23.60 ? 330 GLN A NE2 1 
ATOM   429  N  N   . VAL A 1 60  ? 0.458   -1.161  6.543   1.00 18.19 ? 331 VAL A N   1 
ATOM   430  C  CA  . VAL A 1 60  ? 0.606   -2.612  6.696   1.00 19.24 ? 331 VAL A CA  1 
ATOM   431  C  C   . VAL A 1 60  ? 1.763   -2.860  7.655   1.00 20.31 ? 331 VAL A C   1 
ATOM   432  O  O   . VAL A 1 60  ? 2.895   -2.410  7.412   1.00 16.45 ? 331 VAL A O   1 
ATOM   433  C  CB  . VAL A 1 60  ? 0.894   -3.295  5.369   1.00 18.44 ? 331 VAL A CB  1 
ATOM   434  C  CG1 . VAL A 1 60  ? 1.151   -4.794  5.529   1.00 19.15 ? 331 VAL A CG1 1 
ATOM   435  C  CG2 . VAL A 1 60  ? -0.281  -3.157  4.418   1.00 20.39 ? 331 VAL A CG2 1 
ATOM   436  N  N   . ASP A 1 61  ? 1.513   -3.619  8.733   1.00 20.44 ? 332 ASP A N   1 
ATOM   437  C  CA  . ASP A 1 61  ? 2.607   -4.086  9.603   1.00 19.01 ? 332 ASP A CA  1 
ATOM   438  C  C   . ASP A 1 61  ? 3.036   -5.472  9.177   1.00 18.73 ? 332 ASP A C   1 
ATOM   439  O  O   . ASP A 1 61  ? 2.254   -6.456  9.297   1.00 20.13 ? 332 ASP A O   1 
ATOM   440  C  CB  . ASP A 1 61  ? 2.094   -4.110  11.060  1.00 20.55 ? 332 ASP A CB  1 
ATOM   441  C  CG  . ASP A 1 61  ? 3.174   -4.562  12.075  1.00 24.96 ? 332 ASP A CG  1 
ATOM   442  O  OD1 . ASP A 1 61  ? 4.332   -4.817  11.691  1.00 21.63 ? 332 ASP A OD1 1 
ATOM   443  O  OD2 . ASP A 1 61  ? 2.843   -4.648  13.282  1.00 24.57 ? 332 ASP A OD2 1 
ATOM   444  N  N   . LEU A 1 62  ? 4.253   -5.605  8.640   1.00 16.46 ? 333 LEU A N   1 
ATOM   445  C  CA  . LEU A 1 62  ? 4.774   -6.884  8.209   1.00 18.39 ? 333 LEU A CA  1 
ATOM   446  C  C   . LEU A 1 62  ? 5.249   -7.764  9.374   1.00 19.84 ? 333 LEU A C   1 
ATOM   447  O  O   . LEU A 1 62  ? 5.654   -8.914  9.118   1.00 22.68 ? 333 LEU A O   1 
ATOM   448  C  CB  . LEU A 1 62  ? 5.959   -6.718  7.227   1.00 18.60 ? 333 LEU A CB  1 
ATOM   449  C  CG  . LEU A 1 62  ? 5.593   -5.974  5.926   1.00 17.70 ? 333 LEU A CG  1 
ATOM   450  C  CD1 . LEU A 1 62  ? 6.798   -5.603  5.027   1.00 18.89 ? 333 LEU A CD1 1 
ATOM   451  C  CD2 . LEU A 1 62  ? 4.571   -6.813  5.157   1.00 18.71 ? 333 LEU A CD2 1 
ATOM   452  N  N   . ARG A 1 63  ? 5.339   -7.190  10.566  1.00 21.72 ? 334 ARG A N   1 
ATOM   453  C  CA  . ARG A 1 63  ? 5.704   -7.893  11.794  1.00 28.81 ? 334 ARG A CA  1 
ATOM   454  C  C   . ARG A 1 63  ? 7.200   -8.191  11.975  1.00 25.18 ? 334 ARG A C   1 
ATOM   455  O  O   . ARG A 1 63  ? 7.676   -8.153  13.085  1.00 31.77 ? 334 ARG A O   1 
ATOM   456  C  CB  . ARG A 1 63  ? 4.844   -9.161  12.015  1.00 29.70 ? 334 ARG A CB  1 
ATOM   457  C  CG  . ARG A 1 63  ? 3.423   -8.803  12.424  1.00 34.52 ? 334 ARG A CG  1 
ATOM   458  C  CD  . ARG A 1 63  ? 2.656   -10.019 12.950  1.00 43.31 ? 334 ARG A CD  1 
ATOM   459  N  NE  . ARG A 1 63  ? 1.218   -9.716  13.088  1.00 52.38 ? 334 ARG A NE  1 
ATOM   460  C  CZ  . ARG A 1 63  ? 0.681   -8.891  13.996  1.00 60.48 ? 334 ARG A CZ  1 
ATOM   461  N  NH1 . ARG A 1 63  ? 1.441   -8.261  14.903  1.00 65.45 ? 334 ARG A NH1 1 
ATOM   462  N  NH2 . ARG A 1 63  ? -0.642  -8.689  14.011  1.00 64.72 ? 334 ARG A NH2 1 
ATOM   463  N  N   . PHE A 1 64  ? 7.910   -8.469  10.904  1.00 26.08 ? 335 PHE A N   1 
ATOM   464  C  CA  . PHE A 1 64  ? 9.320   -8.786  10.930  1.00 27.07 ? 335 PHE A CA  1 
ATOM   465  C  C   . PHE A 1 64  ? 10.035  -7.831  9.994   1.00 29.21 ? 335 PHE A C   1 
ATOM   466  O  O   . PHE A 1 64  ? 9.447   -7.306  9.024   1.00 23.82 ? 335 PHE A O   1 
ATOM   467  C  CB  . PHE A 1 64  ? 9.552   -10.233 10.476  1.00 30.04 ? 335 PHE A CB  1 
ATOM   468  C  CG  . PHE A 1 64  ? 8.770   -11.257 11.283  1.00 33.76 ? 335 PHE A CG  1 
ATOM   469  C  CD1 . PHE A 1 64  ? 9.225   -11.672 12.539  1.00 41.64 ? 335 PHE A CD1 1 
ATOM   470  C  CD2 . PHE A 1 64  ? 7.573   -11.773 10.808  1.00 39.97 ? 335 PHE A CD2 1 
ATOM   471  C  CE1 . PHE A 1 64  ? 8.495   -12.595 13.291  1.00 41.65 ? 335 PHE A CE1 1 
ATOM   472  C  CE2 . PHE A 1 64  ? 6.835   -12.690 11.546  1.00 41.81 ? 335 PHE A CE2 1 
ATOM   473  C  CZ  . PHE A 1 64  ? 7.304   -13.115 12.786  1.00 44.55 ? 335 PHE A CZ  1 
ATOM   474  N  N   . LEU A 1 65  ? 11.315  -7.626  10.277  1.00 26.72 ? 336 LEU A N   1 
ATOM   475  C  CA  . LEU A 1 65  ? 12.176  -6.898  9.373   1.00 27.64 ? 336 LEU A CA  1 
ATOM   476  C  C   . LEU A 1 65  ? 12.259  -7.579  8.021   1.00 23.95 ? 336 LEU A C   1 
ATOM   477  O  O   . LEU A 1 65  ? 12.509  -8.787  7.927   1.00 21.72 ? 336 LEU A O   1 
ATOM   478  C  CB  . LEU A 1 65  ? 13.558  -6.730  9.970   1.00 31.21 ? 336 LEU A CB  1 
ATOM   479  C  CG  . LEU A 1 65  ? 13.727  -5.418  10.735  1.00 42.33 ? 336 LEU A CG  1 
ATOM   480  C  CD1 . LEU A 1 65  ? 13.854  -4.253  9.752   1.00 43.48 ? 336 LEU A CD1 1 
ATOM   481  C  CD2 . LEU A 1 65  ? 12.622  -5.129  11.762  1.00 49.97 ? 336 LEU A CD2 1 
ATOM   482  N  N   . THR A 1 66  ? 11.988  -6.788  6.985   1.00 20.54 ? 337 THR A N   1 
ATOM   483  C  CA  . THR A 1 66  ? 11.773  -7.279  5.666   1.00 19.80 ? 337 THR A CA  1 
ATOM   484  C  C   . THR A 1 66  ? 12.424  -6.340  4.719   1.00 20.59 ? 337 THR A C   1 
ATOM   485  O  O   . THR A 1 66  ? 12.366  -5.121  4.942   1.00 22.35 ? 337 THR A O   1 
ATOM   486  C  CB  . THR A 1 66  ? 10.249  -7.281  5.364   1.00 20.57 ? 337 THR A CB  1 
ATOM   487  O  OG1 . THR A 1 66  ? 9.570   -8.073  6.326   1.00 21.63 ? 337 THR A OG1 1 
ATOM   488  C  CG2 . THR A 1 66  ? 9.909   -7.834  3.993   1.00 23.38 ? 337 THR A CG2 1 
ATOM   489  N  N   A MET A 1 67  ? 13.003  -6.902  3.672   0.50 20.52 ? 338 MET A N   1 
ATOM   490  N  N   B MET A 1 67  ? 13.051  -6.869  3.667   0.50 19.03 ? 338 MET A N   1 
ATOM   491  C  CA  A MET A 1 67  ? 13.533  -6.211  2.540   0.50 22.47 ? 338 MET A CA  1 
ATOM   492  C  CA  B MET A 1 67  ? 13.505  -6.059  2.554   0.50 19.90 ? 338 MET A CA  1 
ATOM   493  C  C   A MET A 1 67  ? 12.371  -6.051  1.533   0.50 22.09 ? 338 MET A C   1 
ATOM   494  C  C   B MET A 1 67  ? 12.429  -6.013  1.489   0.50 20.61 ? 338 MET A C   1 
ATOM   495  O  O   A MET A 1 67  ? 11.901  -7.067  0.992   0.50 21.18 ? 338 MET A O   1 
ATOM   496  O  O   B MET A 1 67  ? 12.120  -7.032  0.839   0.50 20.43 ? 338 MET A O   1 
ATOM   497  C  CB  A MET A 1 67  ? 14.641  -7.118  2.023   0.50 26.64 ? 338 MET A CB  1 
ATOM   498  C  CB  B MET A 1 67  ? 14.788  -6.588  1.983   0.50 20.48 ? 338 MET A CB  1 
ATOM   499  C  CG  A MET A 1 67  ? 15.526  -6.565  0.963   0.50 31.82 ? 338 MET A CG  1 
ATOM   500  C  CG  B MET A 1 67  ? 15.798  -6.796  3.077   0.50 22.91 ? 338 MET A CG  1 
ATOM   501  S  SD  A MET A 1 67  ? 17.275  -7.057  1.026   0.50 37.92 ? 338 MET A SD  1 
ATOM   502  S  SD  B MET A 1 67  ? 16.204  -5.362  4.074   0.50 25.46 ? 338 MET A SD  1 
ATOM   503  C  CE  A MET A 1 67  ? 17.295  -8.818  0.745   0.50 34.97 ? 338 MET A CE  1 
ATOM   504  C  CE  B MET A 1 67  ? 16.699  -4.269  2.774   0.50 23.47 ? 338 MET A CE  1 
ATOM   505  N  N   . LEU A 1 68  ? 11.877  -4.820  1.317   1.00 17.76 ? 339 LEU A N   1 
ATOM   506  C  CA  . LEU A 1 68  ? 10.804  -4.584  0.347   1.00 18.44 ? 339 LEU A CA  1 
ATOM   507  C  C   . LEU A 1 68  ? 11.415  -4.356  -1.029  1.00 19.63 ? 339 LEU A C   1 
ATOM   508  O  O   . LEU A 1 68  ? 12.289  -3.514  -1.163  1.00 18.39 ? 339 LEU A O   1 
ATOM   509  C  CB  . LEU A 1 68  ? 9.947   -3.387  0.783   1.00 19.31 ? 339 LEU A CB  1 
ATOM   510  C  CG  . LEU A 1 68  ? 8.807   -2.942  -0.130  1.00 18.57 ? 339 LEU A CG  1 
ATOM   511  C  CD1 . LEU A 1 68  ? 7.656   -3.963  -0.095  1.00 19.23 ? 339 LEU A CD1 1 
ATOM   512  C  CD2 . LEU A 1 68  ? 8.292   -1.572  0.274   1.00 18.18 ? 339 LEU A CD2 1 
ATOM   513  N  N   . THR A 1 69  ? 10.963  -5.099  -2.053  1.00 17.65 ? 340 THR A N   1 
ATOM   514  C  CA  . THR A 1 69  ? 11.503  -4.953  -3.403  1.00 17.92 ? 340 THR A CA  1 
ATOM   515  C  C   . THR A 1 69  ? 10.539  -4.489  -4.485  1.00 17.84 ? 340 THR A C   1 
ATOM   516  O  O   . THR A 1 69  ? 10.987  -4.050  -5.574  1.00 17.76 ? 340 THR A O   1 
ATOM   517  C  CB  . THR A 1 69  ? 12.163  -6.257  -3.869  1.00 19.58 ? 340 THR A CB  1 
ATOM   518  O  OG1 . THR A 1 69  ? 11.190  -7.321  -3.875  1.00 20.18 ? 340 THR A OG1 1 
ATOM   519  C  CG2 . THR A 1 69  ? 13.305  -6.621  -3.002  1.00 20.57 ? 340 THR A CG2 1 
ATOM   520  N  N   . ALA A 1 70  ? 9.246   -4.553  -4.206  1.00 17.12 ? 341 ALA A N   1 
ATOM   521  C  CA  . ALA A 1 70  ? 8.204   -4.121  -5.160  1.00 17.73 ? 341 ALA A CA  1 
ATOM   522  C  C   . ALA A 1 70  ? 6.852   -3.935  -4.507  1.00 17.09 ? 341 ALA A C   1 
ATOM   523  O  O   . ALA A 1 70  ? 6.553   -4.474  -3.433  1.00 16.68 ? 341 ALA A O   1 
ATOM   524  C  CB  . ALA A 1 70  ? 8.109   -5.055  -6.363  1.00 17.96 ? 341 ALA A CB  1 
ATOM   525  N  N   . ILE A 1 71  ? 6.068   -3.080  -5.136  1.00 16.38 ? 342 ILE A N   1 
ATOM   526  C  CA  . ILE A 1 71  ? 4.735   -2.764  -4.714  1.00 16.48 ? 342 ILE A CA  1 
ATOM   527  C  C   . ILE A 1 71  ? 3.839   -2.914  -5.967  1.00 16.02 ? 342 ILE A C   1 
ATOM   528  O  O   . ILE A 1 71  ? 4.124   -2.311  -7.025  1.00 16.16 ? 342 ILE A O   1 
ATOM   529  C  CB  . ILE A 1 71  ? 4.637   -1.313  -4.185  1.00 16.99 ? 342 ILE A CB  1 
ATOM   530  C  CG1 . ILE A 1 71  ? 5.617   -1.062  -3.021  1.00 18.55 ? 342 ILE A CG1 1 
ATOM   531  C  CG2 . ILE A 1 71  ? 3.248   -1.024  -3.707  1.00 18.47 ? 342 ILE A CG2 1 
ATOM   532  C  CD1 . ILE A 1 71  ? 5.884   0.392   -2.745  1.00 17.71 ? 342 ILE A CD1 1 
ATOM   533  N  N   . ALA A 1 72  ? 2.752   -3.669  -5.815  1.00 17.10 ? 343 ALA A N   1 
ATOM   534  C  CA  . ALA A 1 72  ? 1.675   -3.713  -6.853  1.00 15.97 ? 343 ALA A CA  1 
ATOM   535  C  C   . ALA A 1 72  ? 0.424   -3.051  -6.369  1.00 15.11 ? 343 ALA A C   1 
ATOM   536  O  O   . ALA A 1 72  ? 0.007   -3.236  -5.215  1.00 17.90 ? 343 ALA A O   1 
ATOM   537  C  CB  . ALA A 1 72  ? 1.385   -5.155  -7.256  1.00 17.79 ? 343 ALA A CB  1 
ATOM   538  N  N   . THR A 1 73  ? -0.234  -2.258  -7.224  1.00 15.07 ? 344 THR A N   1 
ATOM   539  C  CA  . THR A 1 73  ? -1.480  -1.637  -6.885  1.00 15.24 ? 344 THR A CA  1 
ATOM   540  C  C   . THR A 1 73  ? -2.531  -1.788  -8.026  1.00 16.36 ? 344 THR A C   1 
ATOM   541  O  O   . THR A 1 73  ? -2.149  -1.919  -9.184  1.00 18.46 ? 344 THR A O   1 
ATOM   542  C  CB  . THR A 1 73  ? -1.416  -0.139  -6.567  1.00 16.72 ? 344 THR A CB  1 
ATOM   543  O  OG1 . THR A 1 73  ? -0.985  0.561   -7.747  1.00 17.77 ? 344 THR A OG1 1 
ATOM   544  C  CG2 . THR A 1 73  ? -0.399  0.084   -5.398  1.00 16.40 ? 344 THR A CG2 1 
ATOM   545  N  N   . GLN A 1 74  ? -3.784  -1.756  -7.609  1.00 18.67 ? 345 GLN A N   1 
ATOM   546  C  CA  . GLN A 1 74  ? -5.001  -1.544  -8.430  1.00 19.50 ? 345 GLN A CA  1 
ATOM   547  C  C   . GLN A 1 74  ? -5.888  -0.493  -7.756  1.00 19.20 ? 345 GLN A C   1 
ATOM   548  O  O   . GLN A 1 74  ? -5.715  -0.158  -6.592  1.00 18.52 ? 345 GLN A O   1 
ATOM   549  C  CB  . GLN A 1 74  ? -5.839  -2.835  -8.487  1.00 21.78 ? 345 GLN A CB  1 
ATOM   550  C  CG  . GLN A 1 74  ? -5.174  -4.029  -9.049  1.00 23.21 ? 345 GLN A CG  1 
ATOM   551  C  CD  . GLN A 1 74  ? -6.010  -5.286  -8.771  1.00 24.12 ? 345 GLN A CD  1 
ATOM   552  O  OE1 . GLN A 1 74  ? -6.071  -5.758  -7.625  1.00 23.52 ? 345 GLN A OE1 1 
ATOM   553  N  NE2 . GLN A 1 74  ? -6.651  -5.833  -9.842  1.00 22.41 ? 345 GLN A NE2 1 
ATOM   554  N  N   . GLY A 1 75  ? -6.843  0.055   -8.506  1.00 19.03 ? 346 GLY A N   1 
ATOM   555  C  CA  . GLY A 1 75  ? -7.956  0.746   -7.939  1.00 18.36 ? 346 GLY A CA  1 
ATOM   556  C  C   . GLY A 1 75  ? -9.033  -0.269  -7.600  1.00 19.63 ? 346 GLY A C   1 
ATOM   557  O  O   . GLY A 1 75  ? -8.738  -1.455  -7.311  1.00 19.28 ? 346 GLY A O   1 
ATOM   558  N  N   . ALA A 1 76  ? -10.287 0.174   -7.662  1.00 20.49 ? 347 ALA A N   1 
ATOM   559  C  CA  . ALA A 1 76  ? -11.406 -0.780  -7.527  1.00 20.62 ? 347 ALA A CA  1 
ATOM   560  C  C   . ALA A 1 76  ? -12.641 -0.250  -8.200  1.00 23.59 ? 347 ALA A C   1 
ATOM   561  O  O   . ALA A 1 76  ? -12.829 0.963   -8.283  1.00 20.61 ? 347 ALA A O   1 
ATOM   562  C  CB  . ALA A 1 76  ? -11.746 -1.030  -6.064  1.00 21.21 ? 347 ALA A CB  1 
ATOM   563  N  N   . ILE A 1 77  ? -13.493 -1.206  -8.590  1.00 26.62 ? 348 ILE A N   1 
ATOM   564  C  CA  . ILE A 1 77  ? -14.877 -0.945  -9.051  1.00 26.18 ? 348 ILE A CA  1 
ATOM   565  C  C   . ILE A 1 77  ? -15.843 -1.131  -7.897  1.00 24.60 ? 348 ILE A C   1 
ATOM   566  O  O   . ILE A 1 77  ? -15.787 -2.133  -7.219  1.00 28.32 ? 348 ILE A O   1 
ATOM   567  C  CB  . ILE A 1 77  ? -15.216 -1.889  -10.242 1.00 26.87 ? 348 ILE A CB  1 
ATOM   568  C  CG1 . ILE A 1 77  ? -14.235 -1.658  -11.365 1.00 26.95 ? 348 ILE A CG1 1 
ATOM   569  C  CG2 . ILE A 1 77  ? -16.668 -1.679  -10.704 1.00 29.11 ? 348 ILE A CG2 1 
ATOM   570  C  CD1 . ILE A 1 77  ? -14.242 -2.709  -12.476 1.00 31.28 ? 348 ILE A CD1 1 
ATOM   571  N  N   . SER A 1 78  ? -16.691 -0.147  -7.660  1.00 23.72 ? 349 SER A N   1 
ATOM   572  C  CA  . SER A 1 78  ? -17.720 -0.231  -6.678  1.00 26.72 ? 349 SER A CA  1 
ATOM   573  C  C   . SER A 1 78  ? -18.739 -1.310  -7.028  1.00 30.03 ? 349 SER A C   1 
ATOM   574  O  O   . SER A 1 78  ? -19.269 -1.303  -8.152  1.00 29.29 ? 349 SER A O   1 
ATOM   575  C  CB  . SER A 1 78  ? -18.449 1.090   -6.580  1.00 27.54 ? 349 SER A CB  1 
ATOM   576  O  OG  . SER A 1 78  ? -19.647 0.955   -5.856  1.00 29.18 ? 349 SER A OG  1 
ATOM   577  N  N   . ARG A 1 79  ? -18.972 -2.224  -6.075  1.00 28.84 ? 350 ARG A N   1 
ATOM   578  C  CA  . ARG A 1 79  ? -20.007 -3.251  -6.223  1.00 34.07 ? 350 ARG A CA  1 
ATOM   579  C  C   . ARG A 1 79  ? -21.381 -2.620  -6.353  1.00 33.24 ? 350 ARG A C   1 
ATOM   580  O  O   . ARG A 1 79  ? -22.184 -3.105  -7.116  1.00 35.69 ? 350 ARG A O   1 
ATOM   581  C  CB  . ARG A 1 79  ? -20.019 -4.236  -5.051  1.00 36.86 ? 350 ARG A CB  1 
ATOM   582  C  CG  . ARG A 1 79  ? -19.146 -5.457  -5.267  1.00 44.86 ? 350 ARG A CG  1 
ATOM   583  C  CD  . ARG A 1 79  ? -19.939 -6.737  -5.010  1.00 50.55 ? 350 ARG A CD  1 
ATOM   584  N  NE  . ARG A 1 79  ? -19.041 -7.851  -4.736  1.00 56.60 ? 350 ARG A NE  1 
ATOM   585  C  CZ  . ARG A 1 79  ? -18.913 -8.495  -3.565  1.00 59.03 ? 350 ARG A CZ  1 
ATOM   586  N  NH1 . ARG A 1 79  ? -19.643 -8.182  -2.486  1.00 61.14 ? 350 ARG A NH1 1 
ATOM   587  N  NH2 . ARG A 1 79  ? -18.039 -9.491  -3.479  1.00 58.42 ? 350 ARG A NH2 1 
ATOM   588  N  N   . GLU A 1 80  ? -21.599 -1.520  -5.647  1.00 34.51 ? 351 GLU A N   1 
ATOM   589  C  CA  . GLU A 1 80  ? -22.896 -0.851  -5.559  1.00 37.48 ? 351 GLU A CA  1 
ATOM   590  C  C   . GLU A 1 80  ? -23.247 -0.008  -6.789  1.00 38.23 ? 351 GLU A C   1 
ATOM   591  O  O   . GLU A 1 80  ? -24.427 0.057   -7.151  1.00 38.79 ? 351 GLU A O   1 
ATOM   592  C  CB  . GLU A 1 80  ? -22.979 0.021   -4.286  1.00 40.54 ? 351 GLU A CB  1 
ATOM   593  C  CG  . GLU A 1 80  ? -22.985 -0.747  -2.948  1.00 42.54 ? 351 GLU A CG  1 
ATOM   594  C  CD  . GLU A 1 80  ? -21.675 -1.473  -2.602  1.00 44.82 ? 351 GLU A CD  1 
ATOM   595  O  OE1 . GLU A 1 80  ? -20.565 -0.932  -2.841  1.00 38.04 ? 351 GLU A OE1 1 
ATOM   596  O  OE2 . GLU A 1 80  ? -21.755 -2.615  -2.087  1.00 49.15 ? 351 GLU A OE2 1 
ATOM   597  N  N   . THR A 1 81  ? -22.265 0.639   -7.433  1.00 32.35 ? 352 THR A N   1 
ATOM   598  C  CA  . THR A 1 81  ? -22.537 1.572   -8.525  1.00 29.43 ? 352 THR A CA  1 
ATOM   599  C  C   . THR A 1 81  ? -21.844 1.238   -9.882  1.00 27.73 ? 352 THR A C   1 
ATOM   600  O  O   . THR A 1 81  ? -22.128 1.888   -10.887 1.00 28.75 ? 352 THR A O   1 
ATOM   601  C  CB  . THR A 1 81  ? -22.130 3.002   -8.107  1.00 32.42 ? 352 THR A CB  1 
ATOM   602  O  OG1 . THR A 1 81  ? -20.689 3.105   -8.066  1.00 32.24 ? 352 THR A OG1 1 
ATOM   603  C  CG2 . THR A 1 81  ? -22.715 3.404   -6.748  1.00 33.84 ? 352 THR A CG2 1 
ATOM   604  N  N   . GLN A 1 82  ? -20.915 0.279   -9.906  1.00 26.41 ? 353 GLN A N   1 
ATOM   605  C  CA  . GLN A 1 82  ? -20.027 -0.017  -11.065 1.00 27.92 ? 353 GLN A CA  1 
ATOM   606  C  C   . GLN A 1 82  ? -19.146 1.131   -11.579 1.00 25.02 ? 353 GLN A C   1 
ATOM   607  O  O   . GLN A 1 82  ? -18.528 1.006   -12.617 1.00 24.14 ? 353 GLN A O   1 
ATOM   608  C  CB  . GLN A 1 82  ? -20.818 -0.657  -12.256 1.00 32.54 ? 353 GLN A CB  1 
ATOM   609  C  CG  . GLN A 1 82  ? -21.707 -1.801  -11.862 1.00 35.53 ? 353 GLN A CG  1 
ATOM   610  C  CD  . GLN A 1 82  ? -20.977 -2.858  -11.089 1.00 40.91 ? 353 GLN A CD  1 
ATOM   611  O  OE1 . GLN A 1 82  ? -21.362 -3.190  -9.963  1.00 51.64 ? 353 GLN A OE1 1 
ATOM   612  N  NE2 . GLN A 1 82  ? -19.884 -3.378  -11.668 1.00 43.43 ? 353 GLN A NE2 1 
ATOM   613  N  N   . ASN A 1 83  ? -19.053 2.214   -10.822 1.00 23.57 ? 354 ASN A N   1 
ATOM   614  C  CA  . ASN A 1 83  ? -18.065 3.274   -11.045 1.00 26.67 ? 354 ASN A CA  1 
ATOM   615  C  C   . ASN A 1 83  ? -16.680 2.823   -10.547 1.00 25.64 ? 354 ASN A C   1 
ATOM   616  O  O   . ASN A 1 83  ? -16.602 2.079   -9.548  1.00 24.84 ? 354 ASN A O   1 
ATOM   617  C  CB  . ASN A 1 83  ? -18.500 4.515   -10.301 1.00 25.96 ? 354 ASN A CB  1 
ATOM   618  C  CG  . ASN A 1 83  ? -19.771 5.116   -10.898 1.00 31.17 ? 354 ASN A CG  1 
ATOM   619  O  OD1 . ASN A 1 83  ? -19.971 5.067   -12.107 1.00 32.95 ? 354 ASN A OD1 1 
ATOM   620  N  ND2 . ASN A 1 83  ? -20.572 5.714   -10.079 1.00 30.21 ? 354 ASN A ND2 1 
ATOM   621  N  N   . GLY A 1 84  ? -15.650 3.252   -11.276 1.00 25.49 ? 355 GLY A N   1 
ATOM   622  C  CA  . GLY A 1 84  ? -14.249 2.893   -11.051 1.00 25.35 ? 355 GLY A CA  1 
ATOM   623  C  C   . GLY A 1 84  ? -13.518 4.043   -10.314 1.00 25.19 ? 355 GLY A C   1 
ATOM   624  O  O   . GLY A 1 84  ? -13.771 5.222   -10.581 1.00 22.44 ? 355 GLY A O   1 
ATOM   625  N  N   . TYR A 1 85  ? -12.631 3.673   -9.381  1.00 23.95 ? 356 TYR A N   1 
ATOM   626  C  CA  . TYR A 1 85  ? -11.850 4.645   -8.581  1.00 23.20 ? 356 TYR A CA  1 
ATOM   627  C  C   . TYR A 1 85  ? -10.406 4.163   -8.552  1.00 22.57 ? 356 TYR A C   1 
ATOM   628  O  O   . TYR A 1 85  ? -10.185 2.951   -8.526  1.00 21.81 ? 356 TYR A O   1 
ATOM   629  C  CB  . TYR A 1 85  ? -12.385 4.727   -7.157  1.00 23.81 ? 356 TYR A CB  1 
ATOM   630  C  CG  . TYR A 1 85  ? -13.790 5.156   -7.136  1.00 26.68 ? 356 TYR A CG  1 
ATOM   631  C  CD1 . TYR A 1 85  ? -14.818 4.202   -7.243  1.00 27.71 ? 356 TYR A CD1 1 
ATOM   632  C  CD2 . TYR A 1 85  ? -14.127 6.501   -7.101  1.00 27.50 ? 356 TYR A CD2 1 
ATOM   633  C  CE1 . TYR A 1 85  ? -16.126 4.596   -7.284  1.00 30.18 ? 356 TYR A CE1 1 
ATOM   634  C  CE2 . TYR A 1 85  ? -15.450 6.908   -7.143  1.00 28.47 ? 356 TYR A CE2 1 
ATOM   635  C  CZ  . TYR A 1 85  ? -16.442 5.947   -7.218  1.00 31.06 ? 356 TYR A CZ  1 
ATOM   636  O  OH  . TYR A 1 85  ? -17.762 6.339   -7.266  1.00 34.65 ? 356 TYR A OH  1 
ATOM   637  N  N   . TYR A 1 86  ? -9.398  5.068   -8.636  1.00 19.20 ? 357 TYR A N   1 
ATOM   638  C  CA  . TYR A 1 86  ? -8.012  4.577   -8.627  1.00 17.80 ? 357 TYR A CA  1 
ATOM   639  C  C   . TYR A 1 86  ? -7.024  5.681   -8.230  1.00 17.71 ? 357 TYR A C   1 
ATOM   640  O  O   . TYR A 1 86  ? -7.237  6.864   -8.473  1.00 17.37 ? 357 TYR A O   1 
ATOM   641  C  CB  . TYR A 1 86  ? -7.524  3.896   -9.908  1.00 17.90 ? 357 TYR A CB  1 
ATOM   642  C  CG  . TYR A 1 86  ? -7.667  4.729   -11.179 1.00 19.05 ? 357 TYR A CG  1 
ATOM   643  C  CD1 . TYR A 1 86  ? -8.885  4.717   -11.897 1.00 20.28 ? 357 TYR A CD1 1 
ATOM   644  C  CD2 . TYR A 1 86  ? -6.639  5.531   -11.649 1.00 19.34 ? 357 TYR A CD2 1 
ATOM   645  C  CE1 . TYR A 1 86  ? -9.059  5.478   -13.055 1.00 20.62 ? 357 TYR A CE1 1 
ATOM   646  C  CE2 . TYR A 1 86  ? -6.811  6.308   -12.788 1.00 21.27 ? 357 TYR A CE2 1 
ATOM   647  C  CZ  . TYR A 1 86  ? -8.042  6.264   -13.483 1.00 21.77 ? 357 TYR A CZ  1 
ATOM   648  O  OH  . TYR A 1 86  ? -8.196  7.015   -14.617 1.00 20.82 ? 357 TYR A OH  1 
ATOM   649  N  N   . VAL A 1 87  ? -5.947  5.242   -7.603  1.00 19.61 ? 358 VAL A N   1 
ATOM   650  C  CA  . VAL A 1 87  ? -4.785  6.115   -7.316  1.00 16.35 ? 358 VAL A CA  1 
ATOM   651  C  C   . VAL A 1 87  ? -3.894  6.165   -8.532  1.00 16.16 ? 358 VAL A C   1 
ATOM   652  O  O   . VAL A 1 87  ? -3.508  5.125   -9.110  1.00 18.25 ? 358 VAL A O   1 
ATOM   653  C  CB  . VAL A 1 87  ? -4.020  5.541   -6.111  1.00 17.01 ? 358 VAL A CB  1 
ATOM   654  C  CG1 . VAL A 1 87  ? -2.758  6.381   -5.826  1.00 17.23 ? 358 VAL A CG1 1 
ATOM   655  C  CG2 . VAL A 1 87  ? -4.910  5.537   -4.891  1.00 17.57 ? 358 VAL A CG2 1 
ATOM   656  N  N   . LYS A 1 88  ? -3.491  7.382   -8.906  1.00 16.14 ? 359 LYS A N   1 
ATOM   657  C  CA  . LYS A 1 88  ? -2.600  7.610   -10.027 1.00 18.11 ? 359 LYS A CA  1 
ATOM   658  C  C   . LYS A 1 88  ? -1.117  7.745   -9.646  1.00 15.85 ? 359 LYS A C   1 
ATOM   659  O  O   . LYS A 1 88  ? -0.235  7.461   -10.429 1.00 14.91 ? 359 LYS A O   1 
ATOM   660  C  CB  . LYS A 1 88  ? -3.066  8.873   -10.753 1.00 21.13 ? 359 LYS A CB  1 
ATOM   661  C  CG  . LYS A 1 88  ? -4.467  8.786   -11.339 1.00 24.10 ? 359 LYS A CG  1 
ATOM   662  C  CD  . LYS A 1 88  ? -4.892  10.132  -11.927 1.00 28.94 ? 359 LYS A CD  1 
ATOM   663  C  CE  . LYS A 1 88  ? -4.117  10.398  -13.189 1.00 32.77 ? 359 LYS A CE  1 
ATOM   664  N  NZ  . LYS A 1 88  ? -4.669  11.632  -13.819 1.00 42.13 ? 359 LYS A NZ  1 
ATOM   665  N  N   . SER A 1 89  ? -0.851  8.207   -8.427  1.00 15.30 ? 360 SER A N   1 
ATOM   666  C  CA  . SER A 1 89  ? 0.516   8.262   -7.941  1.00 15.11 ? 360 SER A CA  1 
ATOM   667  C  C   . SER A 1 89  ? 0.466   8.192   -6.412  1.00 13.27 ? 360 SER A C   1 
ATOM   668  O  O   . SER A 1 89  ? -0.521  8.584   -5.789  1.00 15.38 ? 360 SER A O   1 
ATOM   669  C  CB  . SER A 1 89  ? 1.223   9.550   -8.382  1.00 14.84 ? 360 SER A CB  1 
ATOM   670  O  OG  . SER A 1 89  ? 0.668   10.705  -7.776  1.00 16.40 ? 360 SER A OG  1 
ATOM   671  N  N   . TYR A 1 90  ? 1.557   7.717   -5.837  1.00 14.97 ? 361 TYR A N   1 
ATOM   672  C  CA  . TYR A 1 90  ? 1.672   7.654   -4.353  1.00 14.31 ? 361 TYR A CA  1 
ATOM   673  C  C   . TYR A 1 90  ? 3.137   7.799   -3.890  1.00 14.03 ? 361 TYR A C   1 
ATOM   674  O  O   . TYR A 1 90  ? 4.090   7.552   -4.633  1.00 12.90 ? 361 TYR A O   1 
ATOM   675  C  CB  . TYR A 1 90  ? 1.120   6.311   -3.780  1.00 14.48 ? 361 TYR A CB  1 
ATOM   676  C  CG  . TYR A 1 90  ? 1.747   5.068   -4.310  1.00 16.07 ? 361 TYR A CG  1 
ATOM   677  C  CD1 . TYR A 1 90  ? 2.928   4.504   -3.773  1.00 15.75 ? 361 TYR A CD1 1 
ATOM   678  C  CD2 . TYR A 1 90  ? 1.158   4.388   -5.399  1.00 17.89 ? 361 TYR A CD2 1 
ATOM   679  C  CE1 . TYR A 1 90  ? 3.481   3.363   -4.323  1.00 16.64 ? 361 TYR A CE1 1 
ATOM   680  C  CE2 . TYR A 1 90  ? 1.727   3.239   -5.915  1.00 17.07 ? 361 TYR A CE2 1 
ATOM   681  C  CZ  . TYR A 1 90  ? 2.862   2.725   -5.387  1.00 18.38 ? 361 TYR A CZ  1 
ATOM   682  O  OH  . TYR A 1 90  ? 3.351   1.551   -5.965  1.00 22.23 ? 361 TYR A OH  1 
ATOM   683  N  N   . LYS A 1 91  ? 3.255   8.161   -2.623  1.00 13.99 ? 362 LYS A N   1 
ATOM   684  C  CA  . LYS A 1 91  ? 4.524   8.111   -1.875  1.00 14.02 ? 362 LYS A CA  1 
ATOM   685  C  C   . LYS A 1 91  ? 4.484   6.905   -0.936  1.00 13.93 ? 362 LYS A C   1 
ATOM   686  O  O   . LYS A 1 91  ? 3.423   6.328   -0.677  1.00 13.31 ? 362 LYS A O   1 
ATOM   687  C  CB  . LYS A 1 91  ? 4.716   9.402   -1.097  1.00 13.67 ? 362 LYS A CB  1 
ATOM   688  C  CG  . LYS A 1 91  ? 5.066   10.591  -2.017  1.00 14.35 ? 362 LYS A CG  1 
ATOM   689  C  CD  . LYS A 1 91  ? 5.149   11.893  -1.259  1.00 14.94 ? 362 LYS A CD  1 
ATOM   690  C  CE  . LYS A 1 91  ? 5.437   13.059  -2.195  1.00 16.62 ? 362 LYS A CE  1 
ATOM   691  N  NZ  . LYS A 1 91  ? 5.293   14.380  -1.543  1.00 17.06 ? 362 LYS A NZ  1 
ATOM   692  N  N   . LEU A 1 92  ? 5.658   6.519   -0.470  1.00 11.50 ? 363 LEU A N   1 
ATOM   693  C  CA  . LEU A 1 92  ? 5.814   5.406   0.406   1.00 13.15 ? 363 LEU A CA  1 
ATOM   694  C  C   . LEU A 1 92  ? 6.456   5.912   1.684   1.00 14.32 ? 363 LEU A C   1 
ATOM   695  O  O   . LEU A 1 92  ? 7.421   6.659   1.605   1.00 14.61 ? 363 LEU A O   1 
ATOM   696  C  CB  . LEU A 1 92  ? 6.722   4.384   -0.244  1.00 12.77 ? 363 LEU A CB  1 
ATOM   697  C  CG  . LEU A 1 92  ? 7.333   3.240   0.514   1.00 13.38 ? 363 LEU A CG  1 
ATOM   698  C  CD1 . LEU A 1 92  ? 6.293   2.231   0.991   1.00 13.29 ? 363 LEU A CD1 1 
ATOM   699  C  CD2 . LEU A 1 92  ? 8.425   2.560   -0.298  1.00 14.67 ? 363 LEU A CD2 1 
ATOM   700  N  N   A GLU A 1 93  ? 5.945   5.522   2.861   0.50 14.31 ? 364 GLU A N   1 
ATOM   701  N  N   B GLU A 1 93  ? 5.934   5.457   2.823   0.50 14.81 ? 364 GLU A N   1 
ATOM   702  C  CA  A GLU A 1 93  ? 6.554   5.982   4.152   0.50 13.71 ? 364 GLU A CA  1 
ATOM   703  C  CA  B GLU A 1 93  ? 6.596   5.752   4.086   0.50 14.78 ? 364 GLU A CA  1 
ATOM   704  C  C   A GLU A 1 93  ? 6.779   4.711   4.977   0.50 14.68 ? 364 GLU A C   1 
ATOM   705  C  C   B GLU A 1 93  ? 6.932   4.443   4.735   0.50 15.19 ? 364 GLU A C   1 
ATOM   706  O  O   A GLU A 1 93  ? 5.823   3.952   5.129   0.50 13.73 ? 364 GLU A O   1 
ATOM   707  O  O   B GLU A 1 93  ? 6.263   3.392   4.550   0.50 12.91 ? 364 GLU A O   1 
ATOM   708  C  CB  A GLU A 1 93  ? 5.660   7.020   4.861   0.50 14.07 ? 364 GLU A CB  1 
ATOM   709  C  CB  B GLU A 1 93  ? 5.753   6.565   5.014   0.50 15.88 ? 364 GLU A CB  1 
ATOM   710  C  CG  A GLU A 1 93  ? 6.279   7.802   6.057   0.50 14.53 ? 364 GLU A CG  1 
ATOM   711  C  CG  B GLU A 1 93  ? 5.096   7.760   4.373   0.50 17.32 ? 364 GLU A CG  1 
ATOM   712  C  CD  A GLU A 1 93  ? 5.292   8.717   6.803   0.50 14.52 ? 364 GLU A CD  1 
ATOM   713  C  CD  B GLU A 1 93  ? 4.651   8.769   5.398   0.50 19.05 ? 364 GLU A CD  1 
ATOM   714  O  OE1 A GLU A 1 93  ? 4.116   8.309   6.955   0.50 14.49 ? 364 GLU A OE1 1 
ATOM   715  O  OE1 B GLU A 1 93  ? 4.847   8.533   6.622   0.50 19.04 ? 364 GLU A OE1 1 
ATOM   716  O  OE2 A GLU A 1 93  ? 5.683   9.843   7.266   0.50 16.77 ? 364 GLU A OE2 1 
ATOM   717  O  OE2 B GLU A 1 93  ? 4.109   9.806   4.977   0.50 20.13 ? 364 GLU A OE2 1 
ATOM   718  N  N   . VAL A 1 94  ? 8.023   4.473   5.460   1.00 14.65 ? 365 VAL A N   1 
ATOM   719  C  CA  . VAL A 1 94  ? 8.465   3.235   6.082   1.00 15.65 ? 365 VAL A CA  1 
ATOM   720  C  C   . VAL A 1 94  ? 8.956   3.469   7.505   1.00 15.34 ? 365 VAL A C   1 
ATOM   721  O  O   . VAL A 1 94  ? 9.351   4.574   7.851   1.00 13.61 ? 365 VAL A O   1 
ATOM   722  C  CB  . VAL A 1 94  ? 9.552   2.520   5.277   1.00 16.65 ? 365 VAL A CB  1 
ATOM   723  C  CG1 . VAL A 1 94  ? 8.969   1.917   4.023   1.00 17.70 ? 365 VAL A CG1 1 
ATOM   724  C  CG2 . VAL A 1 94  ? 10.760  3.393   4.993   1.00 18.70 ? 365 VAL A CG2 1 
ATOM   725  N  N   . SER A 1 95  ? 8.959   2.393   8.286   1.00 17.22 ? 366 SER A N   1 
ATOM   726  C  CA  . SER A 1 95  ? 9.438   2.445   9.683   1.00 16.18 ? 366 SER A CA  1 
ATOM   727  C  C   . SER A 1 95  ? 9.830   1.051   10.106  1.00 16.67 ? 366 SER A C   1 
ATOM   728  O  O   . SER A 1 95  ? 9.144   0.091   9.751   1.00 16.13 ? 366 SER A O   1 
ATOM   729  C  CB  . SER A 1 95  ? 8.333   2.925   10.623  1.00 16.23 ? 366 SER A CB  1 
ATOM   730  O  OG  . SER A 1 95  ? 8.813   3.036   11.982  1.00 16.83 ? 366 SER A OG  1 
ATOM   731  N  N   . THR A 1 96  ? 10.901  0.933   10.881  1.00 15.76 ? 367 THR A N   1 
ATOM   732  C  CA  . THR A 1 96  ? 11.223  -0.336  11.530  1.00 18.13 ? 367 THR A CA  1 
ATOM   733  C  C   . THR A 1 96  ? 10.576  -0.501  12.907  1.00 20.53 ? 367 THR A C   1 
ATOM   734  O  O   . THR A 1 96  ? 10.508  -1.626  13.397  1.00 19.87 ? 367 THR A O   1 
ATOM   735  C  CB  . THR A 1 96  ? 12.726  -0.556  11.672  1.00 21.45 ? 367 THR A CB  1 
ATOM   736  O  OG1 . THR A 1 96  ? 13.266  0.579   12.326  1.00 21.70 ? 367 THR A OG1 1 
ATOM   737  C  CG2 . THR A 1 96  ? 13.355  -0.743  10.309  1.00 23.01 ? 367 THR A CG2 1 
ATOM   738  N  N   . ASN A 1 97  ? 10.064  0.573   13.508  1.00 20.01 ? 368 ASN A N   1 
ATOM   739  C  CA  . ASN A 1 97  ? 9.506   0.516   14.880  1.00 22.36 ? 368 ASN A CA  1 
ATOM   740  C  C   . ASN A 1 97  ? 8.099   1.022   15.062  1.00 25.00 ? 368 ASN A C   1 
ATOM   741  O  O   . ASN A 1 97  ? 7.547   0.904   16.159  1.00 26.51 ? 368 ASN A O   1 
ATOM   742  C  CB  . ASN A 1 97  ? 10.485  1.226   15.873  1.00 23.12 ? 368 ASN A CB  1 
ATOM   743  C  CG  . ASN A 1 97  ? 10.731  2.681   15.537  1.00 22.85 ? 368 ASN A CG  1 
ATOM   744  O  OD1 . ASN A 1 97  ? 9.966   3.319   14.809  1.00 19.09 ? 368 ASN A OD1 1 
ATOM   745  N  ND2 . ASN A 1 97  ? 11.835  3.199   16.020  1.00 25.18 ? 368 ASN A ND2 1 
ATOM   746  N  N   . GLY A 1 98  ? 7.482   1.614   14.029  1.00 21.42 ? 369 GLY A N   1 
ATOM   747  C  CA  . GLY A 1 98  ? 6.165   2.164   14.142  1.00 22.33 ? 369 GLY A CA  1 
ATOM   748  C  C   . GLY A 1 98  ? 6.086   3.543   14.725  1.00 21.87 ? 369 GLY A C   1 
ATOM   749  O  O   . GLY A 1 98  ? 5.001   4.075   14.832  1.00 22.21 ? 369 GLY A O   1 
ATOM   750  N  N   A GLU A 1 99  ? 7.235   4.128   15.049  0.50 21.39 ? 370 GLU A N   1 
ATOM   751  N  N   B GLU A 1 99  ? 7.230   4.130   15.102  0.50 20.64 ? 370 GLU A N   1 
ATOM   752  C  CA  A GLU A 1 99  ? 7.316   5.476   15.574  0.50 21.74 ? 370 GLU A CA  1 
ATOM   753  C  CA  B GLU A 1 99  ? 7.297   5.503   15.624  0.50 20.66 ? 370 GLU A CA  1 
ATOM   754  C  C   A GLU A 1 99  ? 8.082   6.452   14.717  0.50 19.94 ? 370 GLU A C   1 
ATOM   755  C  C   B GLU A 1 99  ? 8.092   6.466   14.746  0.50 19.29 ? 370 GLU A C   1 
ATOM   756  O  O   A GLU A 1 99  ? 7.637   7.576   14.507  0.50 20.80 ? 370 GLU A O   1 
ATOM   757  O  O   B GLU A 1 99  ? 7.668   7.600   14.539  0.50 20.06 ? 370 GLU A O   1 
ATOM   758  C  CB  A GLU A 1 99  ? 7.998   5.430   16.930  0.50 23.36 ? 370 GLU A CB  1 
ATOM   759  C  CB  B GLU A 1 99  ? 7.920   5.511   17.038  0.50 21.27 ? 370 GLU A CB  1 
ATOM   760  C  CG  A GLU A 1 99  ? 7.113   5.935   18.025  0.50 24.80 ? 370 GLU A CG  1 
ATOM   761  C  CG  B GLU A 1 99  ? 7.531   4.316   17.894  0.50 21.69 ? 370 GLU A CG  1 
ATOM   762  C  CD  A GLU A 1 99  ? 7.938   6.254   19.232  0.50 24.34 ? 370 GLU A CD  1 
ATOM   763  C  CD  B GLU A 1 99  ? 8.208   4.334   19.266  0.50 22.58 ? 370 GLU A CD  1 
ATOM   764  O  OE1 A GLU A 1 99  ? 8.562   5.327   19.781  0.50 25.80 ? 370 GLU A OE1 1 
ATOM   765  O  OE1 B GLU A 1 99  ? 9.145   5.154   19.498  0.50 21.91 ? 370 GLU A OE1 1 
ATOM   766  O  OE2 A GLU A 1 99  ? 8.026   7.439   19.572  0.50 24.39 ? 370 GLU A OE2 1 
ATOM   767  O  OE2 B GLU A 1 99  ? 7.822   3.508   20.099  0.50 24.59 ? 370 GLU A OE2 1 
ATOM   768  N  N   . ASP A 1 100 ? 9.264   6.044   14.272  1.00 18.14 ? 371 ASP A N   1 
ATOM   769  C  CA  . ASP A 1 100 ? 10.071  6.850   13.367  1.00 17.80 ? 371 ASP A CA  1 
ATOM   770  C  C   . ASP A 1 100 ? 9.672   6.528   11.919  1.00 17.89 ? 371 ASP A C   1 
ATOM   771  O  O   . ASP A 1 100 ? 9.908   5.414   11.455  1.00 19.56 ? 371 ASP A O   1 
ATOM   772  C  CB  . ASP A 1 100 ? 11.558  6.540   13.571  1.00 18.62 ? 371 ASP A CB  1 
ATOM   773  C  CG  . ASP A 1 100 ? 12.013  6.925   14.948  1.00 19.58 ? 371 ASP A CG  1 
ATOM   774  O  OD1 . ASP A 1 100 ? 11.969  8.128   15.262  1.00 19.31 ? 371 ASP A OD1 1 
ATOM   775  O  OD2 . ASP A 1 100 ? 12.356  6.023   15.743  1.00 20.41 ? 371 ASP A OD2 1 
ATOM   776  N  N   . TRP A 1 101 ? 9.116   7.525   11.238  1.00 17.56 ? 372 TRP A N   1 
ATOM   777  C  CA  . TRP A 1 101 ? 8.635   7.342   9.876   1.00 16.75 ? 372 TRP A CA  1 
ATOM   778  C  C   . TRP A 1 101 ? 9.482   8.149   8.890   1.00 16.00 ? 372 TRP A C   1 
ATOM   779  O  O   . TRP A 1 101 ? 9.728   9.338   9.132   1.00 18.33 ? 372 TRP A O   1 
ATOM   780  C  CB  . TRP A 1 101 ? 7.193   7.782   9.795   1.00 17.30 ? 372 TRP A CB  1 
ATOM   781  C  CG  . TRP A 1 101 ? 6.294   6.862   10.526  1.00 18.46 ? 372 TRP A CG  1 
ATOM   782  C  CD1 . TRP A 1 101 ? 5.855   7.041   11.815  1.00 19.84 ? 372 TRP A CD1 1 
ATOM   783  C  CD2 . TRP A 1 101 ? 5.722   5.633   10.067  1.00 19.10 ? 372 TRP A CD2 1 
ATOM   784  N  NE1 . TRP A 1 101 ? 5.073   5.984   12.202  1.00 19.96 ? 372 TRP A NE1 1 
ATOM   785  C  CE2 . TRP A 1 101 ? 4.961   5.106   11.153  1.00 18.91 ? 372 TRP A CE2 1 
ATOM   786  C  CE3 . TRP A 1 101 ? 5.783   4.908   8.862   1.00 18.49 ? 372 TRP A CE3 1 
ATOM   787  C  CZ2 . TRP A 1 101 ? 4.261   3.913   11.067  1.00 18.26 ? 372 TRP A CZ2 1 
ATOM   788  C  CZ3 . TRP A 1 101 ? 5.053   3.689   8.785   1.00 18.32 ? 372 TRP A CZ3 1 
ATOM   789  C  CH2 . TRP A 1 101 ? 4.328   3.215   9.894   1.00 19.57 ? 372 TRP A CH2 1 
ATOM   790  N  N   . MET A 1 102 ? 9.888   7.506   7.802   1.00 15.62 ? 373 MET A N   1 
ATOM   791  C  CA  . MET A 1 102 ? 10.686  8.151   6.746   1.00 16.46 ? 373 MET A CA  1 
ATOM   792  C  C   . MET A 1 102 ? 9.910   8.018   5.453   1.00 14.40 ? 373 MET A C   1 
ATOM   793  O  O   . MET A 1 102 ? 9.506   6.898   5.094   1.00 13.26 ? 373 MET A O   1 
ATOM   794  C  CB  . MET A 1 102 ? 12.032  7.461   6.580   1.00 18.22 ? 373 MET A CB  1 
ATOM   795  C  CG  . MET A 1 102 ? 12.837  7.927   5.369   1.00 22.16 ? 373 MET A CG  1 
ATOM   796  S  SD  . MET A 1 102 ? 14.374  7.007   5.173   1.00 27.94 ? 373 MET A SD  1 
ATOM   797  C  CE  . MET A 1 102 ? 13.739  5.442   4.554   1.00 28.36 ? 373 MET A CE  1 
ATOM   798  N  N   . VAL A 1 103 ? 9.718   9.141   4.771   1.00 14.10 ? 374 VAL A N   1 
ATOM   799  C  CA  . VAL A 1 103 ? 9.103   9.115   3.440   1.00 14.08 ? 374 VAL A CA  1 
ATOM   800  C  C   . VAL A 1 103 ? 10.265  8.729   2.525   1.00 14.37 ? 374 VAL A C   1 
ATOM   801  O  O   . VAL A 1 103 ? 11.340  9.379   2.544   1.00 14.85 ? 374 VAL A O   1 
ATOM   802  C  CB  . VAL A 1 103 ? 8.521   10.478  3.078   1.00 15.14 ? 374 VAL A CB  1 
ATOM   803  C  CG1 . VAL A 1 103 ? 7.955   10.462  1.678   1.00 17.28 ? 374 VAL A CG1 1 
ATOM   804  C  CG2 . VAL A 1 103 ? 7.421   10.898  4.048   1.00 16.48 ? 374 VAL A CG2 1 
ATOM   805  N  N   . TYR A 1 104 ? 10.085  7.650   1.790   1.00 13.53 ? 375 TYR A N   1 
ATOM   806  C  CA  . TYR A 1 104 ? 11.089  7.070   0.914   1.00 13.11 ? 375 TYR A CA  1 
ATOM   807  C  C   . TYR A 1 104 ? 11.519  8.097   -0.153  1.00 13.78 ? 375 TYR A C   1 
ATOM   808  O  O   . TYR A 1 104 ? 10.660  8.710   -0.813  1.00 14.10 ? 375 TYR A O   1 
ATOM   809  C  CB  . TYR A 1 104 ? 10.579  5.790   0.241   1.00 14.08 ? 375 TYR A CB  1 
ATOM   810  C  CG  . TYR A 1 104 ? 11.580  5.150   -0.711  1.00 13.72 ? 375 TYR A CG  1 
ATOM   811  C  CD1 . TYR A 1 104 ? 12.814  4.724   -0.269  1.00 15.52 ? 375 TYR A CD1 1 
ATOM   812  C  CD2 . TYR A 1 104 ? 11.293  4.984   -2.051  1.00 14.67 ? 375 TYR A CD2 1 
ATOM   813  C  CE1 . TYR A 1 104 ? 13.739  4.161   -1.146  1.00 16.71 ? 375 TYR A CE1 1 
ATOM   814  C  CE2 . TYR A 1 104 ? 12.213  4.429   -2.961  1.00 14.98 ? 375 TYR A CE2 1 
ATOM   815  C  CZ  . TYR A 1 104 ? 13.438  4.011   -2.509  1.00 15.84 ? 375 TYR A CZ  1 
ATOM   816  O  OH  . TYR A 1 104 ? 14.389  3.418   -3.334  1.00 17.18 ? 375 TYR A OH  1 
ATOM   817  N  N   . ARG A 1 105 ? 12.828  8.300   -0.239  1.00 15.69 ? 376 ARG A N   1 
ATOM   818  C  CA  . ARG A 1 105 ? 13.403  9.334   -1.129  1.00 16.96 ? 376 ARG A CA  1 
ATOM   819  C  C   . ARG A 1 105 ? 14.553  8.807   -1.948  1.00 15.75 ? 376 ARG A C   1 
ATOM   820  O  O   . ARG A 1 105 ? 15.192  7.835   -1.623  1.00 15.81 ? 376 ARG A O   1 
ATOM   821  C  CB  . ARG A 1 105 ? 13.835  10.605  -0.408  1.00 21.11 ? 376 ARG A CB  1 
ATOM   822  C  CG  . ARG A 1 105 ? 14.450  10.451  0.915   1.00 27.53 ? 376 ARG A CG  1 
ATOM   823  C  CD  . ARG A 1 105 ? 14.683  11.817  1.573   1.00 30.76 ? 376 ARG A CD  1 
ATOM   824  N  NE  . ARG A 1 105 ? 15.721  11.569  2.564   1.00 38.03 ? 376 ARG A NE  1 
ATOM   825  C  CZ  . ARG A 1 105 ? 15.506  11.235  3.842   1.00 46.20 ? 376 ARG A CZ  1 
ATOM   826  N  NH1 . ARG A 1 105 ? 14.269  11.144  4.372   1.00 48.14 ? 376 ARG A NH1 1 
ATOM   827  N  NH2 . ARG A 1 105 ? 16.563  11.024  4.624   1.00 51.35 ? 376 ARG A NH2 1 
ATOM   828  N  N   . HIS A 1 106 ? 14.804  9.513   -3.052  1.00 16.64 ? 377 HIS A N   1 
ATOM   829  C  CA  . HIS A 1 106 ? 16.044  9.430   -3.811  1.00 17.61 ? 377 HIS A CA  1 
ATOM   830  C  C   . HIS A 1 106 ? 16.748  10.784  -3.582  1.00 16.36 ? 377 HIS A C   1 
ATOM   831  O  O   . HIS A 1 106 ? 16.204  11.825  -3.987  1.00 16.84 ? 377 HIS A O   1 
ATOM   832  C  CB  . HIS A 1 106 ? 15.680  9.258   -5.290  1.00 19.50 ? 377 HIS A CB  1 
ATOM   833  C  CG  . HIS A 1 106 ? 15.145  7.920   -5.633  1.00 20.29 ? 377 HIS A CG  1 
ATOM   834  N  ND1 . HIS A 1 106 ? 14.700  7.626   -6.903  1.00 22.86 ? 377 HIS A ND1 1 
ATOM   835  C  CD2 . HIS A 1 106 ? 15.017  6.773   -4.919  1.00 21.74 ? 377 HIS A CD2 1 
ATOM   836  C  CE1 . HIS A 1 106 ? 14.337  6.359   -6.966  1.00 23.54 ? 377 HIS A CE1 1 
ATOM   837  N  NE2 . HIS A 1 106 ? 14.504  5.830   -5.774  1.00 21.26 ? 377 HIS A NE2 1 
ATOM   838  N  N   . GLY A 1 107 ? 17.857  10.757  -2.857  1.00 18.09 ? 378 GLY A N   1 
ATOM   839  C  CA  . GLY A 1 107 ? 18.553  11.955  -2.409  1.00 17.94 ? 378 GLY A CA  1 
ATOM   840  C  C   . GLY A 1 107 ? 17.640  12.722  -1.504  1.00 19.85 ? 378 GLY A C   1 
ATOM   841  O  O   . GLY A 1 107 ? 17.180  12.165  -0.499  1.00 19.92 ? 378 GLY A O   1 
ATOM   842  N  N   . LYS A 1 108 ? 17.306  13.956  -1.882  1.00 16.83 ? 379 LYS A N   1 
ATOM   843  C  CA  . LYS A 1 108 ? 16.433  14.786  -1.115  1.00 18.85 ? 379 LYS A CA  1 
ATOM   844  C  C   . LYS A 1 108 ? 14.999  14.830  -1.646  1.00 18.13 ? 379 LYS A C   1 
ATOM   845  O  O   . LYS A 1 108 ? 14.157  15.517  -1.063  1.00 18.71 ? 379 LYS A O   1 
ATOM   846  C  CB  . LYS A 1 108 ? 16.999  16.211  -1.070  1.00 23.33 ? 379 LYS A CB  1 
ATOM   847  C  CG  . LYS A 1 108 ? 18.299  16.290  -0.275  1.00 27.75 ? 379 LYS A CG  1 
ATOM   848  C  CD  . LYS A 1 108 ? 18.673  17.769  -0.094  1.00 36.15 ? 379 LYS A CD  1 
ATOM   849  C  CE  . LYS A 1 108 ? 20.180  17.974  -0.123  1.00 41.59 ? 379 LYS A CE  1 
ATOM   850  N  NZ  . LYS A 1 108 ? 20.463  19.435  -0.100  1.00 45.94 ? 379 LYS A NZ  1 
ATOM   851  N  N   . ASN A 1 109 ? 14.695  14.121  -2.725  1.00 15.92 ? 380 ASN A N   1 
ATOM   852  C  CA  . ASN A 1 109 ? 13.343  14.149  -3.275  1.00 15.35 ? 380 ASN A CA  1 
ATOM   853  C  C   . ASN A 1 109 ? 12.515  12.939  -2.854  1.00 14.64 ? 380 ASN A C   1 
ATOM   854  O  O   . ASN A 1 109 ? 12.972  11.825  -3.001  1.00 15.36 ? 380 ASN A O   1 
ATOM   855  C  CB  . ASN A 1 109 ? 13.386  14.110  -4.794  1.00 16.53 ? 380 ASN A CB  1 
ATOM   856  C  CG  . ASN A 1 109 ? 13.793  15.423  -5.403  1.00 17.31 ? 380 ASN A CG  1 
ATOM   857  O  OD1 . ASN A 1 109 ? 13.664  16.480  -4.796  1.00 19.26 ? 380 ASN A OD1 1 
ATOM   858  N  ND2 . ASN A 1 109 ? 14.241  15.360  -6.622  1.00 17.35 ? 380 ASN A ND2 1 
ATOM   859  N  N   . HIS A 1 110 ? 11.324  13.151  -2.329  1.00 14.42 ? 381 HIS A N   1 
ATOM   860  C  CA  . HIS A 1 110 ? 10.427  11.956  -2.123  1.00 13.97 ? 381 HIS A CA  1 
ATOM   861  C  C   . HIS A 1 110 ? 10.249  11.252  -3.453  1.00 14.79 ? 381 HIS A C   1 
ATOM   862  O  O   . HIS A 1 110 ? 10.024  11.926  -4.486  1.00 14.00 ? 381 HIS A O   1 
ATOM   863  C  CB  . HIS A 1 110 ? 9.099   12.410  -1.643  1.00 14.63 ? 381 HIS A CB  1 
ATOM   864  C  CG  . HIS A 1 110 ? 9.148   13.034  -0.277  1.00 14.79 ? 381 HIS A CG  1 
ATOM   865  N  ND1 . HIS A 1 110 ? 8.211   13.945  0.150   1.00 16.39 ? 381 HIS A ND1 1 
ATOM   866  C  CD2 . HIS A 1 110 ? 10.036  12.904  0.734   1.00 16.27 ? 381 HIS A CD2 1 
ATOM   867  C  CE1 . HIS A 1 110 ? 8.506   14.328  1.383   1.00 16.79 ? 381 HIS A CE1 1 
ATOM   868  N  NE2 . HIS A 1 110 ? 9.618   13.725  1.744   1.00 16.81 ? 381 HIS A NE2 1 
ATOM   869  N  N   . LYS A 1 111 ? 10.319  9.934   -3.421  1.00 14.85 ? 382 LYS A N   1 
ATOM   870  C  CA  . LYS A 1 111 ? 10.007  9.128   -4.588  1.00 15.50 ? 382 LYS A CA  1 
ATOM   871  C  C   . LYS A 1 111 ? 8.509   9.100   -4.826  1.00 15.54 ? 382 LYS A C   1 
ATOM   872  O  O   . LYS A 1 111 ? 7.732   8.689   -3.964  1.00 15.46 ? 382 LYS A O   1 
ATOM   873  C  CB  . LYS A 1 111 ? 10.618  7.751   -4.423  1.00 16.67 ? 382 LYS A CB  1 
ATOM   874  C  CG  . LYS A 1 111 ? 10.264  6.772   -5.533  1.00 19.12 ? 382 LYS A CG  1 
ATOM   875  C  CD  . LYS A 1 111 ? 10.703  7.192   -6.929  1.00 21.03 ? 382 LYS A CD  1 
ATOM   876  C  CE  . LYS A 1 111 ? 10.250  6.123   -7.965  1.00 25.71 ? 382 LYS A CE  1 
ATOM   877  N  NZ  . LYS A 1 111 ? 10.695  6.534   -9.320  1.00 26.64 ? 382 LYS A NZ  1 
ATOM   878  N  N   . VAL A 1 112 ? 8.043   9.531   -6.014  1.00 14.81 ? 383 VAL A N   1 
ATOM   879  C  CA  . VAL A 1 112 ? 6.610   9.501   -6.309  1.00 16.83 ? 383 VAL A CA  1 
ATOM   880  C  C   . VAL A 1 112 ? 6.441   8.387   -7.310  1.00 18.09 ? 383 VAL A C   1 
ATOM   881  O  O   . VAL A 1 112 ? 6.992   8.473   -8.406  1.00 17.90 ? 383 VAL A O   1 
ATOM   882  C  CB  . VAL A 1 112 ? 6.107   10.831  -6.859  1.00 18.00 ? 383 VAL A CB  1 
ATOM   883  C  CG1 . VAL A 1 112 ? 4.634   10.769  -7.302  1.00 19.24 ? 383 VAL A CG1 1 
ATOM   884  C  CG2 . VAL A 1 112 ? 6.325   11.937  -5.819  1.00 19.07 ? 383 VAL A CG2 1 
ATOM   885  N  N   . PHE A 1 113 ? 5.782   7.313   -6.889  1.00 16.83 ? 384 PHE A N   1 
ATOM   886  C  CA  . PHE A 1 113 ? 5.531   6.163   -7.753  1.00 17.29 ? 384 PHE A CA  1 
ATOM   887  C  C   . PHE A 1 113 ? 4.332   6.457   -8.639  1.00 17.63 ? 384 PHE A C   1 
ATOM   888  O  O   . PHE A 1 113 ? 3.299   6.888   -8.172  1.00 16.33 ? 384 PHE A O   1 
ATOM   889  C  CB  . PHE A 1 113 ? 5.296   4.900   -6.903  1.00 18.44 ? 384 PHE A CB  1 
ATOM   890  C  CG  . PHE A 1 113 ? 6.505   4.476   -6.115  1.00 18.15 ? 384 PHE A CG  1 
ATOM   891  C  CD1 . PHE A 1 113 ? 7.426   3.595   -6.647  1.00 18.33 ? 384 PHE A CD1 1 
ATOM   892  C  CD2 . PHE A 1 113 ? 6.675   4.889   -4.810  1.00 18.73 ? 384 PHE A CD2 1 
ATOM   893  C  CE1 . PHE A 1 113 ? 8.513   3.149   -5.924  1.00 19.38 ? 384 PHE A CE1 1 
ATOM   894  C  CE2 . PHE A 1 113 ? 7.803   4.487   -4.082  1.00 17.62 ? 384 PHE A CE2 1 
ATOM   895  C  CZ  . PHE A 1 113 ? 8.714   3.625   -4.637  1.00 18.96 ? 384 PHE A CZ  1 
ATOM   896  N  N   . GLN A 1 114 ? 4.490   6.215   -9.950  1.00 18.35 ? 385 GLN A N   1 
ATOM   897  C  CA  . GLN A 1 114 ? 3.350   6.291   -10.855 1.00 18.73 ? 385 GLN A CA  1 
ATOM   898  C  C   . GLN A 1 114 ? 2.571   4.987   -10.703 1.00 16.79 ? 385 GLN A C   1 
ATOM   899  O  O   . GLN A 1 114 ? 3.168   3.900   -10.682 1.00 18.61 ? 385 GLN A O   1 
ATOM   900  C  CB  . GLN A 1 114 ? 3.856   6.492   -12.325 1.00 22.16 ? 385 GLN A CB  1 
ATOM   901  C  CG  . GLN A 1 114 ? 4.576   7.819   -12.534 1.00 24.45 ? 385 GLN A CG  1 
ATOM   902  C  CD  . GLN A 1 114 ? 3.716   9.017   -12.179 1.00 27.20 ? 385 GLN A CD  1 
ATOM   903  O  OE1 . GLN A 1 114 ? 4.128   9.907   -11.411 1.00 31.65 ? 385 GLN A OE1 1 
ATOM   904  N  NE2 . GLN A 1 114 ? 2.507   9.035   -12.685 1.00 27.34 ? 385 GLN A NE2 1 
ATOM   905  N  N   . ALA A 1 115 ? 1.261   5.093   -10.607 1.00 17.43 ? 386 ALA A N   1 
ATOM   906  C  CA  . ALA A 1 115 ? 0.417   3.970   -10.223 1.00 16.78 ? 386 ALA A CA  1 
ATOM   907  C  C   . ALA A 1 115 ? -0.628  3.694   -11.337 1.00 17.64 ? 386 ALA A C   1 
ATOM   908  O  O   . ALA A 1 115 ? -0.203  3.444   -12.451 1.00 18.88 ? 386 ALA A O   1 
ATOM   909  C  CB  . ALA A 1 115 ? -0.214  4.204   -8.884  1.00 17.05 ? 386 ALA A CB  1 
ATOM   910  N  N   . ASN A 1 116 ? -1.895  3.765   -11.031 1.00 18.37 ? 387 ASN A N   1 
ATOM   911  C  CA  . ASN A 1 116 ? -2.925  3.220   -11.954 1.00 20.75 ? 387 ASN A CA  1 
ATOM   912  C  C   . ASN A 1 116 ? -3.446  4.217   -12.943 1.00 21.88 ? 387 ASN A C   1 
ATOM   913  O  O   . ASN A 1 116 ? -3.376  5.413   -12.760 1.00 18.66 ? 387 ASN A O   1 
ATOM   914  C  CB  . ASN A 1 116 ? -4.016  2.541   -11.158 1.00 19.89 ? 387 ASN A CB  1 
ATOM   915  C  CG  . ASN A 1 116 ? -3.462  1.333   -10.407 1.00 21.96 ? 387 ASN A CG  1 
ATOM   916  O  OD1 . ASN A 1 116 ? -3.273  1.394   -9.177  1.00 21.07 ? 387 ASN A OD1 1 
ATOM   917  N  ND2 . ASN A 1 116 ? -3.136  0.247   -11.147 1.00 19.98 ? 387 ASN A ND2 1 
ATOM   918  N  N   . ASN A 1 117 ? -3.971  3.709   -14.055 1.00 24.76 ? 388 ASN A N   1 
ATOM   919  C  CA  . ASN A 1 117 ? -4.747  4.585   -14.946 1.00 25.66 ? 388 ASN A CA  1 
ATOM   920  C  C   . ASN A 1 117 ? -6.140  4.025   -15.280 1.00 28.82 ? 388 ASN A C   1 
ATOM   921  O  O   . ASN A 1 117 ? -6.803  4.542   -16.193 1.00 23.41 ? 388 ASN A O   1 
ATOM   922  C  CB  . ASN A 1 117 ? -3.963  4.882   -16.219 1.00 30.61 ? 388 ASN A CB  1 
ATOM   923  C  CG  . ASN A 1 117 ? -3.784  3.652   -17.069 1.00 32.22 ? 388 ASN A CG  1 
ATOM   924  O  OD1 . ASN A 1 117 ? -4.214  2.584   -16.686 1.00 32.91 ? 388 ASN A OD1 1 
ATOM   925  N  ND2 . ASN A 1 117 ? -3.088  3.788   -18.197 1.00 39.06 ? 388 ASN A ND2 1 
ATOM   926  N  N   . ASP A 1 118 ? -6.594  3.039   -14.509 1.00 24.25 ? 389 ASP A N   1 
ATOM   927  C  CA  . ASP A 1 118 ? -7.944  2.492   -14.617 1.00 25.86 ? 389 ASP A CA  1 
ATOM   928  C  C   . ASP A 1 118 ? -8.154  1.727   -13.331 1.00 26.70 ? 389 ASP A C   1 
ATOM   929  O  O   . ASP A 1 118 ? -7.215  1.632   -12.531 1.00 22.90 ? 389 ASP A O   1 
ATOM   930  C  CB  . ASP A 1 118 ? -8.114  1.591   -15.877 1.00 27.48 ? 389 ASP A CB  1 
ATOM   931  C  CG  . ASP A 1 118 ? -7.245  0.343   -15.855 1.00 31.26 ? 389 ASP A CG  1 
ATOM   932  O  OD1 . ASP A 1 118 ? -6.915  -0.167  -14.779 1.00 30.61 ? 389 ASP A OD1 1 
ATOM   933  O  OD2 . ASP A 1 118 ? -6.892  -0.190  -16.936 1.00 35.87 ? 389 ASP A OD2 1 
ATOM   934  N  N   . ALA A 1 119 ? -9.358  1.184   -13.139 1.00 25.96 ? 390 ALA A N   1 
ATOM   935  C  CA  . ALA A 1 119 ? -9.728  0.575   -11.875 1.00 26.70 ? 390 ALA A CA  1 
ATOM   936  C  C   . ALA A 1 119 ? -9.298  -0.882  -11.739 1.00 30.98 ? 390 ALA A C   1 
ATOM   937  O  O   . ALA A 1 119 ? -9.319  -1.409  -10.621 1.00 31.51 ? 390 ALA A O   1 
ATOM   938  C  CB  . ALA A 1 119 ? -11.198 0.732   -11.587 1.00 26.41 ? 390 ALA A CB  1 
ATOM   939  N  N   . THR A 1 120 ? -8.849  -1.536  -12.812 1.00 29.36 ? 391 THR A N   1 
ATOM   940  C  CA  . THR A 1 120 ? -8.632  -2.979  -12.689 1.00 32.62 ? 391 THR A CA  1 
ATOM   941  C  C   . THR A 1 120 ? -7.266  -3.509  -12.957 1.00 26.48 ? 391 THR A C   1 
ATOM   942  O  O   . THR A 1 120 ? -6.921  -4.535  -12.385 1.00 30.44 ? 391 THR A O   1 
ATOM   943  C  CB  . THR A 1 120 ? -9.653  -3.800  -13.508 1.00 35.62 ? 391 THR A CB  1 
ATOM   944  O  OG1 . THR A 1 120 ? -9.280  -3.791  -14.883 1.00 38.94 ? 391 THR A OG1 1 
ATOM   945  C  CG2 . THR A 1 120 ? -11.009 -3.248  -13.344 1.00 36.76 ? 391 THR A CG2 1 
ATOM   946  N  N   . GLU A 1 121 ? -6.467  -2.863  -13.792 1.00 24.84 ? 392 GLU A N   1 
ATOM   947  C  CA  . GLU A 1 121 ? -5.178  -3.424  -14.125 1.00 25.51 ? 392 GLU A CA  1 
ATOM   948  C  C   . GLU A 1 121 ? -4.210  -3.254  -12.949 1.00 25.66 ? 392 GLU A C   1 
ATOM   949  O  O   . GLU A 1 121 ? -4.318  -2.273  -12.240 1.00 22.38 ? 392 GLU A O   1 
ATOM   950  C  CB  . GLU A 1 121 ? -4.598  -2.774  -15.365 1.00 31.62 ? 392 GLU A CB  1 
ATOM   951  C  CG  . GLU A 1 121 ? -5.402  -3.054  -16.631 1.00 39.37 ? 392 GLU A CG  1 
ATOM   952  C  CD  . GLU A 1 121 ? -5.634  -4.538  -16.856 1.00 48.09 ? 392 GLU A CD  1 
ATOM   953  O  OE1 . GLU A 1 121 ? -4.635  -5.299  -16.883 1.00 50.73 ? 392 GLU A OE1 1 
ATOM   954  O  OE2 . GLU A 1 121 ? -6.819  -4.941  -16.966 1.00 54.92 ? 392 GLU A OE2 1 
ATOM   955  N  N   . VAL A 1 122 ? -3.351  -4.253  -12.755 1.00 23.60 ? 393 VAL A N   1 
ATOM   956  C  CA  . VAL A 1 122 ? -2.266  -4.196  -11.760 1.00 24.00 ? 393 VAL A CA  1 
ATOM   957  C  C   . VAL A 1 122 ? -1.111  -3.417  -12.317 1.00 22.91 ? 393 VAL A C   1 
ATOM   958  O  O   . VAL A 1 122 ? -0.670  -3.681  -13.444 1.00 23.93 ? 393 VAL A O   1 
ATOM   959  C  CB  . VAL A 1 122 ? -1.812  -5.619  -11.348 1.00 22.82 ? 393 VAL A CB  1 
ATOM   960  C  CG1 . VAL A 1 122 ? -0.570  -5.557  -10.430 1.00 22.78 ? 393 VAL A CG1 1 
ATOM   961  C  CG2 . VAL A 1 122 ? -2.954  -6.328  -10.607 1.00 21.68 ? 393 VAL A CG2 1 
ATOM   962  N  N   . VAL A 1 123 ? -0.593  -2.433  -11.544 1.00 20.89 ? 394 VAL A N   1 
ATOM   963  C  CA  . VAL A 1 123 ? 0.663   -1.763  -11.925 1.00 21.02 ? 394 VAL A CA  1 
ATOM   964  C  C   . VAL A 1 123 ? 1.709   -2.138  -10.875 1.00 19.55 ? 394 VAL A C   1 
ATOM   965  O  O   . VAL A 1 123 ? 1.442   -1.980  -9.680  1.00 17.60 ? 394 VAL A O   1 
ATOM   966  C  CB  . VAL A 1 123 ? 0.514   -0.240  -12.019 1.00 20.99 ? 394 VAL A CB  1 
ATOM   967  C  CG1 . VAL A 1 123 ? 1.883   0.414   -12.206 1.00 20.71 ? 394 VAL A CG1 1 
ATOM   968  C  CG2 . VAL A 1 123 ? -0.442  0.102   -13.183 1.00 22.18 ? 394 VAL A CG2 1 
ATOM   969  N  N   . LEU A 1 124 ? 2.820   -2.670  -11.341 1.00 18.89 ? 395 LEU A N   1 
ATOM   970  C  CA  . LEU A 1 124 ? 3.917   -3.093  -10.497 1.00 23.43 ? 395 LEU A CA  1 
ATOM   971  C  C   . LEU A 1 124 ? 5.083   -2.082  -10.571 1.00 24.88 ? 395 LEU A C   1 
ATOM   972  O  O   . LEU A 1 124 ? 5.592   -1.797  -11.661 1.00 25.28 ? 395 LEU A O   1 
ATOM   973  C  CB  . LEU A 1 124 ? 4.392   -4.461  -10.924 1.00 24.62 ? 395 LEU A CB  1 
ATOM   974  C  CG  . LEU A 1 124 ? 5.582   -5.081  -10.195 1.00 26.83 ? 395 LEU A CG  1 
ATOM   975  C  CD1 . LEU A 1 124 ? 5.111   -5.565  -8.834  1.00 27.27 ? 395 LEU A CD1 1 
ATOM   976  C  CD2 . LEU A 1 124 ? 6.199   -6.221  -11.021 1.00 30.50 ? 395 LEU A CD2 1 
ATOM   977  N  N   . ASN A 1 125 ? 5.482   -1.561  -9.406  1.00 21.43 ? 396 ASN A N   1 
ATOM   978  C  CA  . ASN A 1 125 ? 6.703   -0.744  -9.290  1.00 21.71 ? 396 ASN A CA  1 
ATOM   979  C  C   . ASN A 1 125 ? 7.783   -1.508  -8.559  1.00 19.74 ? 396 ASN A C   1 
ATOM   980  O  O   . ASN A 1 125 ? 7.601   -1.855  -7.395  1.00 19.21 ? 396 ASN A O   1 
ATOM   981  C  CB  . ASN A 1 125 ? 6.335   0.556   -8.545  1.00 21.75 ? 396 ASN A CB  1 
ATOM   982  C  CG  . ASN A 1 125 ? 5.601   1.526   -9.427  1.00 20.65 ? 396 ASN A CG  1 
ATOM   983  O  OD1 . ASN A 1 125 ? 6.137   1.933   -10.418 1.00 27.04 ? 396 ASN A OD1 1 
ATOM   984  N  ND2 . ASN A 1 125 ? 4.407   1.880   -9.090  1.00 18.04 ? 396 ASN A ND2 1 
ATOM   985  N  N   . LYS A 1 126 ? 8.899   -1.823  -9.218  1.00 20.30 ? 397 LYS A N   1 
ATOM   986  C  CA  . LYS A 1 126 ? 10.037  -2.417  -8.547  1.00 21.16 ? 397 LYS A CA  1 
ATOM   987  C  C   . LYS A 1 126 ? 10.901  -1.306  -7.941  1.00 21.95 ? 397 LYS A C   1 
ATOM   988  O  O   . LYS A 1 126 ? 11.125  -0.298  -8.586  1.00 22.64 ? 397 LYS A O   1 
ATOM   989  C  CB  . LYS A 1 126 ? 10.854  -3.276  -9.512  1.00 25.46 ? 397 LYS A CB  1 
ATOM   990  C  CG  . LYS A 1 126 ? 10.038  -4.410  -10.122 1.00 28.67 ? 397 LYS A CG  1 
ATOM   991  C  CD  . LYS A 1 126 ? 10.882  -5.280  -11.067 1.00 36.34 ? 397 LYS A CD  1 
ATOM   992  C  CE  . LYS A 1 126 ? 10.089  -6.510  -11.528 1.00 39.74 ? 397 LYS A CE  1 
ATOM   993  N  NZ  . LYS A 1 126 ? 10.708  -7.134  -12.733 1.00 45.48 ? 397 LYS A NZ  1 
ATOM   994  N  N   . LEU A 1 127 ? 11.382  -1.481  -6.717  1.00 20.22 ? 398 LEU A N   1 
ATOM   995  C  CA  . LEU A 1 127 ? 12.317  -0.515  -6.127  1.00 20.89 ? 398 LEU A CA  1 
ATOM   996  C  C   . LEU A 1 127 ? 13.705  -0.679  -6.722  1.00 20.63 ? 398 LEU A C   1 
ATOM   997  O  O   . LEU A 1 127 ? 14.129  -1.790  -7.035  1.00 18.82 ? 398 LEU A O   1 
ATOM   998  C  CB  . LEU A 1 127 ? 12.367  -0.677  -4.614  1.00 21.96 ? 398 LEU A CB  1 
ATOM   999  C  CG  . LEU A 1 127 ? 11.230  0.038   -3.841  1.00 23.63 ? 398 LEU A CG  1 
ATOM   1000 C  CD1 . LEU A 1 127 ? 9.868   -0.555  -4.097  1.00 26.18 ? 398 LEU A CD1 1 
ATOM   1001 C  CD2 . LEU A 1 127 ? 11.538  -0.122  -2.382  1.00 24.26 ? 398 LEU A CD2 1 
ATOM   1002 N  N   . HIS A 1 128 ? 14.461  0.410   -6.812  1.00 20.20 ? 399 HIS A N   1 
ATOM   1003 C  CA  . HIS A 1 128 ? 15.776  0.345   -7.462  1.00 21.98 ? 399 HIS A CA  1 
ATOM   1004 C  C   . HIS A 1 128 ? 16.768  -0.478  -6.689  1.00 22.08 ? 399 HIS A C   1 
ATOM   1005 O  O   . HIS A 1 128 ? 17.754  -0.973  -7.255  1.00 24.51 ? 399 HIS A O   1 
ATOM   1006 C  CB  . HIS A 1 128 ? 16.304  1.764   -7.734  1.00 22.11 ? 399 HIS A CB  1 
ATOM   1007 C  CG  . HIS A 1 128 ? 16.993  2.365   -6.575  1.00 23.66 ? 399 HIS A CG  1 
ATOM   1008 N  ND1 . HIS A 1 128 ? 16.322  3.025   -5.566  1.00 23.74 ? 399 HIS A ND1 1 
ATOM   1009 C  CD2 . HIS A 1 128 ? 18.307  2.387   -6.242  1.00 25.01 ? 399 HIS A CD2 1 
ATOM   1010 C  CE1 . HIS A 1 128 ? 17.205  3.410   -4.656  1.00 25.09 ? 399 HIS A CE1 1 
ATOM   1011 N  NE2 . HIS A 1 128 ? 18.413  3.043   -5.046  1.00 24.56 ? 399 HIS A NE2 1 
ATOM   1012 N  N   . ALA A 1 129 ? 16.563  -0.592  -5.385  1.00 20.53 ? 400 ALA A N   1 
ATOM   1013 C  CA  . ALA A 1 129 ? 17.328  -1.447  -4.525  1.00 21.63 ? 400 ALA A CA  1 
ATOM   1014 C  C   . ALA A 1 129 ? 16.447  -1.839  -3.353  1.00 21.63 ? 400 ALA A C   1 
ATOM   1015 O  O   . ALA A 1 129 ? 15.490  -1.155  -3.040  1.00 19.37 ? 400 ALA A O   1 
ATOM   1016 C  CB  . ALA A 1 129 ? 18.597  -0.745  -4.037  1.00 24.47 ? 400 ALA A CB  1 
ATOM   1017 N  N   . PRO A 1 130 ? 16.734  -2.958  -2.713  1.00 22.47 ? 401 PRO A N   1 
ATOM   1018 C  CA  . PRO A 1 130 ? 15.813  -3.361  -1.662  1.00 21.61 ? 401 PRO A CA  1 
ATOM   1019 C  C   . PRO A 1 130 ? 15.838  -2.378  -0.443  1.00 21.85 ? 401 PRO A C   1 
ATOM   1020 O  O   . PRO A 1 130 ? 16.854  -1.746  -0.144  1.00 20.21 ? 401 PRO A O   1 
ATOM   1021 C  CB  . PRO A 1 130 ? 16.328  -4.729  -1.282  1.00 22.52 ? 401 PRO A CB  1 
ATOM   1022 C  CG  . PRO A 1 130 ? 17.171  -5.205  -2.438  1.00 24.09 ? 401 PRO A CG  1 
ATOM   1023 C  CD  . PRO A 1 130 ? 17.788  -3.965  -2.950  1.00 23.49 ? 401 PRO A CD  1 
ATOM   1024 N  N   . LEU A 1 131 ? 14.673  -2.190  0.147   1.00 20.10 ? 402 LEU A N   1 
ATOM   1025 C  CA  . LEU A 1 131 ? 14.489  -1.201  1.205   1.00 17.89 ? 402 LEU A CA  1 
ATOM   1026 C  C   . LEU A 1 131 ? 14.119  -1.914  2.491   1.00 18.58 ? 402 LEU A C   1 
ATOM   1027 O  O   . LEU A 1 131 ? 13.167  -2.687  2.499   1.00 18.90 ? 402 LEU A O   1 
ATOM   1028 C  CB  . LEU A 1 131 ? 13.386  -0.270  0.772   1.00 16.89 ? 402 LEU A CB  1 
ATOM   1029 C  CG  . LEU A 1 131 ? 12.792  0.761   1.747   1.00 17.80 ? 402 LEU A CG  1 
ATOM   1030 C  CD1 . LEU A 1 131 ? 13.935  1.667   2.205   1.00 18.05 ? 402 LEU A CD1 1 
ATOM   1031 C  CD2 . LEU A 1 131 ? 11.643  1.554   1.124   1.00 18.00 ? 402 LEU A CD2 1 
ATOM   1032 N  N   . LEU A 1 132 ? 14.838  -1.643  3.593   1.00 17.44 ? 403 LEU A N   1 
ATOM   1033 C  CA  . LEU A 1 132 ? 14.568  -2.270  4.874   1.00 20.08 ? 403 LEU A CA  1 
ATOM   1034 C  C   . LEU A 1 132 ? 13.400  -1.659  5.611   1.00 20.42 ? 403 LEU A C   1 
ATOM   1035 O  O   . LEU A 1 132 ? 13.369  -0.454  5.830   1.00 19.52 ? 403 LEU A O   1 
ATOM   1036 C  CB  . LEU A 1 132 ? 15.799  -2.122  5.814   1.00 23.53 ? 403 LEU A CB  1 
ATOM   1037 C  CG  . LEU A 1 132 ? 15.644  -2.685  7.246   1.00 30.29 ? 403 LEU A CG  1 
ATOM   1038 C  CD1 . LEU A 1 132 ? 15.734  -4.205  7.202   1.00 31.07 ? 403 LEU A CD1 1 
ATOM   1039 C  CD2 . LEU A 1 132 ? 16.649  -2.086  8.255   1.00 33.62 ? 403 LEU A CD2 1 
ATOM   1040 N  N   . THR A 1 133 ? 12.434  -2.473  6.011   1.00 17.55 ? 404 THR A N   1 
ATOM   1041 C  CA  . THR A 1 133 ? 11.343  -1.945  6.802   1.00 17.19 ? 404 THR A CA  1 
ATOM   1042 C  C   . THR A 1 133 ? 10.571  -3.033  7.528   1.00 17.28 ? 404 THR A C   1 
ATOM   1043 O  O   . THR A 1 133 ? 10.784  -4.175  7.260   1.00 19.33 ? 404 THR A O   1 
ATOM   1044 C  CB  . THR A 1 133 ? 10.357  -1.135  5.922   1.00 19.43 ? 404 THR A CB  1 
ATOM   1045 O  OG1 . THR A 1 133 ? 9.503   -0.319  6.768   1.00 20.92 ? 404 THR A OG1 1 
ATOM   1046 C  CG2 . THR A 1 133 ? 9.561   -2.035  5.056   1.00 19.90 ? 404 THR A CG2 1 
ATOM   1047 N  N   . ARG A 1 134 ? 9.777   -2.635  8.503   1.00 16.04 ? 405 ARG A N   1 
ATOM   1048 C  CA  . ARG A 1 134 ? 8.722   -3.450  9.071   1.00 18.60 ? 405 ARG A CA  1 
ATOM   1049 C  C   . ARG A 1 134 ? 7.310   -2.939  8.690   1.00 17.51 ? 405 ARG A C   1 
ATOM   1050 O  O   . ARG A 1 134 ? 6.415   -3.727  8.408   1.00 17.11 ? 405 ARG A O   1 
ATOM   1051 C  CB  . ARG A 1 134 ? 8.828   -3.482  10.586  1.00 19.54 ? 405 ARG A CB  1 
ATOM   1052 C  CG  . ARG A 1 134 ? 7.672   -4.301  11.185  1.00 21.51 ? 405 ARG A CG  1 
ATOM   1053 C  CD  . ARG A 1 134 ? 7.820   -4.570  12.672  1.00 25.43 ? 405 ARG A CD  1 
ATOM   1054 N  NE  . ARG A 1 134 ? 6.502   -4.722  13.308  1.00 25.73 ? 405 ARG A NE  1 
ATOM   1055 C  CZ  . ARG A 1 134 ? 6.313   -5.002  14.600  1.00 31.94 ? 405 ARG A CZ  1 
ATOM   1056 N  NH1 . ARG A 1 134 ? 7.353   -5.206  15.413  1.00 31.28 ? 405 ARG A NH1 1 
ATOM   1057 N  NH2 . ARG A 1 134 ? 5.079   -5.082  15.088  1.00 32.65 ? 405 ARG A NH2 1 
ATOM   1058 N  N   . PHE A 1 135 ? 7.072   -1.642  8.783   1.00 18.34 ? 406 PHE A N   1 
ATOM   1059 C  CA  . PHE A 1 135 ? 5.786   -1.073  8.482   1.00 18.07 ? 406 PHE A CA  1 
ATOM   1060 C  C   . PHE A 1 135 ? 5.847   -0.373  7.138   1.00 18.13 ? 406 PHE A C   1 
ATOM   1061 O  O   . PHE A 1 135 ? 6.853   0.288   6.813   1.00 17.40 ? 406 PHE A O   1 
ATOM   1062 C  CB  . PHE A 1 135 ? 5.399   -0.027  9.517   1.00 18.66 ? 406 PHE A CB  1 
ATOM   1063 C  CG  . PHE A 1 135 ? 5.218   -0.577  10.924  1.00 20.32 ? 406 PHE A CG  1 
ATOM   1064 C  CD1 . PHE A 1 135 ? 6.311   -0.810  11.752  1.00 21.63 ? 406 PHE A CD1 1 
ATOM   1065 C  CD2 . PHE A 1 135 ? 3.941   -0.803  11.422  1.00 23.12 ? 406 PHE A CD2 1 
ATOM   1066 C  CE1 . PHE A 1 135 ? 6.139   -1.266  13.060  1.00 25.70 ? 406 PHE A CE1 1 
ATOM   1067 C  CE2 . PHE A 1 135 ? 3.762   -1.277  12.728  1.00 24.47 ? 406 PHE A CE2 1 
ATOM   1068 C  CZ  . PHE A 1 135 ? 4.864   -1.497  13.541  1.00 22.98 ? 406 PHE A CZ  1 
ATOM   1069 N  N   . VAL A 1 136 ? 4.756   -0.460  6.382   1.00 16.75 ? 407 VAL A N   1 
ATOM   1070 C  CA  . VAL A 1 136 ? 4.677   0.238   5.067   1.00 16.65 ? 407 VAL A CA  1 
ATOM   1071 C  C   . VAL A 1 136 ? 3.424   1.127   5.116   1.00 16.71 ? 407 VAL A C   1 
ATOM   1072 O  O   . VAL A 1 136 ? 2.326   0.621   5.413   1.00 17.63 ? 407 VAL A O   1 
ATOM   1073 C  CB  . VAL A 1 136 ? 4.592   -0.791  3.939   1.00 18.73 ? 407 VAL A CB  1 
ATOM   1074 C  CG1 . VAL A 1 136 ? 4.178   -0.127  2.616   1.00 20.64 ? 407 VAL A CG1 1 
ATOM   1075 C  CG2 . VAL A 1 136 ? 5.922   -1.548  3.848   1.00 18.86 ? 407 VAL A CG2 1 
ATOM   1076 N  N   . ARG A 1 137 ? 3.555   2.422   4.774   1.00 14.65 ? 408 ARG A N   1 
ATOM   1077 C  CA  . ARG A 1 137 ? 2.413   3.199   4.420   1.00 14.82 ? 408 ARG A CA  1 
ATOM   1078 C  C   . ARG A 1 137 ? 2.454   3.542   2.924   1.00 16.17 ? 408 ARG A C   1 
ATOM   1079 O  O   . ARG A 1 137 ? 3.476   3.976   2.425   1.00 14.91 ? 408 ARG A O   1 
ATOM   1080 C  CB  . ARG A 1 137 ? 2.302   4.502   5.177   1.00 15.59 ? 408 ARG A CB  1 
ATOM   1081 C  CG  . ARG A 1 137 ? 2.129   4.315   6.667   1.00 15.77 ? 408 ARG A CG  1 
ATOM   1082 C  CD  . ARG A 1 137 ? 2.366   5.615   7.384   1.00 16.75 ? 408 ARG A CD  1 
ATOM   1083 N  NE  . ARG A 1 137 ? 2.003   5.549   8.797   1.00 18.02 ? 408 ARG A NE  1 
ATOM   1084 C  CZ  . ARG A 1 137 ? 2.229   6.508   9.711   1.00 20.24 ? 408 ARG A CZ  1 
ATOM   1085 N  NH1 . ARG A 1 137 ? 2.804   7.651   9.391   1.00 21.29 ? 408 ARG A NH1 1 
ATOM   1086 N  NH2 . ARG A 1 137 ? 1.839   6.313   10.988  1.00 22.73 ? 408 ARG A NH2 1 
ATOM   1087 N  N   . ILE A 1 138 ? 1.289   3.414   2.279   1.00 14.78 ? 409 ILE A N   1 
ATOM   1088 C  CA  . ILE A 1 138 ? 1.037   3.885   0.897   1.00 15.11 ? 409 ILE A CA  1 
ATOM   1089 C  C   . ILE A 1 138 ? 0.202   5.146   1.007   1.00 13.91 ? 409 ILE A C   1 
ATOM   1090 O  O   . ILE A 1 138 ? -0.946  5.122   1.550   1.00 14.74 ? 409 ILE A O   1 
ATOM   1091 C  CB  . ILE A 1 138 ? 0.305   2.810   0.033   1.00 14.91 ? 409 ILE A CB  1 
ATOM   1092 C  CG1 . ILE A 1 138 ? 1.066   1.459   0.007   1.00 15.80 ? 409 ILE A CG1 1 
ATOM   1093 C  CG2 . ILE A 1 138 ? 0.093   3.326   -1.400  1.00 15.46 ? 409 ILE A CG2 1 
ATOM   1094 C  CD1 . ILE A 1 138 ? 2.462   1.451   -0.544  1.00 16.92 ? 409 ILE A CD1 1 
ATOM   1095 N  N   A ARG A 1 139 ? 0.738   6.245   0.471   0.50 13.32 ? 410 ARG A N   1 
ATOM   1096 N  N   B ARG A 1 139 ? 0.779   6.256   0.545   0.50 14.86 ? 410 ARG A N   1 
ATOM   1097 C  CA  A ARG A 1 139 ? 0.238   7.594   0.674   0.50 13.38 ? 410 ARG A CA  1 
ATOM   1098 C  CA  B ARG A 1 139 ? 0.188   7.572   0.644   0.50 15.92 ? 410 ARG A CA  1 
ATOM   1099 C  C   A ARG A 1 139 ? -0.170  8.230   -0.687  0.50 13.83 ? 410 ARG A C   1 
ATOM   1100 C  C   B ARG A 1 139 ? -0.134  8.094   -0.742  0.50 15.44 ? 410 ARG A C   1 
ATOM   1101 O  O   A ARG A 1 139 ? 0.615   8.892   -1.318  0.50 12.12 ? 410 ARG A O   1 
ATOM   1102 O  O   B ARG A 1 139 ? 0.765   8.527   -1.447  0.50 13.44 ? 410 ARG A O   1 
ATOM   1103 C  CB  A ARG A 1 139 ? 1.341   8.453   1.330   0.50 13.25 ? 410 ARG A CB  1 
ATOM   1104 C  CB  B ARG A 1 139 ? 1.119   8.570   1.320   0.50 17.98 ? 410 ARG A CB  1 
ATOM   1105 C  CG  A ARG A 1 139 ? 1.624   8.117   2.795   0.50 13.01 ? 410 ARG A CG  1 
ATOM   1106 C  CG  B ARG A 1 139 ? 0.562   8.923   2.658   0.50 20.18 ? 410 ARG A CG  1 
ATOM   1107 C  CD  A ARG A 1 139 ? 2.324   9.317   3.448   0.50 13.28 ? 410 ARG A CD  1 
ATOM   1108 C  CD  B ARG A 1 139 ? 0.744   10.367  3.052   0.50 21.45 ? 410 ARG A CD  1 
ATOM   1109 N  NE  A ARG A 1 139 ? 2.415   9.238   4.909   0.50 14.38 ? 410 ARG A NE  1 
ATOM   1110 N  NE  B ARG A 1 139 ? 2.148   10.698  3.108   0.50 19.96 ? 410 ARG A NE  1 
ATOM   1111 C  CZ  A ARG A 1 139 ? 1.540   9.821   5.738   0.50 13.74 ? 410 ARG A CZ  1 
ATOM   1112 C  CZ  B ARG A 1 139 ? 2.697   11.721  2.454   0.50 20.99 ? 410 ARG A CZ  1 
ATOM   1113 N  NH1 A ARG A 1 139 ? 1.702   9.719   7.012   0.50 12.73 ? 410 ARG A NH1 1 
ATOM   1114 N  NH1 B ARG A 1 139 ? 4.019   11.936  2.580   0.50 19.76 ? 410 ARG A NH1 1 
ATOM   1115 N  NH2 A ARG A 1 139 ? 0.495   10.508  5.291   0.50 14.53 ? 410 ARG A NH2 1 
ATOM   1116 N  NH2 B ARG A 1 139 ? 1.927   12.537  1.703   0.50 19.28 ? 410 ARG A NH2 1 
ATOM   1117 N  N   . PRO A 1 140 ? -1.429  8.021   -1.131  1.00 15.50 ? 411 PRO A N   1 
ATOM   1118 C  CA  . PRO A 1 140 ? -1.881  8.565   -2.431  1.00 16.26 ? 411 PRO A CA  1 
ATOM   1119 C  C   . PRO A 1 140 ? -1.648  10.066  -2.572  1.00 15.97 ? 411 PRO A C   1 
ATOM   1120 O  O   . PRO A 1 140 ? -1.932  10.808  -1.625  1.00 16.23 ? 411 PRO A O   1 
ATOM   1121 C  CB  . PRO A 1 140 ? -3.407  8.260   -2.438  1.00 17.22 ? 411 PRO A CB  1 
ATOM   1122 C  CG  . PRO A 1 140 ? -3.553  7.079   -1.479  1.00 17.79 ? 411 PRO A CG  1 
ATOM   1123 C  CD  . PRO A 1 140 ? -2.531  7.386   -0.395  1.00 17.09 ? 411 PRO A CD  1 
ATOM   1124 N  N   . GLN A 1 141 ? -1.044  10.476  -3.692  1.00 15.96 ? 412 GLN A N   1 
ATOM   1125 C  CA  . GLN A 1 141 ? -0.825  11.865  -4.016  1.00 16.88 ? 412 GLN A CA  1 
ATOM   1126 C  C   . GLN A 1 141 ? -1.812  12.409  -5.060  1.00 18.25 ? 412 GLN A C   1 
ATOM   1127 O  O   . GLN A 1 141 ? -2.294  13.550  -4.928  1.00 18.22 ? 412 GLN A O   1 
ATOM   1128 C  CB  . GLN A 1 141 ? 0.581   12.072  -4.518  1.00 17.60 ? 412 GLN A CB  1 
ATOM   1129 C  CG  . GLN A 1 141 ? 1.639   11.570  -3.563  1.00 19.10 ? 412 GLN A CG  1 
ATOM   1130 C  CD  . GLN A 1 141 ? 1.507   12.234  -2.189  1.00 21.69 ? 412 GLN A CD  1 
ATOM   1131 O  OE1 . GLN A 1 141 ? 1.297   11.570  -1.161  1.00 24.91 ? 412 GLN A OE1 1 
ATOM   1132 N  NE2 . GLN A 1 141 ? 1.609   13.546  -2.177  1.00 18.37 ? 412 GLN A NE2 1 
ATOM   1133 N  N   . THR A 1 142 ? -2.147  11.566  -6.027  1.00 16.85 ? 413 THR A N   1 
ATOM   1134 C  CA  . THR A 1 142 ? -3.158  11.933  -7.063  1.00 16.64 ? 413 THR A CA  1 
ATOM   1135 C  C   . THR A 1 142 ? -4.033  10.731  -7.281  1.00 16.52 ? 413 THR A C   1 
ATOM   1136 O  O   . THR A 1 142 ? -3.610  9.593   -7.058  1.00 16.53 ? 413 THR A O   1 
ATOM   1137 C  CB  . THR A 1 142 ? -2.542  12.336  -8.400  1.00 15.88 ? 413 THR A CB  1 
ATOM   1138 O  OG1 . THR A 1 142 ? -1.683  11.330  -8.913  1.00 16.15 ? 413 THR A OG1 1 
ATOM   1139 C  CG2 . THR A 1 142 ? -1.716  13.669  -8.263  1.00 18.09 ? 413 THR A CG2 1 
ATOM   1140 N  N   . TRP A 1 143 ? -5.249  11.001  -7.749  1.00 17.43 ? 414 TRP A N   1 
ATOM   1141 C  CA  . TRP A 1 143 ? -6.231  9.924   -7.930  1.00 17.94 ? 414 TRP A CA  1 
ATOM   1142 C  C   . TRP A 1 143 ? -7.248  10.411  -8.970  1.00 21.07 ? 414 TRP A C   1 
ATOM   1143 O  O   . TRP A 1 143 ? -7.313  11.600  -9.325  1.00 18.87 ? 414 TRP A O   1 
ATOM   1144 C  CB  . TRP A 1 143 ? -6.955  9.597   -6.626  1.00 18.32 ? 414 TRP A CB  1 
ATOM   1145 C  CG  . TRP A 1 143 ? -7.485  10.794  -5.927  1.00 20.38 ? 414 TRP A CG  1 
ATOM   1146 C  CD1 . TRP A 1 143 ? -8.708  11.406  -6.076  1.00 20.61 ? 414 TRP A CD1 1 
ATOM   1147 C  CD2 . TRP A 1 143 ? -6.760  11.588  -4.968  1.00 20.84 ? 414 TRP A CD2 1 
ATOM   1148 N  NE1 . TRP A 1 143 ? -8.802  12.518  -5.243  1.00 21.95 ? 414 TRP A NE1 1 
ATOM   1149 C  CE2 . TRP A 1 143 ? -7.597  12.668  -4.592  1.00 22.53 ? 414 TRP A CE2 1 
ATOM   1150 C  CE3 . TRP A 1 143 ? -5.485  11.481  -4.394  1.00 22.23 ? 414 TRP A CE3 1 
ATOM   1151 C  CZ2 . TRP A 1 143 ? -7.198  13.622  -3.653  1.00 25.42 ? 414 TRP A CZ2 1 
ATOM   1152 C  CZ3 . TRP A 1 143 ? -5.093  12.425  -3.479  1.00 21.92 ? 414 TRP A CZ3 1 
ATOM   1153 C  CH2 . TRP A 1 143 ? -5.942  13.486  -3.121  1.00 22.54 ? 414 TRP A CH2 1 
ATOM   1154 N  N   . HIS A 1 144 ? -8.040  9.450   -9.400  1.00 21.02 ? 415 HIS A N   1 
ATOM   1155 C  CA  . HIS A 1 144 ? -9.095  9.705   -10.398 1.00 22.77 ? 415 HIS A CA  1 
ATOM   1156 C  C   . HIS A 1 144 ? -10.418 9.339   -9.803  1.00 20.46 ? 415 HIS A C   1 
ATOM   1157 O  O   . HIS A 1 144 ? -10.619 8.192   -9.363  1.00 20.75 ? 415 HIS A O   1 
ATOM   1158 C  CB  . HIS A 1 144 ? -8.865  8.889   -11.640 1.00 23.29 ? 415 HIS A CB  1 
ATOM   1159 C  CG  . HIS A 1 144 ? -9.882  9.197   -12.690 1.00 24.09 ? 415 HIS A CG  1 
ATOM   1160 N  ND1 . HIS A 1 144 ? -9.805  10.333  -13.470 1.00 25.65 ? 415 HIS A ND1 1 
ATOM   1161 C  CD2 . HIS A 1 144 ? -11.052 8.579   -13.029 1.00 26.91 ? 415 HIS A CD2 1 
ATOM   1162 C  CE1 . HIS A 1 144 ? -10.853 10.379  -14.281 1.00 29.61 ? 415 HIS A CE1 1 
ATOM   1163 N  NE2 . HIS A 1 144 ? -11.618 9.338   -14.022 1.00 25.96 ? 415 HIS A NE2 1 
ATOM   1164 N  N   . SER A 1 145 ? -11.288 10.346  -9.691  1.00 22.46 ? 416 SER A N   1 
ATOM   1165 C  CA  . SER A 1 145 ? -12.643 10.254  -9.127  1.00 23.86 ? 416 SER A CA  1 
ATOM   1166 C  C   . SER A 1 145 ? -12.643 10.137  -7.606  1.00 24.92 ? 416 SER A C   1 
ATOM   1167 O  O   . SER A 1 145 ? -13.365 10.835  -6.916  1.00 25.02 ? 416 SER A O   1 
ATOM   1168 C  CB  . SER A 1 145 ? -13.444 9.094   -9.753  1.00 26.56 ? 416 SER A CB  1 
ATOM   1169 O  OG  . SER A 1 145 ? -14.810 9.185   -9.373  1.00 30.90 ? 416 SER A OG  1 
ATOM   1170 N  N   . GLY A 1 146 ? -11.818 9.242   -7.083  1.00 24.67 ? 417 GLY A N   1 
ATOM   1171 C  CA  . GLY A 1 146 ? -11.671 9.079   -5.639  1.00 22.40 ? 417 GLY A CA  1 
ATOM   1172 C  C   . GLY A 1 146 ? -10.468 8.178   -5.370  1.00 21.26 ? 417 GLY A C   1 
ATOM   1173 O  O   . GLY A 1 146 ? -9.963  7.470   -6.258  1.00 18.95 ? 417 GLY A O   1 
ATOM   1174 N  N   . ILE A 1 147 ? -9.985  8.187   -4.117  1.00 21.98 ? 418 ILE A N   1 
ATOM   1175 C  CA  . ILE A 1 147 ? -8.979  7.210   -3.708  1.00 20.59 ? 418 ILE A CA  1 
ATOM   1176 C  C   . ILE A 1 147 ? -9.613  5.837   -3.558  1.00 18.76 ? 418 ILE A C   1 
ATOM   1177 O  O   . ILE A 1 147 ? -10.501 5.671   -2.737  1.00 21.33 ? 418 ILE A O   1 
ATOM   1178 C  CB  . ILE A 1 147 ? -8.291  7.625   -2.380  1.00 19.56 ? 418 ILE A CB  1 
ATOM   1179 C  CG1 . ILE A 1 147 ? -7.488  8.936   -2.623  1.00 21.57 ? 418 ILE A CG1 1 
ATOM   1180 C  CG2 . ILE A 1 147 ? -7.388  6.507   -1.889  1.00 19.31 ? 418 ILE A CG2 1 
ATOM   1181 C  CD1 . ILE A 1 147 ? -6.974  9.634   -1.357  1.00 21.90 ? 418 ILE A CD1 1 
ATOM   1182 N  N   . ALA A 1 148 ? -9.073  4.867   -4.263  1.00 18.68 ? 419 ALA A N   1 
ATOM   1183 C  CA  . ALA A 1 148 ? -9.325  3.470   -3.954  1.00 20.17 ? 419 ALA A CA  1 
ATOM   1184 C  C   . ALA A 1 148 ? -8.105  2.624   -4.212  1.00 20.08 ? 419 ALA A C   1 
ATOM   1185 O  O   . ALA A 1 148 ? -7.416  2.806   -5.204  1.00 20.09 ? 419 ALA A O   1 
ATOM   1186 C  CB  . ALA A 1 148 ? -10.531 2.961   -4.767  1.00 20.01 ? 419 ALA A CB  1 
ATOM   1187 N  N   . LEU A 1 149 ? -7.817  1.681   -3.311  1.00 20.11 ? 420 LEU A N   1 
ATOM   1188 C  CA  . LEU A 1 149 ? -6.628  0.877   -3.430  1.00 20.76 ? 420 LEU A CA  1 
ATOM   1189 C  C   . LEU A 1 149 ? -6.804  -0.592  -3.103  1.00 18.41 ? 420 LEU A C   1 
ATOM   1190 O  O   . LEU A 1 149 ? -7.425  -0.934  -2.088  1.00 17.77 ? 420 LEU A O   1 
ATOM   1191 C  CB  . LEU A 1 149 ? -5.601  1.463   -2.436  1.00 23.84 ? 420 LEU A CB  1 
ATOM   1192 C  CG  . LEU A 1 149 ? -4.112  1.304   -2.579  1.00 25.88 ? 420 LEU A CG  1 
ATOM   1193 C  CD1 . LEU A 1 149 ? -3.604  1.663   -3.969  1.00 26.48 ? 420 LEU A CD1 1 
ATOM   1194 C  CD2 . LEU A 1 149 ? -3.437  2.237   -1.532  1.00 25.16 ? 420 LEU A CD2 1 
ATOM   1195 N  N   . ARG A 1 150 ? -6.174  -1.420  -3.917  1.00 18.89 ? 421 ARG A N   1 
ATOM   1196 C  CA  . ARG A 1 150 ? -5.829  -2.761  -3.564  1.00 19.82 ? 421 ARG A CA  1 
ATOM   1197 C  C   . ARG A 1 150 ? -4.335  -2.903  -3.837  1.00 19.96 ? 421 ARG A C   1 
ATOM   1198 O  O   . ARG A 1 150 ? -3.768  -2.249  -4.748  1.00 19.32 ? 421 ARG A O   1 
ATOM   1199 C  CB  . ARG A 1 150 ? -6.685  -3.748  -4.405  1.00 21.60 ? 421 ARG A CB  1 
ATOM   1200 C  CG  . ARG A 1 150 ? -8.149  -3.703  -4.015  1.00 21.83 ? 421 ARG A CG  1 
ATOM   1201 C  CD  . ARG A 1 150 ? -9.009  -4.580  -4.959  1.00 23.07 ? 421 ARG A CD  1 
ATOM   1202 N  NE  . ARG A 1 150 ? -9.055  -4.003  -6.296  1.00 23.00 ? 421 ARG A NE  1 
ATOM   1203 C  CZ  . ARG A 1 150 ? -9.346  -4.669  -7.420  1.00 25.24 ? 421 ARG A CZ  1 
ATOM   1204 N  NH1 . ARG A 1 150 ? -9.625  -5.984  -7.402  1.00 23.74 ? 421 ARG A NH1 1 
ATOM   1205 N  NH2 . ARG A 1 150 ? -9.310  -4.025  -8.576  1.00 22.12 ? 421 ARG A NH2 1 
ATOM   1206 N  N   . LEU A 1 151 ? -3.694  -3.770  -3.050  1.00 18.08 ? 422 LEU A N   1 
ATOM   1207 C  CA  . LEU A 1 151 ? -2.248  -3.790  -2.888  1.00 19.15 ? 422 LEU A CA  1 
ATOM   1208 C  C   . LEU A 1 151 ? -1.635  -5.179  -2.761  1.00 18.53 ? 422 LEU A C   1 
ATOM   1209 O  O   . LEU A 1 151 ? -2.234  -6.064  -2.119  1.00 19.57 ? 422 LEU A O   1 
ATOM   1210 C  CB  . LEU A 1 151 ? -1.942  -3.038  -1.582  1.00 20.93 ? 422 LEU A CB  1 
ATOM   1211 C  CG  . LEU A 1 151 ? -0.492  -2.957  -1.089  1.00 22.33 ? 422 LEU A CG  1 
ATOM   1212 C  CD1 . LEU A 1 151 ? 0.238   -1.988  -2.029  1.00 23.58 ? 422 LEU A CD1 1 
ATOM   1213 C  CD2 . LEU A 1 151 ? -0.397  -2.449  0.309   1.00 23.55 ? 422 LEU A CD2 1 
ATOM   1214 N  N   . GLU A 1 152 ? -0.422  -5.355  -3.284  1.00 16.42 ? 423 GLU A N   1 
ATOM   1215 C  CA  . GLU A 1 152 ? 0.455   -6.415  -2.837  1.00 18.57 ? 423 GLU A CA  1 
ATOM   1216 C  C   . GLU A 1 152 ? 1.860   -5.854  -2.586  1.00 17.34 ? 423 GLU A C   1 
ATOM   1217 O  O   . GLU A 1 152 ? 2.283   -4.935  -3.257  1.00 14.57 ? 423 GLU A O   1 
ATOM   1218 C  CB  . GLU A 1 152 ? 0.565   -7.527  -3.899  1.00 19.65 ? 423 GLU A CB  1 
ATOM   1219 C  CG  . GLU A 1 152 ? 1.335   -8.742  -3.469  1.00 20.82 ? 423 GLU A CG  1 
ATOM   1220 C  CD  . GLU A 1 152 ? 0.755   -9.392  -2.236  1.00 22.75 ? 423 GLU A CD  1 
ATOM   1221 O  OE1 . GLU A 1 152 ? -0.165  -10.242 -2.409  1.00 22.49 ? 423 GLU A OE1 1 
ATOM   1222 O  OE2 . GLU A 1 152 ? 1.205   -9.101  -1.110  1.00 19.22 ? 423 GLU A OE2 1 
ATOM   1223 N  N   . LEU A 1 153 ? 2.560   -6.473  -1.659  1.00 17.33 ? 424 LEU A N   1 
ATOM   1224 C  CA  . LEU A 1 153 ? 3.950   -6.093  -1.318  1.00 16.40 ? 424 LEU A CA  1 
ATOM   1225 C  C   . LEU A 1 153 ? 4.844   -7.282  -1.561  1.00 18.27 ? 424 LEU A C   1 
ATOM   1226 O  O   . LEU A 1 153 ? 4.405   -8.455  -1.308  1.00 19.02 ? 424 LEU A O   1 
ATOM   1227 C  CB  . LEU A 1 153 ? 3.995   -5.681  0.114   1.00 16.53 ? 424 LEU A CB  1 
ATOM   1228 C  CG  . LEU A 1 153 ? 3.153   -4.498  0.547   1.00 17.24 ? 424 LEU A CG  1 
ATOM   1229 C  CD1 . LEU A 1 153 ? 3.303   -4.338  2.069   1.00 19.28 ? 424 LEU A CD1 1 
ATOM   1230 C  CD2 . LEU A 1 153 ? 3.563   -3.198  -0.144  1.00 17.71 ? 424 LEU A CD2 1 
ATOM   1231 N  N   . PHE A 1 154 ? 6.055   -7.045  -2.096  1.00 17.18 ? 425 PHE A N   1 
ATOM   1232 C  CA  . PHE A 1 154 ? 7.004   -8.125  -2.445  1.00 18.59 ? 425 PHE A CA  1 
ATOM   1233 C  C   . PHE A 1 154 ? 8.366   -7.970  -1.798  1.00 19.03 ? 425 PHE A C   1 
ATOM   1234 O  O   . PHE A 1 154 ? 8.840   -6.843  -1.622  1.00 18.16 ? 425 PHE A O   1 
ATOM   1235 C  CB  . PHE A 1 154 ? 7.232   -8.192  -3.939  1.00 19.68 ? 425 PHE A CB  1 
ATOM   1236 C  CG  . PHE A 1 154 ? 5.972   -8.408  -4.724  1.00 19.08 ? 425 PHE A CG  1 
ATOM   1237 C  CD1 . PHE A 1 154 ? 5.171   -7.330  -5.069  1.00 19.49 ? 425 PHE A CD1 1 
ATOM   1238 C  CD2 . PHE A 1 154 ? 5.575   -9.706  -5.094  1.00 21.47 ? 425 PHE A CD2 1 
ATOM   1239 C  CE1 . PHE A 1 154 ? 3.996   -7.507  -5.785  1.00 21.01 ? 425 PHE A CE1 1 
ATOM   1240 C  CE2 . PHE A 1 154 ? 4.406   -9.894  -5.831  1.00 22.25 ? 425 PHE A CE2 1 
ATOM   1241 C  CZ  . PHE A 1 154 ? 3.614   -8.798  -6.163  1.00 20.95 ? 425 PHE A CZ  1 
ATOM   1242 N  N   . GLY A 1 155 ? 8.999   -9.060  -1.416  1.00 18.46 ? 426 GLY A N   1 
ATOM   1243 C  CA  . GLY A 1 155 ? 10.292  -8.950  -0.745  1.00 18.86 ? 426 GLY A CA  1 
ATOM   1244 C  C   . GLY A 1 155 ? 10.749  -10.231 -0.066  1.00 22.37 ? 426 GLY A C   1 
ATOM   1245 O  O   . GLY A 1 155 ? 10.387  -11.337 -0.475  1.00 24.23 ? 426 GLY A O   1 
ATOM   1246 N  N   . CYS A 1 156 ? 11.529  -10.081 0.976   1.00 21.17 ? 427 CYS A N   1 
ATOM   1247 C  CA  . CYS A 1 156 ? 12.020  -11.223 1.747   1.00 22.82 ? 427 CYS A CA  1 
ATOM   1248 C  C   . CYS A 1 156 ? 12.348  -10.842 3.176   1.00 25.13 ? 427 CYS A C   1 
ATOM   1249 O  O   . CYS A 1 156 ? 12.759  -9.694  3.469   1.00 22.12 ? 427 CYS A O   1 
ATOM   1250 C  CB  . CYS A 1 156 ? 13.227  -11.823 1.043   1.00 25.79 ? 427 CYS A CB  1 
ATOM   1251 S  SG  . CYS A 1 156 ? 14.626  -10.719 0.778   1.00 28.33 ? 427 CYS A SG  1 
ATOM   1252 N  N   A ARG A 1 157 ? 12.169  -11.804 4.075   0.50 24.71 ? 428 ARG A N   1 
ATOM   1253 N  N   B ARG A 1 157 ? 12.141  -11.763 4.104   0.50 24.47 ? 428 ARG A N   1 
ATOM   1254 C  CA  A ARG A 1 157 ? 12.599  -11.664 5.478   0.50 25.72 ? 428 ARG A CA  1 
ATOM   1255 C  CA  B ARG A 1 157 ? 12.537  -11.492 5.494   0.50 25.08 ? 428 ARG A CA  1 
ATOM   1256 C  C   A ARG A 1 157 ? 14.105  -11.512 5.509   0.50 23.63 ? 428 ARG A C   1 
ATOM   1257 C  C   B ARG A 1 157 ? 14.057  -11.543 5.578   0.50 23.50 ? 428 ARG A C   1 
ATOM   1258 O  O   A ARG A 1 157 ? 14.803  -12.111 4.679   0.50 23.38 ? 428 ARG A O   1 
ATOM   1259 O  O   B ARG A 1 157 ? 14.707  -12.300 4.861   0.50 24.30 ? 428 ARG A O   1 
ATOM   1260 C  CB  A ARG A 1 157 ? 12.242  -12.923 6.271   0.50 27.24 ? 428 ARG A CB  1 
ATOM   1261 C  CB  B ARG A 1 157 ? 11.896  -12.478 6.470   0.50 26.41 ? 428 ARG A CB  1 
ATOM   1262 C  CG  A ARG A 1 157 ? 10.824  -12.979 6.818   0.50 30.25 ? 428 ARG A CG  1 
ATOM   1263 C  CG  B ARG A 1 157 ? 10.511  -12.053 6.927   0.50 28.38 ? 428 ARG A CG  1 
ATOM   1264 C  CD  A ARG A 1 157 ? 10.684  -12.379 8.221   0.50 30.72 ? 428 ARG A CD  1 
ATOM   1265 C  CD  B ARG A 1 157 ? 9.965   -12.937 8.047   0.50 30.12 ? 428 ARG A CD  1 
ATOM   1266 N  NE  A ARG A 1 157 ? 11.275  -13.142 9.328   0.50 31.75 ? 428 ARG A NE  1 
ATOM   1267 N  NE  B ARG A 1 157 ? 8.526   -13.083 7.885   0.50 31.64 ? 428 ARG A NE  1 
ATOM   1268 C  CZ  A ARG A 1 157 ? 10.626  -14.079 10.033  0.50 33.87 ? 428 ARG A CZ  1 
ATOM   1269 C  CZ  B ARG A 1 157 ? 7.847   -14.190 8.155   0.50 33.82 ? 428 ARG A CZ  1 
ATOM   1270 N  NH1 A ARG A 1 157 ? 9.375   -14.412 9.735   0.50 32.86 ? 428 ARG A NH1 1 
ATOM   1271 N  NH1 B ARG A 1 157 ? 8.473   -15.262 8.637   0.50 34.27 ? 428 ARG A NH1 1 
ATOM   1272 N  NH2 A ARG A 1 157 ? 11.230  -14.706 11.029  0.50 32.75 ? 428 ARG A NH2 1 
ATOM   1273 N  NH2 B ARG A 1 157 ? 6.541   -14.215 7.952   0.50 36.73 ? 428 ARG A NH2 1 
ATOM   1274 N  N   . VAL A 1 158 ? 14.624  -10.686 6.422   1.00 24.46 ? 429 VAL A N   1 
ATOM   1275 C  CA  . VAL A 1 158 ? 16.072  -10.593 6.595   1.00 24.03 ? 429 VAL A CA  1 
ATOM   1276 C  C   . VAL A 1 158 ? 16.439  -10.538 8.056   1.00 26.26 ? 429 VAL A C   1 
ATOM   1277 O  O   . VAL A 1 158 ? 15.591  -10.230 8.899   1.00 24.43 ? 429 VAL A O   1 
ATOM   1278 C  CB  . VAL A 1 158 ? 16.652  -9.374  5.908   1.00 27.03 ? 429 VAL A CB  1 
ATOM   1279 C  CG1 . VAL A 1 158 ? 16.499  -9.572  4.388   1.00 28.95 ? 429 VAL A CG1 1 
ATOM   1280 C  CG2 . VAL A 1 158 ? 16.018  -8.103  6.449   1.00 27.36 ? 429 VAL A CG2 1 
ATOM   1281 N  N   . THR A 1 159 ? 17.710  -10.809 8.319   1.00 24.67 ? 430 THR A N   1 
ATOM   1282 C  CA  . THR A 1 159 ? 18.258  -10.770 9.686   1.00 23.16 ? 430 THR A CA  1 
ATOM   1283 C  C   . THR A 1 159 ? 18.893  -9.420  9.951   1.00 25.69 ? 430 THR A C   1 
ATOM   1284 O  O   . THR A 1 159 ? 19.704  -8.901  9.142   1.00 22.25 ? 430 THR A O   1 
ATOM   1285 C  CB  . THR A 1 159 ? 19.277  -11.889 9.907   1.00 22.87 ? 430 THR A CB  1 
ATOM   1286 O  OG1 . THR A 1 159 ? 18.697  -13.150 9.537   1.00 22.29 ? 430 THR A OG1 1 
ATOM   1287 C  CG2 . THR A 1 159 ? 19.739  -11.940 11.368  1.00 23.83 ? 430 THR A CG2 1 
ATOM   1288 N  N   . SER A 1 160 ? 18.468  -8.808  11.058  1.00 25.42 ? 431 SER A N   1 
ATOM   1289 C  CA  . SER A 1 160 ? 18.988  -7.511  11.454  1.00 29.56 ? 431 SER A CA  1 
ATOM   1290 C  C   . SER A 1 160 ? 20.431  -7.713  11.876  1.00 31.28 ? 431 SER A C   1 
ATOM   1291 O  O   . SER A 1 160 ? 20.797  -8.737  12.461  1.00 30.23 ? 431 SER A O   1 
ATOM   1292 C  CB  . SER A 1 160 ? 18.200  -6.958  12.652  1.00 31.86 ? 431 SER A CB  1 
ATOM   1293 O  OG  . SER A 1 160 ? 18.972  -5.973  13.263  1.00 37.89 ? 431 SER A OG  1 
ATOM   1294 N  N   . GLY A 1 161 ? 21.268  -6.732  11.603  1.00 38.03 ? 432 GLY A N   1 
ATOM   1295 C  CA  . GLY A 1 161 ? 22.677  -6.880  11.936  1.00 36.21 ? 432 GLY A CA  1 
ATOM   1296 C  C   . GLY A 1 161 ? 22.960  -6.524  13.403  1.00 38.27 ? 432 GLY A C   1 
ATOM   1297 O  O   . GLY A 1 161 ? 24.139  -6.310  13.753  1.00 32.24 ? 432 GLY A O   1 
ATOM   1298 N  N   . SER A 1 162 ? 21.894  -6.456  14.239  1.00 38.92 ? 433 SER A N   1 
ATOM   1299 C  CA  . SER A 1 162 ? 21.994  -6.100  15.680  1.00 45.52 ? 433 SER A CA  1 
ATOM   1300 C  C   . SER A 1 162 ? 21.085  -6.975  16.554  1.00 44.32 ? 433 SER A C   1 
ATOM   1301 O  O   . SER A 1 162 ? 20.137  -7.588  16.057  1.00 39.72 ? 433 SER A O   1 
ATOM   1302 C  CB  . SER A 1 162 ? 21.612  -4.644  15.893  1.00 46.44 ? 433 SER A CB  1 
ATOM   1303 O  OG  . SER A 1 162 ? 22.600  -3.811  15.350  1.00 52.53 ? 433 SER A OG  1 
ATOM   1304 O  OXT . SER A 1 162 ? 21.297  -7.086  17.779  1.00 42.48 ? 433 SER A OXT 1 
HETATM 1305 ZN ZN  . ZN  B 2 .   ? 14.404  3.784   -5.215  1.00 18.64 ? 501 ZN  A ZN  1 
HETATM 1306 ZN ZN  . ZN  C 2 .   ? -4.690  -13.015 -7.831  1.00 28.69 ? 502 ZN  A ZN  1 
HETATM 1307 ZN ZN  . ZN  D 2 .   ? 10.119  6.508   20.950  0.50 21.62 ? 503 ZN  A ZN  1 
HETATM 1308 CL CL  . CL  E 3 .   ? -3.128  -14.044 -8.617  1.00 37.45 ? 504 CL  A CL  1 
HETATM 1309 CL CL  . CL  F 3 .   ? 12.800  3.100   -6.443  1.00 20.57 ? 505 CL  A CL  1 
HETATM 1310 C  C1  . EDO G 4 .   ? 18.503  6.852   -7.789  1.00 52.03 ? 506 EDO A C1  1 
HETATM 1311 O  O1  . EDO G 4 .   ? 17.812  5.911   -8.617  1.00 51.09 ? 506 EDO A O1  1 
HETATM 1312 C  C2  . EDO G 4 .   ? 18.772  6.212   -6.441  1.00 49.61 ? 506 EDO A C2  1 
HETATM 1313 O  O2  . EDO G 4 .   ? 19.067  7.207   -5.453  1.00 54.23 ? 506 EDO A O2  1 
HETATM 1314 C  C1  . EDO H 4 .   ? 14.012  8.099   -10.300 1.00 51.86 ? 507 EDO A C1  1 
HETATM 1315 O  O1  . EDO H 4 .   ? 13.055  9.148   -10.213 1.00 52.58 ? 507 EDO A O1  1 
HETATM 1316 C  C2  . EDO H 4 .   ? 15.358  8.757   -10.083 1.00 52.42 ? 507 EDO A C2  1 
HETATM 1317 O  O2  . EDO H 4 .   ? 15.241  9.514   -8.883  1.00 48.39 ? 507 EDO A O2  1 
HETATM 1318 O  O1  . MES I 5 .   ? -15.891 9.418   -2.041  1.00 94.82 ? 508 MES A O1  1 
HETATM 1319 C  C2  . MES I 5 .   ? -15.047 8.366   -2.485  1.00 93.08 ? 508 MES A C2  1 
HETATM 1320 C  C3  . MES I 5 .   ? -15.860 7.110   -2.836  1.00 90.25 ? 508 MES A C3  1 
HETATM 1321 N  N4  . MES I 5 .   ? -17.322 7.336   -2.926  1.00 85.96 ? 508 MES A N4  1 
HETATM 1322 C  C5  . MES I 5 .   ? -17.561 8.601   -3.671  1.00 89.09 ? 508 MES A C5  1 
HETATM 1323 C  C6  . MES I 5 .   ? -16.835 9.802   -3.050  1.00 96.29 ? 508 MES A C6  1 
HETATM 1324 C  C7  . MES I 5 .   ? -17.940 6.113   -3.524  1.00 81.62 ? 508 MES A C7  1 
HETATM 1325 C  C8  . MES I 5 .   ? -19.105 6.375   -4.485  1.00 83.91 ? 508 MES A C8  1 
HETATM 1326 S  S   . MES I 5 .   ? -19.568 5.017   -5.338  1.00 81.11 ? 508 MES A S   1 
HETATM 1327 O  O1S . MES I 5 .   ? -18.466 4.079   -5.555  1.00 83.05 ? 508 MES A O1S 1 
HETATM 1328 O  O2S . MES I 5 .   ? -20.598 4.315   -4.535  1.00 87.38 ? 508 MES A O2S 1 
HETATM 1329 O  O3S . MES I 5 .   ? -20.068 5.447   -6.663  1.00 75.46 ? 508 MES A O3S 1 
HETATM 1330 O  O   . HOH J 6 .   ? -0.578  11.770  6.953   1.00 42.20 ? 601 HOH A O   1 
HETATM 1331 O  O   . HOH J 6 .   ? 10.618  9.202   -9.967  1.00 44.90 ? 602 HOH A O   1 
HETATM 1332 O  O   . HOH J 6 .   ? 16.965  11.206  -8.400  1.00 41.20 ? 603 HOH A O   1 
HETATM 1333 O  O   . HOH J 6 .   ? 4.270   12.093  5.890   1.00 23.14 ? 604 HOH A O   1 
HETATM 1334 O  O   . HOH J 6 .   ? -4.627  0.211   -17.895 1.00 39.32 ? 605 HOH A O   1 
HETATM 1335 O  O   . HOH J 6 .   ? -11.873 -2.748  9.541   1.00 41.57 ? 606 HOH A O   1 
HETATM 1336 O  O   . HOH J 6 .   ? 11.661  10.194  13.785  1.00 17.29 ? 607 HOH A O   1 
HETATM 1337 O  O   . HOH J 6 .   ? 25.813  -5.354  15.437  1.00 24.11 ? 608 HOH A O   1 
HETATM 1338 O  O   . HOH J 6 .   ? 20.637  -14.444 8.446   1.00 19.60 ? 609 HOH A O   1 
HETATM 1339 O  O   . HOH J 6 .   ? 14.593  -14.406 3.366   1.00 31.49 ? 610 HOH A O   1 
HETATM 1340 O  O   . HOH J 6 .   ? 19.348  -9.692  14.381  1.00 51.09 ? 611 HOH A O   1 
HETATM 1341 O  O   . HOH J 6 .   ? -10.359 6.497   -15.957 1.00 34.50 ? 612 HOH A O   1 
HETATM 1342 O  O   . HOH J 6 .   ? 18.488  10.422  0.919   1.00 38.98 ? 613 HOH A O   1 
HETATM 1343 O  O   . HOH J 6 .   ? -19.974 1.570   -3.273  1.00 49.24 ? 614 HOH A O   1 
HETATM 1344 O  O   . HOH J 6 .   ? 8.162   1.465   -11.993 1.00 39.56 ? 615 HOH A O   1 
HETATM 1345 O  O   . HOH J 6 .   ? -7.709  11.912  -13.701 1.00 36.83 ? 616 HOH A O   1 
HETATM 1346 O  O   . HOH J 6 .   ? 17.728  -14.640 11.481  1.00 41.24 ? 617 HOH A O   1 
HETATM 1347 O  O   . HOH J 6 .   ? -20.109 2.844   -1.029  1.00 43.18 ? 618 HOH A O   1 
HETATM 1348 O  O   . HOH J 6 .   ? -1.348  -1.657  10.401  1.00 18.91 ? 619 HOH A O   1 
HETATM 1349 O  O   . HOH J 6 .   ? 11.463  17.382  -3.626  1.00 41.91 ? 620 HOH A O   1 
HETATM 1350 O  O   . HOH J 6 .   ? 7.983   7.944   -1.430  1.00 15.79 ? 621 HOH A O   1 
HETATM 1351 O  O   . HOH J 6 .   ? 6.762   10.091  -10.504 1.00 34.08 ? 622 HOH A O   1 
HETATM 1352 O  O   . HOH J 6 .   ? 2.234   15.354  -4.026  1.00 33.65 ? 623 HOH A O   1 
HETATM 1353 O  O   . HOH J 6 .   ? -21.193 6.578   -13.924 1.00 36.76 ? 624 HOH A O   1 
HETATM 1354 O  O   . HOH J 6 .   ? -1.282  4.876   11.450  1.00 44.30 ? 625 HOH A O   1 
HETATM 1355 O  O   . HOH J 6 .   ? -7.580  13.947  4.773   1.00 39.05 ? 626 HOH A O   1 
HETATM 1356 O  O   . HOH J 6 .   ? -13.584 -5.650  6.221   1.00 41.50 ? 627 HOH A O   1 
HETATM 1357 O  O   . HOH J 6 .   ? 1.653   0.546   -8.198  1.00 22.31 ? 628 HOH A O   1 
HETATM 1358 O  O   . HOH J 6 .   ? 2.700   14.914  -0.150  1.00 39.29 ? 629 HOH A O   1 
HETATM 1359 O  O   . HOH J 6 .   ? -0.939  11.881  -11.427 1.00 25.05 ? 630 HOH A O   1 
HETATM 1360 O  O   . HOH J 6 .   ? -1.041  15.698  -3.921  1.00 29.21 ? 631 HOH A O   1 
HETATM 1361 O  O   . HOH J 6 .   ? 9.399   14.433  -5.216  1.00 24.34 ? 632 HOH A O   1 
HETATM 1362 O  O   . HOH J 6 .   ? -4.854  -15.663 -4.947  1.00 34.71 ? 633 HOH A O   1 
HETATM 1363 O  O   . HOH J 6 .   ? 2.084   13.009  -7.941  1.00 26.18 ? 634 HOH A O   1 
HETATM 1364 O  O   . HOH J 6 .   ? -3.790  -8.960  -12.584 1.00 43.74 ? 635 HOH A O   1 
HETATM 1365 O  O   . HOH J 6 .   ? 16.820  5.680   -1.915  1.00 34.72 ? 636 HOH A O   1 
HETATM 1366 O  O   . HOH J 6 .   ? -3.027  2.882   11.405  1.00 45.59 ? 637 HOH A O   1 
HETATM 1367 O  O   . HOH J 6 .   ? -15.904 6.958   -10.484 1.00 29.48 ? 638 HOH A O   1 
HETATM 1368 O  O   . HOH J 6 .   ? -5.578  -15.761 -2.000  1.00 39.21 ? 639 HOH A O   1 
HETATM 1369 O  O   . HOH J 6 .   ? -9.806  11.568  7.515   1.00 48.72 ? 640 HOH A O   1 
HETATM 1370 O  O   . HOH J 6 .   ? -0.485  -10.957 -5.021  1.00 22.08 ? 641 HOH A O   1 
HETATM 1371 O  O   . HOH J 6 .   ? 13.060  -14.414 -2.092  1.00 52.64 ? 642 HOH A O   1 
HETATM 1372 O  O   . HOH J 6 .   ? 14.311  16.399  1.518   1.00 37.26 ? 643 HOH A O   1 
HETATM 1373 O  O   . HOH J 6 .   ? 8.080   11.296  8.172   1.00 18.24 ? 644 HOH A O   1 
HETATM 1374 O  O   . HOH J 6 .   ? -10.789 12.866  -10.658 1.00 36.04 ? 645 HOH A O   1 
HETATM 1375 O  O   . HOH J 6 .   ? -7.540  -11.240 -3.002  1.00 32.87 ? 646 HOH A O   1 
HETATM 1376 O  O   . HOH J 6 .   ? -6.543  -3.290  11.913  1.00 33.40 ? 647 HOH A O   1 
HETATM 1377 O  O   . HOH J 6 .   ? -10.881 14.299  -4.973  1.00 42.18 ? 648 HOH A O   1 
HETATM 1378 O  O   . HOH J 6 .   ? -13.239 13.759  0.154   1.00 41.95 ? 649 HOH A O   1 
HETATM 1379 O  O   . HOH J 6 .   ? 13.018  -10.863 9.691   1.00 35.74 ? 650 HOH A O   1 
HETATM 1380 O  O   . HOH J 6 .   ? -12.799 -5.202  -5.882  1.00 27.06 ? 651 HOH A O   1 
HETATM 1381 O  O   . HOH J 6 .   ? -9.565  -9.350  4.371   1.00 34.70 ? 652 HOH A O   1 
HETATM 1382 O  O   . HOH J 6 .   ? -2.101  7.598   -13.889 1.00 34.46 ? 653 HOH A O   1 
HETATM 1383 O  O   . HOH J 6 .   ? -6.360  -0.652  -11.215 1.00 21.83 ? 654 HOH A O   1 
HETATM 1384 O  O   . HOH J 6 .   ? 4.344   10.340  9.641   1.00 38.02 ? 655 HOH A O   1 
HETATM 1385 O  O   . HOH J 6 .   ? -17.414 -3.954  4.053   1.00 48.88 ? 656 HOH A O   1 
HETATM 1386 O  O   . HOH J 6 .   ? -14.297 4.457   -3.407  1.00 31.45 ? 657 HOH A O   1 
HETATM 1387 O  O   . HOH J 6 .   ? -0.863  -2.415  -15.923 1.00 32.41 ? 658 HOH A O   1 
HETATM 1388 O  O   . HOH J 6 .   ? 10.573  15.780  -1.717  1.00 27.59 ? 659 HOH A O   1 
HETATM 1389 O  O   . HOH J 6 .   ? -11.425 -6.156  -2.168  1.00 30.38 ? 660 HOH A O   1 
HETATM 1390 O  O   . HOH J 6 .   ? -12.777 -3.933  -8.561  1.00 25.52 ? 661 HOH A O   1 
HETATM 1391 O  O   . HOH J 6 .   ? -15.531 -4.802  -6.342  1.00 26.87 ? 662 HOH A O   1 
HETATM 1392 O  O   . HOH J 6 .   ? -15.276 1.750   4.719   1.00 28.81 ? 663 HOH A O   1 
HETATM 1393 O  O   . HOH J 6 .   ? -5.722  8.262   11.915  1.00 46.56 ? 664 HOH A O   1 
HETATM 1394 O  O   . HOH J 6 .   ? 6.846   4.930   -10.843 1.00 23.14 ? 665 HOH A O   1 
HETATM 1395 O  O   . HOH J 6 .   ? 19.031  8.410   -1.802  1.00 33.63 ? 666 HOH A O   1 
HETATM 1396 O  O   . HOH J 6 .   ? -9.258  -7.693  0.447   1.00 38.23 ? 667 HOH A O   1 
HETATM 1397 O  O   . HOH J 6 .   ? -17.318 2.560   -14.653 1.00 30.20 ? 668 HOH A O   1 
HETATM 1398 O  O   . HOH J 6 .   ? 9.239   -1.121  -11.954 1.00 27.80 ? 669 HOH A O   1 
HETATM 1399 O  O   . HOH J 6 .   ? 12.243  -8.837  12.679  1.00 31.07 ? 670 HOH A O   1 
HETATM 1400 O  O   . HOH J 6 .   ? 0.011   -12.687 -0.961  1.00 30.53 ? 671 HOH A O   1 
HETATM 1401 O  O   . HOH J 6 .   ? -5.035  2.556   -7.262  1.00 19.75 ? 672 HOH A O   1 
HETATM 1402 O  O   . HOH J 6 .   ? -6.840  -12.321 8.617   1.00 34.15 ? 673 HOH A O   1 
HETATM 1403 O  O   . HOH J 6 .   ? -22.144 -5.618  -8.464  1.00 50.71 ? 674 HOH A O   1 
HETATM 1404 O  O   . HOH J 6 .   ? -5.655  -13.798 7.150   1.00 40.09 ? 675 HOH A O   1 
HETATM 1405 O  O   . HOH J 6 .   ? 16.602  -10.059 12.827  1.00 34.22 ? 676 HOH A O   1 
HETATM 1406 O  O   . HOH J 6 .   ? -12.393 6.421   9.522   1.00 27.22 ? 677 HOH A O   1 
HETATM 1407 O  O   . HOH J 6 .   ? -0.221  9.820   -13.048 1.00 36.48 ? 678 HOH A O   1 
HETATM 1408 O  O   . HOH J 6 .   ? 25.337  -5.508  11.278  1.00 29.91 ? 679 HOH A O   1 
HETATM 1409 O  O   . HOH J 6 .   ? -15.767 5.117   -13.447 1.00 30.91 ? 680 HOH A O   1 
HETATM 1410 O  O   . HOH J 6 .   ? -12.915 9.329   0.144   1.00 35.54 ? 681 HOH A O   1 
HETATM 1411 O  O   . HOH J 6 .   ? 5.528   0.151   -13.785 1.00 48.26 ? 682 HOH A O   1 
HETATM 1412 O  O   . HOH J 6 .   ? 3.876   -8.866  16.326  1.00 49.50 ? 683 HOH A O   1 
HETATM 1413 O  O   . HOH J 6 .   ? 9.612   2.012   -9.441  1.00 35.38 ? 684 HOH A O   1 
HETATM 1414 O  O   . HOH J 6 .   ? 7.706   -3.212  -13.043 1.00 42.50 ? 685 HOH A O   1 
HETATM 1415 O  O   . HOH J 6 .   ? 12.329  3.334   11.639  1.00 22.28 ? 686 HOH A O   1 
HETATM 1416 O  O   . HOH J 6 .   ? 7.767   -10.309 6.739   1.00 47.60 ? 687 HOH A O   1 
HETATM 1417 O  O   . HOH J 6 .   ? 3.204   -3.164  -14.175 1.00 32.45 ? 688 HOH A O   1 
HETATM 1418 O  O   . HOH J 6 .   ? -4.840  16.633  -0.888  1.00 26.38 ? 689 HOH A O   1 
HETATM 1419 O  O   . HOH J 6 .   ? 2.706   -11.780 7.735   1.00 47.14 ? 690 HOH A O   1 
HETATM 1420 O  O   . HOH J 6 .   ? -3.564  -6.635  -14.433 1.00 33.89 ? 691 HOH A O   1 
HETATM 1421 O  O   . HOH J 6 .   ? 11.262  -14.439 3.189   1.00 35.78 ? 692 HOH A O   1 
HETATM 1422 O  O   . HOH J 6 .   ? 2.274   3.577   -14.012 1.00 32.47 ? 693 HOH A O   1 
HETATM 1423 O  O   . HOH J 6 .   ? -13.015 6.750   -3.796  1.00 34.75 ? 694 HOH A O   1 
HETATM 1424 O  O   . HOH J 6 .   ? -4.400  15.238  -6.098  1.00 33.08 ? 695 HOH A O   1 
HETATM 1425 O  O   . HOH J 6 .   ? -6.314  9.169   -15.303 1.00 43.76 ? 696 HOH A O   1 
HETATM 1426 O  O   . HOH J 6 .   ? -4.136  0.749   -13.934 1.00 21.09 ? 697 HOH A O   1 
HETATM 1427 O  O   . HOH J 6 .   ? 9.993   10.760  -7.890  1.00 19.30 ? 698 HOH A O   1 
HETATM 1428 O  O   . HOH J 6 .   ? -5.798  13.934  -7.848  1.00 24.84 ? 699 HOH A O   1 
HETATM 1429 O  O   . HOH J 6 .   ? 11.856  9.750   11.193  1.00 26.20 ? 700 HOH A O   1 
HETATM 1430 O  O   . HOH J 6 .   ? -1.796  -2.956  12.750  1.00 31.43 ? 701 HOH A O   1 
HETATM 1431 O  O   . HOH J 6 .   ? 14.367  12.539  -7.611  1.00 27.41 ? 702 HOH A O   1 
HETATM 1432 O  O   . HOH J 6 .   ? -8.262  0.968   -19.346 1.00 43.87 ? 703 HOH A O   1 
HETATM 1433 O  O   . HOH J 6 .   ? 4.629   -11.061 5.806   1.00 50.22 ? 704 HOH A O   1 
HETATM 1434 O  O   . HOH J 6 .   ? -7.680  1.153   10.429  1.00 25.39 ? 705 HOH A O   1 
HETATM 1435 O  O   . HOH J 6 .   ? 14.649  6.976   1.790   1.00 22.31 ? 706 HOH A O   1 
HETATM 1436 O  O   . HOH J 6 .   ? 10.356  -7.944  -6.727  1.00 41.84 ? 707 HOH A O   1 
HETATM 1437 O  O   . HOH J 6 .   ? -8.817  -7.962  -9.982  1.00 30.04 ? 708 HOH A O   1 
HETATM 1438 O  O   . HOH J 6 .   ? 2.627   8.892   12.393  1.00 29.18 ? 709 HOH A O   1 
HETATM 1439 O  O   . HOH J 6 .   ? 7.260   15.194  -3.718  1.00 45.63 ? 710 HOH A O   1 
HETATM 1440 O  O   . HOH J 6 .   ? -2.657  0.026   -16.021 1.00 29.18 ? 711 HOH A O   1 
HETATM 1441 O  O   . HOH J 6 .   ? 4.759   2.645   -13.123 1.00 29.76 ? 712 HOH A O   1 
HETATM 1442 O  O   . HOH J 6 .   ? -8.575  -1.381  10.379  1.00 34.79 ? 713 HOH A O   1 
HETATM 1443 O  O   . HOH J 6 .   ? 3.862   7.499   14.705  1.00 31.10 ? 714 HOH A O   1 
HETATM 1444 O  O   . HOH J 6 .   ? -18.138 4.893   -14.724 1.00 31.65 ? 715 HOH A O   1 
HETATM 1445 O  O   . HOH J 6 .   ? 1.489   13.607  4.737   1.00 48.96 ? 716 HOH A O   1 
HETATM 1446 O  O   . HOH J 6 .   ? 10.774  16.431  -6.333  1.00 42.38 ? 717 HOH A O   1 
HETATM 1447 O  O   . HOH J 6 .   ? 11.576  4.935   21.714  1.00 32.89 ? 718 HOH A O   1 
HETATM 1448 O  O   . HOH J 6 .   ? 12.559  11.025  -6.415  1.00 35.90 ? 719 HOH A O   1 
HETATM 1449 O  O   . HOH J 6 .   ? 3.726   -3.289  17.706  1.00 47.49 ? 720 HOH A O   1 
HETATM 1450 O  O   . HOH J 6 .   ? 6.193   -9.653  15.860  1.00 50.46 ? 721 HOH A O   1 
HETATM 1451 O  O   . HOH J 6 .   ? -0.595  1.763   -16.652 1.00 39.52 ? 722 HOH A O   1 
HETATM 1452 O  O   . HOH J 6 .   ? 13.459  10.532  7.837   1.00 36.85 ? 723 HOH A O   1 
HETATM 1453 O  O   . HOH J 6 .   ? 11.989  16.150  -9.405  1.00 49.35 ? 724 HOH A O   1 
HETATM 1454 O  O   . HOH J 6 .   ? 6.399   11.919  -13.472 1.00 49.29 ? 725 HOH A O   1 
HETATM 1455 O  O   . HOH J 6 .   ? -9.620  2.887   9.337   1.00 36.90 ? 726 HOH A O   1 
HETATM 1456 O  O   . HOH J 6 .   ? 8.868   -13.680 1.988   1.00 45.64 ? 727 HOH A O   1 
HETATM 1457 O  O   . HOH J 6 .   ? -9.551  -6.706  11.221  1.00 50.41 ? 728 HOH A O   1 
HETATM 1458 O  O   . HOH J 6 .   ? 3.535   13.943  -5.459  1.00 34.47 ? 729 HOH A O   1 
HETATM 1459 O  O   . HOH J 6 .   ? -8.145  -5.322  12.875  1.00 42.35 ? 730 HOH A O   1 
HETATM 1460 O  O   . HOH J 6 .   ? 13.104  7.499   10.381  1.00 31.12 ? 731 HOH A O   1 
HETATM 1461 O  O   . HOH J 6 .   ? -4.933  14.716  -10.418 1.00 41.08 ? 732 HOH A O   1 
HETATM 1462 O  O   . HOH J 6 .   ? -0.176  6.405   -15.287 1.00 41.05 ? 733 HOH A O   1 
HETATM 1463 O  O   . HOH J 6 .   ? 8.241   -8.725  -8.250  1.00 43.56 ? 734 HOH A O   1 
HETATM 1464 O  O   . HOH J 6 .   ? 6.980   12.857  -10.093 1.00 39.04 ? 735 HOH A O   1 
HETATM 1465 O  O   . HOH J 6 .   ? 2.004   1.542   -16.022 1.00 38.27 ? 736 HOH A O   1 
HETATM 1466 O  O   . HOH J 6 .   ? 5.669   15.637  -6.023  1.00 42.43 ? 737 HOH A O   1 
HETATM 1467 O  O   . HOH J 6 .   ? 1.180   15.692  -8.551  1.00 44.92 ? 738 HOH A O   1 
# 
